data_6SWY
#
_entry.id   6SWY
#
_cell.length_a   1.00
_cell.length_b   1.00
_cell.length_c   1.00
_cell.angle_alpha   90.00
_cell.angle_beta   90.00
_cell.angle_gamma   90.00
#
_symmetry.space_group_name_H-M   'P 1'
#
loop_
_entity.id
_entity.type
_entity.pdbx_description
1 polymer 'Vacuolar import and degradation protein 28'
2 polymer 'Glucose-induced degradation protein 8'
3 polymer 'Vacuolar import and degradation protein 30,Vacuolar import and degradation protein 30,Vacuolar import and degradation protein 30,Vacuolar import and degradation protein 30,Vacuolar import and degradation protein 30,Vacuolar import and degradation protein 30,Vacuolar import and degradation protein 30,Vacuolar import and degradation protein 30,Vacuolar import and degradation protein 30,Vacuolar import and degradation protein 30,Vacuolar import and degradation protein 30,Vacuolar import and degradation protein 30,Vacuolar import and degradation protein 30,Vacuolar import and degradation protein 30,Vacuolar import and degradation protein 30,Vacuolar import and degradation protein 30'
4 polymer 'Vacuolar import and degradation protein 24'
5 polymer 'Protein FYV10,Protein FYV10,Protein FYV10,Protein FYV10,Protein FYV10,Protein FYV10,Protein FYV10'
#
loop_
_entity_poly.entity_id
_entity_poly.type
_entity_poly.pdbx_seq_one_letter_code
_entity_poly.pdbx_strand_id
1 'polypeptide(L)'
;MTVAYSLENLKKISNSLVGDQLAKVDYFLAPKCQIFQCLLSIEQSDGVELKNAKLDLLYTLLHLEPQQRDIVGTYYFDIV
SAIYKSMSLASSFTKNNSSTNYKYIKLLNLCAGVYPNCGFPDLQYLQNGFIQLVNHKFLRSKCKIDEVVTIIELLKLFLL
VDEKNCSDFNKSKFMEEEREVTETSHYQDFKMAESLEHIIVKISSKYLDQISLKYIVRLKVSRPASPSSVKNDPFDNKGV
DCTRAIPKKINISNMYDSSLLSLALLLYLRYHYMIPGDRKLRNDATFKMFVLGLLKSNDVNIRCVALKFLLQPYFTEDKK
WEDTRTLEKILPYLVKSFNYDPLPWWFDPFDMLDSLIVLYNEITPMNNPVLTTLAHTNVIFCILSRFAQCLSLPQHNEAT
LKTTTKFIKICASFAASDEKYRLLLLNDTLLLNHLEYGLESHITLIQDFISLKDEIKETTTESHSMCLPPIYDHDFVAAW
LLLLKSFSRSVSALRTTLKRNKIAQLLLQILSKTYTLTKECYFAGQDFMKPEIMIMGITLGSICNFVVEFSNLQSFMLRN
GIIDIIEKMLTDPLFNSKKAWDDNEDERRIALQGIPVHEVKANSLWVLRHLMYNCQNEEKFQLLAKIPMNLILDFINDPC
WAVQAQCFQLLRNLTCNSRKIVNILLEKFKDVEYKIDPQTGNKISIGSTYLFEFLAKKMRLLNPLDTQQKKAMEGILYII
VNLAAVNENKKQLVIEQDEILNIMSEILVETTTDSSSYGNDSNLKLACLWVLNNLLWNSSVSHYTQYAIENGLEPGHSPS
DSENPQSTVTIGYNESVAGGYSRGKYYDEPDGDDSSSNANDDEDDDNDEGDDEGDEFVRTPAAKGSTSNVQVTRATVERC
RKLVEVGLYDLVRKNITDESLSVREKARTLLYHMDLLLKVK
;
5
2 'polypeptide(L)'
;MTISTLSNETTKSGSCSGQGKNGGKDFTYGKKCFTKEEWKEQVAKYSAMGELYANKTIHYPLKIQPNSSGGSQDEGFATI
QTTPIEPTLPRLLLNYFVSMAYEDSSIRMAKELGFIRNNKDIAVFNDLYKIKERFHIKHLIKLGRINEAMEEINSIFGLE
VLEETFNATGSYTGRTDRQQQQQQQQFDIDGDLHFKLLLLNLIEMIRSHHQQENITKDSNDFILNLIQYSQNKLAIKASS
SVKKMQELELAMTLLLFPLSDSADSGSIKLPKSLQNLYSISLRSKIADLVNEKLLKFIHPRIQFEISNNNSKFPDLLNSD
KKIITQNFTVYNNNLVNGSNGTKITHISSDQPINEKMSSNEVTAAANSVWLNQRDGNVGTGSAATTFHNLENKNYWNQTS
ELLSSSNGKEKGLEFNNYYSSEFPYEPRLTQIMKLWCWCENQLHHNQIGVPRVEN
;
8
3 'polypeptide(L)'
;MSEYMDDVDREFINCLFPSYLLQQPVAYDLWILYLQHRKLFHKLKNTNLINADENPTGVGMGRTKLTALTRKEIWSKLMN
LGVLGTISFEAVNDDYLIQVYKYFYPDVNDFTLRFGVKDSNKNSVRVMKASSDMRKNAQELLEPVLSEREMALNSNTSLE
NDRNDDDDDDDDDDDDDDDDDDDDDESDLESLEGEVDTDTDDNNEGDGSDNHEEGGEEGSRGADADVSSAQQRAERVADP
WIYQRSRSAINIETESRNLWDTSDKNSGLQYYPPDQSPSSSFSSPRVSSGNDKNDNEATNVLSNSGSKKKNSMIPDIYKI
LGYFLPSRWQAQPNNSLQLSQDGITHLQPNPDYHSYMTYERSSASSASTRNRLRTSFENSGKVDFAVTWANKSLPDNKLT
IFYYEIKVLSVTSTESAENSNIVIGYKLVENELMEATTKKSVSRSSVAGSSSSLGGSNNMSSNRVPSTSFTMEGTQRRDY
IYEGGVSAMSLNVDGSINKCQKYGFDLNVFGYCGFDGLITNSTEQSKEYAKPFGRDDVIGCGINFIDGSIFFTKNGIHLG
NAFTDLNDLEFVPYVALRPGNSIKTNFGLNEDFVFDIIGYQDKWKSLAYEHICRGRQMDVSIEEFDSDESEEDETENGPE
ENKSTNVNEDLMDIDQEDGAAGNKDTKKLNDEKDNNLKFLLGEDNRFIDGKLVRPDVNNINNLSVDDGSLPNTLNVMIND
YLIHEGLVDVAKGFLKDLQKDAVNVNGQHSESKDVIRHNERQIMKEERMVKIRQELRYLINKGQISKCINYIDNEIPDLL
KNNLELVFELKLANYLVMIKKSSSKDDDEIENLILKGQELSNEFIYDTKIPQSLRDRFSGQLSNVSALLAYSNPLVEAPK
EISGYLSDEYLQERLFQVSNNTILTFLHKDSECALENVISNTRAMLSTLLEYNAFGSTNSSDPRYYKAINFDEDVLNL
(UNK)(UNK)(UNK)(UNK)(UNK)(UNK)(UNK)(UNK)(UNK)(UNK)(UNK)(UNK)(UNK)(UNK)(UNK)(UNK)
(UNK)(UNK)(UNK)(UNK)(UNK)(UNK)(UNK)(UNK)(UNK)(UNK)(UNK)(UNK)(UNK)(UNK)(UNK)(UNK)
(UNK)(UNK)(UNK)(UNK)(UNK)(UNK)(UNK)(UNK)(UNK)(UNK)(UNK)(UNK)(UNK)(UNK)(UNK)(UNK)
(UNK)(UNK)(UNK)(UNK)(UNK)(UNK)(UNK)(UNK)(UNK)(UNK)(UNK)(UNK)(UNK)(UNK)(UNK)(UNK)
(UNK)(UNK)(UNK)(UNK)(UNK)(UNK)(UNK)(UNK)(UNK)(UNK)(UNK)(UNK)(UNK)(UNK)(UNK)(UNK)
(UNK)(UNK)(UNK)(UNK)(UNK)(UNK)(UNK)(UNK)(UNK)(UNK)(UNK)(UNK)(UNK)(UNK)(UNK)(UNK)
(UNK)(UNK)(UNK)(UNK)(UNK)(UNK)(UNK)(UNK)(UNK)(UNK)
;
1
4 'polypeptide(L)'
;MINNPKVDSVAEKPKAVTSKQSEQAASPEPTPAPPVSRNQYPITFNLTSTAPFHLHDRHRYLQEQDLYKCASRDSLSSLQ
QLAHTPNGSTRKKYIVEDQSPYSSENPVIVTSSYNHTVCTNYLRPRMQFTGYQISGYKRYQVTVNLKTVDLPKKDCTSLS
PHLSGFLSIRGLTNQHPEISTYFEAYAVNHKELGFLSSSWKDEPVLNEFKATDQTDLEHWINFPSFRQLFLMSQKNGLNS
TDDNGTTNAAKKLPPQQLPTTPSADAGNISRIFSQEKQFDNYLNERFIFMKWKEKFLVPDALLMEGVDGASYDGFYYIVH
DQVTGNIQGFYYHQDAEKFQQLELVPSLKNKVESSDCSFEFA
;
4
5 'polypeptide(L)'
;MAEKSIFNEPDVDFHLKLNQQLFHIPYELLSKRIKHTQAVINKETKSLHEHTAALNQIFEHNDVEHDELALAKITEMIRK
VDHIERFLNTQIKSYCQILNRIKKRLEFFHELKDIKSQNSGTSHNGNNEGTRTKLIQWYQSYTNILIGDYLTRNNPIKYN
SETKDHWNSGVVFLKQSQLDDLIDYDVLLEANRISTSLLHERNLLPLISWINENKKTLTKKSSILEFQARLQEYIELLKV
DNYTDAIVCFQRFLLPFVKSNFTDLKLASGLLIFIKYCNDQKPTSSTSSGFDTEEIKSQSLPMKKDRIFQHFFHKSLPRI
TSKPAVNTTDYDKSSLINLQSGDFERYLNLLDDQRWSVLNDLFLSDFYSMYGISQNDPLLIYLSLGISSLKTRDCLHPSD
DENGNQETETATTAEKEVEDLQLFTLHSLKR(UNK)(UNK)(UNK)(UNK)(UNK)(UNK)(UNK)(UNK)(UNK)
(UNK)(UNK)(UNK)(UNK)(UNK)(UNK)(UNK)(UNK)(UNK)(UNK)(UNK)(UNK)(UNK)(UNK)(UNK)(UNK)
(UNK)(UNK)(UNK)(UNK)(UNK)(UNK)(UNK)(UNK)(UNK)(UNK)(UNK)(UNK)(UNK)(UNK)(UNK)(UNK)
(UNK)(UNK)(UNK)(UNK)(UNK)(UNK)(UNK)
;
9
#
# COMPACT_ATOMS: atom_id res chain seq x y z
N ALA A 4 -36.63 -14.34 -27.92
CA ALA A 4 -37.63 -14.17 -26.88
C ALA A 4 -38.18 -15.51 -26.43
N TYR A 5 -37.51 -16.59 -26.84
CA TYR A 5 -37.93 -17.96 -26.57
C TYR A 5 -36.83 -18.88 -27.11
N SER A 6 -37.07 -20.18 -27.02
CA SER A 6 -36.23 -21.13 -27.77
C SER A 6 -34.77 -21.12 -27.33
N LEU A 7 -34.45 -21.82 -26.25
CA LEU A 7 -33.11 -21.92 -25.68
C LEU A 7 -31.98 -21.85 -26.72
N GLU A 8 -32.14 -22.54 -27.85
CA GLU A 8 -31.17 -22.40 -28.93
C GLU A 8 -31.09 -20.95 -29.42
N ASN A 9 -32.23 -20.30 -29.60
CA ASN A 9 -32.21 -18.89 -29.98
C ASN A 9 -31.65 -18.02 -28.88
N LEU A 10 -31.90 -18.37 -27.61
CA LEU A 10 -31.30 -17.62 -26.51
C LEU A 10 -29.78 -17.67 -26.58
N LYS A 11 -29.23 -18.85 -26.85
CA LYS A 11 -27.78 -18.98 -26.97
C LYS A 11 -27.25 -18.23 -28.20
N LYS A 12 -28.01 -18.24 -29.30
CA LYS A 12 -27.62 -17.47 -30.48
C LYS A 12 -27.55 -15.97 -30.16
N ILE A 13 -28.55 -15.47 -29.43
CA ILE A 13 -28.57 -14.06 -29.06
C ILE A 13 -27.39 -13.75 -28.14
N SER A 14 -27.09 -14.64 -27.21
CA SER A 14 -25.94 -14.42 -26.33
C SER A 14 -24.65 -14.32 -27.13
N ASN A 15 -24.42 -15.28 -28.04
CA ASN A 15 -23.21 -15.25 -28.87
C ASN A 15 -23.15 -13.98 -29.70
N SER A 16 -24.28 -13.52 -30.23
CA SER A 16 -24.29 -12.27 -30.98
C SER A 16 -23.96 -11.07 -30.11
N LEU A 17 -24.46 -11.05 -28.88
CA LEU A 17 -24.37 -9.87 -28.01
C LEU A 17 -23.04 -9.74 -27.30
N VAL A 18 -22.30 -10.81 -27.09
CA VAL A 18 -21.06 -10.73 -26.30
C VAL A 18 -20.14 -9.67 -26.88
N GLY A 19 -19.87 -8.62 -26.09
CA GLY A 19 -18.93 -7.59 -26.47
C GLY A 19 -19.46 -6.49 -27.36
N ASP A 20 -20.75 -6.51 -27.69
CA ASP A 20 -21.32 -5.55 -28.65
C ASP A 20 -22.23 -4.58 -27.92
N GLN A 21 -21.66 -3.44 -27.50
CA GLN A 21 -22.41 -2.45 -26.76
C GLN A 21 -23.55 -1.85 -27.57
N LEU A 22 -23.32 -1.62 -28.87
CA LEU A 22 -24.36 -1.07 -29.72
C LEU A 22 -25.56 -1.99 -29.79
N ALA A 23 -25.32 -3.29 -30.00
CA ALA A 23 -26.42 -4.24 -30.04
C ALA A 23 -27.11 -4.36 -28.69
N LYS A 24 -26.33 -4.38 -27.60
CA LYS A 24 -26.92 -4.42 -26.27
C LYS A 24 -27.88 -3.25 -26.06
N VAL A 25 -27.44 -2.05 -26.46
CA VAL A 25 -28.31 -0.88 -26.35
C VAL A 25 -29.52 -1.01 -27.26
N ASP A 26 -29.34 -1.60 -28.43
CA ASP A 26 -30.46 -1.79 -29.36
C ASP A 26 -31.52 -2.72 -28.77
N TYR A 27 -31.14 -3.65 -27.91
CA TYR A 27 -32.20 -4.48 -27.31
C TYR A 27 -33.01 -3.74 -26.24
N PHE A 28 -32.85 -2.45 -26.01
CA PHE A 28 -33.62 -1.72 -25.01
C PHE A 28 -34.66 -0.79 -25.63
N LEU A 29 -34.95 -0.95 -26.92
CA LEU A 29 -35.85 -0.05 -27.62
C LEU A 29 -37.09 -0.81 -28.11
N ALA A 30 -38.08 -0.03 -28.53
CA ALA A 30 -39.51 -0.39 -28.66
C ALA A 30 -39.79 -1.83 -29.09
N PRO A 31 -39.29 -2.32 -30.23
CA PRO A 31 -39.77 -3.62 -30.71
C PRO A 31 -39.16 -4.82 -30.00
N LYS A 32 -37.93 -4.70 -29.49
CA LYS A 32 -37.22 -5.84 -28.91
C LYS A 32 -37.34 -5.93 -27.40
N CYS A 33 -38.09 -5.03 -26.75
CA CYS A 33 -38.23 -5.08 -25.30
C CYS A 33 -39.02 -6.30 -24.83
N GLN A 34 -39.68 -7.01 -25.75
CA GLN A 34 -40.49 -8.16 -25.36
C GLN A 34 -39.66 -9.28 -24.75
N ILE A 35 -38.34 -9.26 -24.96
CA ILE A 35 -37.50 -10.33 -24.44
C ILE A 35 -37.41 -10.27 -22.93
N PHE A 36 -37.63 -9.10 -22.33
CA PHE A 36 -37.47 -8.98 -20.89
C PHE A 36 -38.63 -9.60 -20.13
N GLN A 37 -39.82 -9.64 -20.75
CA GLN A 37 -40.93 -10.34 -20.13
C GLN A 37 -40.68 -11.84 -20.05
N CYS A 38 -39.84 -12.37 -20.92
CA CYS A 38 -39.45 -13.77 -20.85
C CYS A 38 -38.23 -14.00 -19.97
N LEU A 39 -37.30 -13.05 -19.94
CA LEU A 39 -36.12 -13.19 -19.08
C LEU A 39 -36.44 -13.02 -17.61
N LEU A 40 -37.27 -12.05 -17.25
CA LEU A 40 -37.57 -11.78 -15.85
C LEU A 40 -38.58 -12.74 -15.26
N SER A 41 -39.02 -13.76 -16.00
CA SER A 41 -39.99 -14.73 -15.50
C SER A 41 -39.32 -16.10 -15.50
N ILE A 42 -38.64 -16.41 -14.40
CA ILE A 42 -37.97 -17.69 -14.20
C ILE A 42 -38.71 -18.41 -13.08
N GLU A 43 -39.37 -19.51 -13.41
CA GLU A 43 -40.17 -20.27 -12.47
C GLU A 43 -39.66 -21.70 -12.38
N GLN A 44 -40.16 -22.41 -11.36
CA GLN A 44 -39.79 -23.80 -11.16
C GLN A 44 -40.24 -24.65 -12.35
N SER A 45 -39.50 -25.73 -12.57
CA SER A 45 -39.77 -26.71 -13.63
C SER A 45 -39.58 -26.13 -15.03
N ASP A 46 -38.81 -25.04 -15.15
CA ASP A 46 -38.41 -24.57 -16.47
C ASP A 46 -37.35 -25.46 -17.09
N GLY A 47 -36.37 -25.88 -16.29
CA GLY A 47 -35.24 -26.62 -16.79
C GLY A 47 -33.94 -25.92 -16.41
N VAL A 48 -32.94 -26.69 -15.97
CA VAL A 48 -31.69 -26.09 -15.53
C VAL A 48 -31.02 -25.35 -16.68
N GLU A 49 -30.99 -25.97 -17.87
CA GLU A 49 -30.36 -25.33 -19.02
C GLU A 49 -31.08 -24.04 -19.40
N LEU A 50 -32.40 -24.06 -19.40
CA LEU A 50 -33.16 -22.87 -19.76
C LEU A 50 -32.95 -21.75 -18.74
N LYS A 51 -32.97 -22.09 -17.45
CA LYS A 51 -32.73 -21.08 -16.43
C LYS A 51 -31.34 -20.48 -16.57
N ASN A 52 -30.33 -21.32 -16.81
CA ASN A 52 -28.98 -20.81 -16.98
C ASN A 52 -28.87 -19.91 -18.20
N ALA A 53 -29.54 -20.29 -19.30
CA ALA A 53 -29.51 -19.45 -20.49
C ALA A 53 -30.17 -18.10 -20.24
N LYS A 54 -31.30 -18.09 -19.55
CA LYS A 54 -31.96 -16.83 -19.24
C LYS A 54 -31.09 -15.94 -18.36
N LEU A 55 -30.47 -16.52 -17.33
CA LEU A 55 -29.63 -15.73 -16.44
C LEU A 55 -28.39 -15.21 -17.15
N ASP A 56 -27.77 -16.03 -18.01
CA ASP A 56 -26.60 -15.59 -18.77
C ASP A 56 -26.97 -14.46 -19.72
N LEU A 57 -28.09 -14.58 -20.42
CA LEU A 57 -28.50 -13.54 -21.35
C LEU A 57 -28.84 -12.25 -20.61
N LEU A 58 -29.49 -12.37 -19.46
CA LEU A 58 -29.87 -11.17 -18.71
C LEU A 58 -28.63 -10.46 -18.16
N TYR A 59 -27.66 -11.22 -17.65
CA TYR A 59 -26.41 -10.62 -17.20
C TYR A 59 -25.65 -9.97 -18.35
N THR A 60 -25.63 -10.62 -19.52
CA THR A 60 -24.96 -10.02 -20.66
C THR A 60 -25.64 -8.74 -21.09
N LEU A 61 -26.97 -8.72 -21.13
CA LEU A 61 -27.70 -7.54 -21.55
C LEU A 61 -27.48 -6.37 -20.60
N LEU A 62 -27.45 -6.64 -19.29
CA LEU A 62 -27.34 -5.56 -18.32
C LEU A 62 -25.92 -5.04 -18.14
N HIS A 63 -24.96 -5.48 -18.94
CA HIS A 63 -23.55 -5.15 -18.71
C HIS A 63 -23.13 -3.96 -19.58
N LEU A 64 -23.72 -2.81 -19.30
CA LEU A 64 -23.49 -1.59 -20.05
C LEU A 64 -22.56 -0.65 -19.28
N GLU A 65 -21.90 0.24 -20.03
CA GLU A 65 -21.07 1.32 -19.51
C GLU A 65 -21.93 2.53 -19.21
N PRO A 66 -21.45 3.44 -18.34
CA PRO A 66 -22.29 4.60 -17.97
C PRO A 66 -22.72 5.46 -19.15
N GLN A 67 -21.85 5.63 -20.15
CA GLN A 67 -22.23 6.43 -21.31
C GLN A 67 -23.24 5.72 -22.20
N GLN A 68 -23.53 4.45 -21.95
CA GLN A 68 -24.65 3.77 -22.59
C GLN A 68 -25.88 3.69 -21.71
N ARG A 69 -25.70 3.61 -20.39
CA ARG A 69 -26.83 3.71 -19.48
C ARG A 69 -27.49 5.08 -19.59
N ASP A 70 -26.71 6.12 -19.88
CA ASP A 70 -27.30 7.43 -20.11
C ASP A 70 -28.23 7.42 -21.33
N ILE A 71 -27.82 6.73 -22.39
CA ILE A 71 -28.68 6.60 -23.56
C ILE A 71 -29.93 5.80 -23.22
N VAL A 72 -29.77 4.70 -22.49
CA VAL A 72 -30.90 3.82 -22.21
C VAL A 72 -31.94 4.52 -21.35
N GLY A 73 -31.50 5.18 -20.28
CA GLY A 73 -32.43 5.92 -19.44
C GLY A 73 -32.87 5.19 -18.19
N THR A 74 -34.14 5.33 -17.82
CA THR A 74 -34.67 4.72 -16.60
C THR A 74 -35.25 3.33 -16.80
N TYR A 75 -35.37 2.88 -18.05
CA TYR A 75 -35.79 1.50 -18.28
C TYR A 75 -34.77 0.51 -17.74
N TYR A 76 -33.49 0.85 -17.85
CA TYR A 76 -32.42 0.06 -17.25
C TYR A 76 -32.68 -0.17 -15.77
N PHE A 77 -32.99 0.90 -15.05
CA PHE A 77 -33.19 0.79 -13.61
C PHE A 77 -34.53 0.15 -13.28
N ASP A 78 -35.52 0.27 -14.16
CA ASP A 78 -36.75 -0.51 -13.96
C ASP A 78 -36.48 -2.00 -14.07
N ILE A 79 -35.63 -2.41 -15.01
CA ILE A 79 -35.27 -3.83 -15.12
C ILE A 79 -34.50 -4.28 -13.89
N VAL A 80 -33.58 -3.45 -13.40
CA VAL A 80 -32.82 -3.80 -12.20
C VAL A 80 -33.76 -3.97 -11.00
N SER A 81 -34.70 -3.04 -10.83
CA SER A 81 -35.67 -3.15 -9.74
C SER A 81 -36.56 -4.37 -9.90
N ALA A 82 -36.91 -4.72 -11.14
CA ALA A 82 -37.68 -5.94 -11.37
C ALA A 82 -36.88 -7.17 -10.97
N ILE A 83 -35.57 -7.16 -11.20
CA ILE A 83 -34.73 -8.28 -10.77
C ILE A 83 -34.73 -8.38 -9.24
N TYR A 84 -34.61 -7.24 -8.55
CA TYR A 84 -34.70 -7.28 -7.09
C TYR A 84 -36.06 -7.80 -6.60
N LYS A 85 -37.15 -7.33 -7.20
CA LYS A 85 -38.46 -7.56 -6.61
C LYS A 85 -39.14 -8.84 -7.13
N SER A 86 -39.37 -8.92 -8.44
CA SER A 86 -40.24 -9.94 -9.00
C SER A 86 -39.50 -11.22 -9.38
N MET A 87 -38.39 -11.54 -8.73
CA MET A 87 -37.70 -12.79 -8.93
C MET A 87 -37.69 -13.58 -7.62
N SER A 88 -37.71 -14.91 -7.74
CA SER A 88 -37.89 -15.77 -6.57
C SER A 88 -36.88 -16.90 -6.54
N LEU A 89 -35.63 -16.64 -6.95
CA LEU A 89 -34.61 -17.66 -6.85
C LEU A 89 -33.92 -17.67 -5.49
N ALA A 90 -34.06 -16.61 -4.71
CA ALA A 90 -33.49 -16.59 -3.37
C ALA A 90 -34.31 -17.42 -2.39
N SER A 91 -35.61 -17.52 -2.60
CA SER A 91 -36.46 -18.31 -1.71
C SER A 91 -36.13 -19.78 -1.79
N SER A 92 -35.76 -20.26 -2.98
CA SER A 92 -35.39 -21.65 -3.20
C SER A 92 -33.89 -21.83 -3.32
N PHE A 93 -33.12 -21.09 -2.52
CA PHE A 93 -31.66 -21.18 -2.60
C PHE A 93 -31.18 -22.58 -2.25
N THR A 94 -31.82 -23.21 -1.27
CA THR A 94 -31.40 -24.54 -0.84
C THR A 94 -31.89 -25.65 -1.76
N LYS A 95 -32.72 -25.34 -2.74
CA LYS A 95 -33.21 -26.34 -3.68
C LYS A 95 -32.79 -26.11 -5.12
N ASN A 96 -32.20 -24.95 -5.43
CA ASN A 96 -31.71 -24.69 -6.77
C ASN A 96 -30.52 -25.58 -7.09
N ASN A 97 -30.09 -25.54 -8.34
CA ASN A 97 -28.86 -26.19 -8.73
C ASN A 97 -27.68 -25.26 -8.46
N SER A 98 -26.48 -25.84 -8.39
CA SER A 98 -25.29 -25.07 -8.04
C SER A 98 -24.99 -24.00 -9.09
N SER A 99 -25.08 -24.37 -10.37
CA SER A 99 -24.80 -23.40 -11.42
C SER A 99 -25.85 -22.29 -11.45
N THR A 100 -27.11 -22.65 -11.23
CA THR A 100 -28.16 -21.63 -11.15
C THR A 100 -27.88 -20.66 -10.01
N ASN A 101 -27.49 -21.18 -8.85
CA ASN A 101 -27.16 -20.33 -7.72
C ASN A 101 -25.98 -19.41 -8.04
N TYR A 102 -24.95 -19.95 -8.68
CA TYR A 102 -23.78 -19.15 -8.99
C TYR A 102 -24.11 -18.00 -9.94
N LYS A 103 -24.85 -18.31 -11.01
CA LYS A 103 -25.22 -17.27 -11.96
C LYS A 103 -26.14 -16.23 -11.32
N TYR A 104 -27.06 -16.68 -10.46
CA TYR A 104 -27.95 -15.75 -9.78
C TYR A 104 -27.18 -14.79 -8.89
N ILE A 105 -26.22 -15.31 -8.11
CA ILE A 105 -25.46 -14.44 -7.22
C ILE A 105 -24.55 -13.49 -8.01
N LYS A 106 -24.01 -13.95 -9.13
CA LYS A 106 -23.23 -13.05 -9.98
C LYS A 106 -24.08 -11.90 -10.51
N LEU A 107 -25.31 -12.21 -10.95
CA LEU A 107 -26.22 -11.16 -11.39
C LEU A 107 -26.58 -10.21 -10.25
N LEU A 108 -26.75 -10.76 -9.05
CA LEU A 108 -27.05 -9.92 -7.88
C LEU A 108 -25.91 -8.98 -7.57
N ASN A 109 -24.66 -9.44 -7.70
CA ASN A 109 -23.52 -8.55 -7.51
C ASN A 109 -23.51 -7.44 -8.55
N LEU A 110 -23.81 -7.78 -9.81
CA LEU A 110 -23.89 -6.73 -10.83
C LEU A 110 -24.96 -5.71 -10.49
N CYS A 111 -26.13 -6.17 -10.04
CA CYS A 111 -27.23 -5.27 -9.70
C CYS A 111 -26.84 -4.37 -8.52
N ALA A 112 -26.25 -4.96 -7.48
CA ALA A 112 -25.82 -4.19 -6.32
C ALA A 112 -24.72 -3.21 -6.65
N GLY A 113 -23.94 -3.47 -7.69
CA GLY A 113 -22.93 -2.53 -8.09
C GLY A 113 -23.47 -1.39 -8.91
N VAL A 114 -24.49 -1.65 -9.73
CA VAL A 114 -25.00 -0.62 -10.63
C VAL A 114 -26.10 0.23 -10.00
N TYR A 115 -26.84 -0.29 -9.03
CA TYR A 115 -27.98 0.43 -8.44
C TYR A 115 -28.08 0.06 -6.97
N PRO A 116 -27.28 0.71 -6.11
CA PRO A 116 -27.20 0.29 -4.71
C PRO A 116 -28.29 0.82 -3.78
N ASN A 117 -29.15 1.74 -4.25
CA ASN A 117 -30.17 2.30 -3.37
C ASN A 117 -31.46 1.50 -3.35
N CYS A 118 -31.71 0.69 -4.37
CA CYS A 118 -32.94 -0.10 -4.41
C CYS A 118 -32.93 -1.12 -3.28
N GLY A 119 -34.06 -1.23 -2.59
CA GLY A 119 -34.14 -2.11 -1.43
C GLY A 119 -34.17 -3.57 -1.85
N PHE A 120 -33.22 -4.35 -1.33
CA PHE A 120 -33.16 -5.77 -1.59
C PHE A 120 -33.85 -6.52 -0.45
N PRO A 121 -34.90 -7.28 -0.71
CA PRO A 121 -35.70 -7.87 0.38
C PRO A 121 -35.39 -9.31 0.77
N ASP A 122 -34.39 -9.97 0.19
CA ASP A 122 -34.16 -11.39 0.43
C ASP A 122 -32.77 -11.66 0.97
N LEU A 123 -32.28 -10.82 1.88
CA LEU A 123 -30.94 -11.05 2.44
C LEU A 123 -30.92 -12.24 3.39
N GLN A 124 -32.02 -12.49 4.11
CA GLN A 124 -32.03 -13.56 5.09
C GLN A 124 -31.99 -14.93 4.42
N TYR A 125 -32.67 -15.09 3.29
CA TYR A 125 -32.60 -16.35 2.56
C TYR A 125 -31.19 -16.65 2.11
N LEU A 126 -30.48 -15.63 1.61
CA LEU A 126 -29.10 -15.82 1.17
C LEU A 126 -28.20 -16.14 2.35
N GLN A 127 -28.40 -15.50 3.49
CA GLN A 127 -27.58 -15.80 4.66
C GLN A 127 -27.81 -17.22 5.15
N ASN A 128 -29.06 -17.68 5.19
CA ASN A 128 -29.32 -19.06 5.59
C ASN A 128 -28.72 -20.05 4.59
N GLY A 129 -28.83 -19.75 3.30
CA GLY A 129 -28.22 -20.61 2.30
C GLY A 129 -26.71 -20.69 2.46
N PHE A 130 -26.07 -19.55 2.71
CA PHE A 130 -24.64 -19.53 2.95
C PHE A 130 -24.28 -20.38 4.17
N ILE A 131 -25.04 -20.23 5.25
CA ILE A 131 -24.73 -20.96 6.48
C ILE A 131 -24.83 -22.46 6.24
N GLN A 132 -25.92 -22.90 5.61
CA GLN A 132 -26.10 -24.34 5.37
C GLN A 132 -25.06 -24.87 4.39
N LEU A 133 -24.76 -24.12 3.33
CA LEU A 133 -23.76 -24.56 2.37
C LEU A 133 -22.40 -24.74 3.03
N VAL A 134 -21.98 -23.75 3.81
CA VAL A 134 -20.69 -23.85 4.50
C VAL A 134 -20.69 -25.01 5.48
N ASN A 135 -21.77 -25.17 6.25
CA ASN A 135 -21.76 -26.15 7.32
C ASN A 135 -21.81 -27.58 6.79
N HIS A 136 -22.46 -27.80 5.64
CA HIS A 136 -22.64 -29.18 5.14
C HIS A 136 -21.62 -29.56 4.08
N LYS A 137 -21.31 -28.65 3.16
CA LYS A 137 -20.45 -29.00 2.05
C LYS A 137 -19.00 -28.63 2.33
N PHE A 138 -18.73 -27.36 2.61
CA PHE A 138 -17.35 -26.89 2.64
C PHE A 138 -16.56 -27.52 3.79
N LEU A 139 -17.10 -27.49 5.00
CA LEU A 139 -16.34 -27.95 6.16
C LEU A 139 -16.13 -29.46 6.13
N ARG A 140 -17.02 -30.21 5.48
CA ARG A 140 -16.92 -31.65 5.40
C ARG A 140 -16.15 -32.12 4.16
N SER A 141 -15.64 -31.19 3.35
CA SER A 141 -14.77 -31.42 2.20
C SER A 141 -15.50 -32.02 1.01
N LYS A 142 -16.81 -32.25 1.07
CA LYS A 142 -17.56 -32.78 -0.06
C LYS A 142 -18.27 -31.66 -0.81
N CYS A 143 -17.45 -30.80 -1.43
CA CYS A 143 -17.94 -29.65 -2.17
C CYS A 143 -17.35 -29.63 -3.57
N LYS A 144 -17.97 -28.86 -4.45
CA LYS A 144 -17.57 -28.77 -5.84
C LYS A 144 -17.09 -27.37 -6.18
N ILE A 145 -16.55 -27.23 -7.39
CA ILE A 145 -16.02 -25.96 -7.86
C ILE A 145 -17.12 -24.90 -7.92
N ASP A 146 -18.32 -25.29 -8.34
CA ASP A 146 -19.43 -24.35 -8.40
C ASP A 146 -19.79 -23.84 -7.01
N GLU A 147 -19.75 -24.72 -6.02
CA GLU A 147 -20.09 -24.29 -4.67
C GLU A 147 -19.01 -23.40 -4.07
N VAL A 148 -17.74 -23.69 -4.37
CA VAL A 148 -16.67 -22.82 -3.88
C VAL A 148 -16.80 -21.42 -4.46
N VAL A 149 -17.00 -21.32 -5.78
CA VAL A 149 -17.13 -19.99 -6.37
C VAL A 149 -18.41 -19.32 -5.90
N THR A 150 -19.46 -20.10 -5.61
CA THR A 150 -20.70 -19.53 -5.09
C THR A 150 -20.47 -18.89 -3.73
N ILE A 151 -19.73 -19.57 -2.85
CA ILE A 151 -19.53 -18.99 -1.51
C ILE A 151 -18.60 -17.77 -1.60
N ILE A 152 -17.67 -17.75 -2.55
CA ILE A 152 -16.86 -16.53 -2.73
C ILE A 152 -17.74 -15.36 -3.16
N GLU A 153 -18.63 -15.60 -4.13
CA GLU A 153 -19.53 -14.53 -4.58
C GLU A 153 -20.45 -14.08 -3.46
N LEU A 154 -20.91 -15.03 -2.64
CA LEU A 154 -21.74 -14.68 -1.49
C LEU A 154 -20.98 -13.82 -0.50
N LEU A 155 -19.70 -14.12 -0.26
CA LEU A 155 -18.91 -13.30 0.66
C LEU A 155 -18.77 -11.87 0.13
N LYS A 156 -18.53 -11.72 -1.18
CA LYS A 156 -18.48 -10.36 -1.74
C LYS A 156 -19.81 -9.64 -1.55
N LEU A 157 -20.91 -10.31 -1.85
CA LEU A 157 -22.23 -9.69 -1.72
C LEU A 157 -22.51 -9.27 -0.28
N PHE A 158 -22.16 -10.13 0.68
CA PHE A 158 -22.35 -9.79 2.09
C PHE A 158 -21.45 -8.64 2.51
N LEU A 159 -20.26 -8.54 1.94
CA LEU A 159 -19.37 -7.43 2.27
C LEU A 159 -19.86 -6.10 1.71
N LEU A 160 -20.65 -6.13 0.63
CA LEU A 160 -21.14 -4.88 0.06
C LEU A 160 -22.24 -4.19 0.88
N VAL A 161 -22.81 -4.87 1.88
CA VAL A 161 -23.99 -4.34 2.57
C VAL A 161 -23.62 -3.15 3.44
N ASP A 162 -24.42 -2.08 3.35
CA ASP A 162 -24.14 -0.85 4.09
C ASP A 162 -24.25 -1.06 5.60
N GLU A 163 -25.23 -1.85 6.02
CA GLU A 163 -25.37 -2.49 7.33
C GLU A 163 -25.93 -1.57 8.42
N LYS A 164 -26.12 -0.27 8.17
CA LYS A 164 -26.92 0.60 9.04
C LYS A 164 -26.67 0.43 10.54
N ASN A 165 -25.48 0.79 11.00
CA ASN A 165 -25.13 0.64 12.40
C ASN A 165 -25.83 1.69 13.26
N CYS A 166 -25.73 1.51 14.58
CA CYS A 166 -26.43 2.35 15.54
C CYS A 166 -25.71 3.67 15.75
N SER A 167 -26.44 4.64 16.31
CA SER A 167 -25.93 5.98 16.57
C SER A 167 -26.18 6.34 18.03
N ASP A 168 -25.10 6.42 18.81
CA ASP A 168 -25.16 6.92 20.17
C ASP A 168 -24.37 8.22 20.26
N PHE A 169 -25.01 9.28 20.73
CA PHE A 169 -24.37 10.59 20.81
C PHE A 169 -23.52 10.76 22.06
N ASN A 170 -23.50 9.77 22.95
CA ASN A 170 -22.70 9.84 24.16
C ASN A 170 -21.45 8.98 24.12
N LYS A 171 -21.19 8.30 23.01
CA LYS A 171 -20.01 7.46 22.91
C LYS A 171 -18.81 8.28 22.46
N SER A 172 -17.62 7.69 22.62
CA SER A 172 -16.40 8.35 22.17
C SER A 172 -16.42 8.50 20.66
N LYS A 173 -16.07 9.70 20.19
CA LYS A 173 -16.18 10.04 18.78
C LYS A 173 -15.05 9.47 17.93
N PHE A 174 -14.02 8.87 18.54
CA PHE A 174 -12.88 8.37 17.79
C PHE A 174 -12.70 6.86 17.89
N MET A 175 -13.63 6.15 18.50
CA MET A 175 -13.61 4.69 18.50
C MET A 175 -14.48 4.14 17.37
N GLU A 176 -14.25 2.87 17.06
CA GLU A 176 -14.94 2.23 15.95
C GLU A 176 -16.41 2.00 16.31
N GLU A 177 -17.29 2.36 15.38
CA GLU A 177 -18.73 2.20 15.60
C GLU A 177 -19.16 0.78 15.29
N GLU A 178 -20.03 0.24 16.15
CA GLU A 178 -20.54 -1.11 16.01
C GLU A 178 -22.02 -1.07 15.65
N ARG A 179 -22.55 -2.22 15.25
CA ARG A 179 -23.89 -2.32 14.67
C ARG A 179 -24.91 -2.81 15.69
N GLU A 180 -26.11 -2.24 15.62
CA GLU A 180 -27.19 -2.63 16.51
C GLU A 180 -27.64 -4.06 16.20
N VAL A 181 -27.98 -4.79 17.26
CA VAL A 181 -28.37 -6.19 17.15
C VAL A 181 -29.55 -6.46 18.06
N THR A 182 -30.57 -7.14 17.53
CA THR A 182 -31.71 -7.64 18.29
C THR A 182 -31.53 -9.13 18.54
N GLU A 183 -32.58 -9.78 19.07
CA GLU A 183 -32.46 -11.19 19.44
C GLU A 183 -32.74 -12.10 18.25
N THR A 184 -33.82 -11.82 17.52
CA THR A 184 -34.15 -12.61 16.34
C THR A 184 -33.02 -12.54 15.30
N SER A 185 -32.37 -11.38 15.18
CA SER A 185 -31.16 -11.28 14.38
C SER A 185 -29.94 -11.81 15.12
N HIS A 186 -29.97 -11.83 16.45
CA HIS A 186 -28.80 -12.25 17.23
C HIS A 186 -28.50 -13.72 17.05
N TYR A 187 -29.54 -14.55 17.00
CA TYR A 187 -29.30 -15.98 16.80
C TYR A 187 -28.61 -16.25 15.47
N GLN A 188 -29.11 -15.64 14.39
CA GLN A 188 -28.50 -15.83 13.08
C GLN A 188 -27.12 -15.18 13.01
N ASP A 189 -26.91 -14.07 13.73
CA ASP A 189 -25.58 -13.47 13.77
C ASP A 189 -24.58 -14.40 14.43
N PHE A 190 -24.99 -15.07 15.52
CA PHE A 190 -24.11 -16.05 16.15
C PHE A 190 -23.77 -17.19 15.20
N LYS A 191 -24.78 -17.69 14.47
CA LYS A 191 -24.51 -18.76 13.52
C LYS A 191 -23.54 -18.31 12.43
N MET A 192 -23.75 -17.09 11.91
CA MET A 192 -22.89 -16.57 10.85
C MET A 192 -21.45 -16.41 11.33
N ALA A 193 -21.28 -15.85 12.53
CA ALA A 193 -19.93 -15.69 13.06
C ALA A 193 -19.25 -17.03 13.27
N GLU A 194 -20.00 -18.02 13.76
CA GLU A 194 -19.42 -19.35 13.91
C GLU A 194 -18.96 -19.92 12.58
N SER A 195 -19.79 -19.77 11.53
CA SER A 195 -19.40 -20.29 10.22
C SER A 195 -18.16 -19.60 9.68
N LEU A 196 -18.09 -18.28 9.81
CA LEU A 196 -16.92 -17.54 9.33
C LEU A 196 -15.65 -17.95 10.07
N GLU A 197 -15.74 -18.10 11.39
CA GLU A 197 -14.59 -18.53 12.16
C GLU A 197 -14.14 -19.92 11.75
N HIS A 198 -15.09 -20.83 11.51
CA HIS A 198 -14.72 -22.18 11.09
C HIS A 198 -14.01 -22.16 9.75
N ILE A 199 -14.49 -21.35 8.81
CA ILE A 199 -13.83 -21.25 7.50
C ILE A 199 -12.40 -20.74 7.68
N ILE A 200 -12.23 -19.69 8.48
CA ILE A 200 -10.90 -19.12 8.69
C ILE A 200 -9.95 -20.15 9.28
N VAL A 201 -10.40 -20.86 10.31
CA VAL A 201 -9.53 -21.83 10.97
C VAL A 201 -9.15 -22.95 10.01
N LYS A 202 -10.14 -23.46 9.26
CA LYS A 202 -9.86 -24.57 8.36
C LYS A 202 -8.87 -24.18 7.28
N ILE A 203 -9.02 -22.99 6.69
CA ILE A 203 -8.11 -22.61 5.61
C ILE A 203 -6.73 -22.24 6.14
N SER A 204 -6.67 -21.52 7.26
CA SER A 204 -5.38 -21.05 7.76
C SER A 204 -4.62 -22.09 8.57
N SER A 205 -5.22 -23.23 8.87
CA SER A 205 -4.48 -24.25 9.62
C SER A 205 -3.55 -25.07 8.74
N LYS A 206 -3.57 -24.86 7.42
CA LYS A 206 -2.69 -25.57 6.50
C LYS A 206 -1.34 -24.90 6.33
N TYR A 207 -1.17 -23.67 6.82
CA TYR A 207 0.05 -22.90 6.58
C TYR A 207 0.76 -22.47 7.86
N LEU A 208 0.25 -22.85 9.03
CA LEU A 208 0.89 -22.43 10.27
C LEU A 208 2.33 -22.92 10.36
N ASP A 209 2.62 -24.13 9.88
CA ASP A 209 3.98 -24.64 9.90
C ASP A 209 4.94 -23.80 9.07
N GLN A 210 4.47 -22.76 8.40
CA GLN A 210 5.33 -21.84 7.67
C GLN A 210 5.77 -20.64 8.50
N ILE A 211 5.40 -20.58 9.77
CA ILE A 211 5.86 -19.49 10.63
C ILE A 211 7.28 -19.78 11.06
N SER A 212 8.17 -18.80 10.88
CA SER A 212 9.55 -18.93 11.31
C SER A 212 10.05 -17.57 11.78
N LEU A 213 10.63 -17.54 12.98
CA LEU A 213 11.23 -16.33 13.51
C LEU A 213 12.41 -16.73 14.38
N LYS A 214 13.52 -16.00 14.26
CA LYS A 214 14.68 -16.16 15.12
C LYS A 214 14.92 -14.84 15.82
N TYR A 215 14.99 -14.87 17.15
CA TYR A 215 15.12 -13.64 17.92
C TYR A 215 15.99 -13.87 19.14
N ILE A 216 16.28 -12.77 19.83
CA ILE A 216 17.18 -12.74 20.97
C ILE A 216 16.45 -12.05 22.11
N VAL A 217 16.43 -12.68 23.28
CA VAL A 217 15.82 -12.11 24.47
C VAL A 217 16.91 -11.70 25.44
N ARG A 218 16.79 -10.49 25.97
CA ARG A 218 17.77 -9.94 26.90
C ARG A 218 17.15 -9.83 28.28
N LEU A 219 17.87 -10.31 29.29
CA LEU A 219 17.36 -10.33 30.65
C LEU A 219 18.19 -9.41 31.55
N PRO A 234 14.92 -22.38 24.80
CA PRO A 234 14.94 -21.71 23.50
C PRO A 234 13.59 -21.79 22.80
N PHE A 235 13.52 -22.64 21.79
CA PHE A 235 12.27 -22.95 21.12
C PHE A 235 11.30 -23.66 22.07
N ASP A 236 10.08 -23.86 21.60
CA ASP A 236 8.97 -24.41 22.37
C ASP A 236 8.63 -23.55 23.59
N ASN A 237 9.17 -22.33 23.67
CA ASN A 237 8.92 -21.44 24.79
C ASN A 237 8.14 -20.20 24.39
N LYS A 238 8.53 -19.55 23.29
CA LYS A 238 7.92 -18.31 22.84
C LYS A 238 7.93 -17.27 23.96
N GLY A 239 9.11 -17.09 24.56
CA GLY A 239 9.24 -16.24 25.73
C GLY A 239 8.73 -14.82 25.59
N VAL A 240 9.40 -14.00 24.78
CA VAL A 240 9.08 -12.58 24.70
C VAL A 240 9.15 -12.14 23.25
N ASP A 241 8.30 -11.19 22.87
CA ASP A 241 8.15 -10.74 21.50
C ASP A 241 8.13 -9.21 21.41
N CYS A 242 9.13 -8.56 22.00
CA CYS A 242 9.35 -7.12 21.87
C CYS A 242 10.46 -6.82 20.86
N THR A 243 10.51 -7.58 19.76
CA THR A 243 11.69 -7.59 18.91
C THR A 243 11.68 -6.48 17.87
N ARG A 244 10.51 -6.13 17.33
CA ARG A 244 10.25 -5.30 16.14
C ARG A 244 10.47 -6.07 14.85
N ALA A 245 10.92 -7.32 14.91
CA ALA A 245 11.03 -8.17 13.74
C ALA A 245 9.84 -9.11 13.68
N ILE A 246 9.24 -9.24 12.50
CA ILE A 246 8.06 -10.07 12.32
C ILE A 246 8.49 -11.31 11.54
N PRO A 247 7.74 -12.41 11.58
CA PRO A 247 8.22 -13.65 10.95
C PRO A 247 8.39 -13.50 9.45
N LYS A 248 8.96 -14.54 8.85
CA LYS A 248 9.14 -14.57 7.41
C LYS A 248 7.78 -14.57 6.71
N LYS A 249 7.80 -14.24 5.42
CA LYS A 249 6.56 -14.16 4.67
C LYS A 249 5.87 -15.52 4.62
N ILE A 250 4.55 -15.48 4.67
CA ILE A 250 3.71 -16.65 4.46
C ILE A 250 2.95 -16.42 3.17
N ASN A 251 3.02 -17.40 2.27
CA ASN A 251 2.42 -17.28 0.94
C ASN A 251 1.43 -18.41 0.70
N ILE A 252 0.24 -18.06 0.25
CA ILE A 252 -0.82 -19.01 -0.04
C ILE A 252 -0.89 -19.16 -1.55
N SER A 253 -0.46 -20.32 -2.06
CA SER A 253 -0.38 -20.51 -3.50
C SER A 253 -1.76 -20.69 -4.10
N ASN A 254 -2.70 -21.25 -3.35
CA ASN A 254 -4.04 -21.49 -3.87
C ASN A 254 -4.83 -20.20 -3.93
N MET A 255 -5.30 -19.86 -5.12
CA MET A 255 -6.01 -18.60 -5.36
C MET A 255 -7.39 -18.57 -4.72
N TYR A 256 -8.12 -19.69 -4.80
CA TYR A 256 -9.41 -19.76 -4.12
C TYR A 256 -9.24 -19.68 -2.61
N ASP A 257 -8.20 -20.32 -2.08
CA ASP A 257 -7.91 -20.21 -0.66
C ASP A 257 -7.60 -18.77 -0.28
N SER A 258 -6.83 -18.06 -1.10
CA SER A 258 -6.54 -16.66 -0.80
C SER A 258 -7.81 -15.82 -0.78
N SER A 259 -8.69 -16.01 -1.77
CA SER A 259 -9.92 -15.23 -1.82
C SER A 259 -10.80 -15.53 -0.61
N LEU A 260 -10.97 -16.81 -0.29
CA LEU A 260 -11.78 -17.18 0.88
C LEU A 260 -11.20 -16.61 2.16
N LEU A 261 -9.88 -16.74 2.36
CA LEU A 261 -9.29 -16.26 3.60
C LEU A 261 -9.47 -14.75 3.74
N SER A 262 -9.21 -13.99 2.67
CA SER A 262 -9.36 -12.55 2.74
C SER A 262 -10.80 -12.16 3.09
N LEU A 263 -11.77 -12.69 2.33
CA LEU A 263 -13.14 -12.22 2.51
C LEU A 263 -13.72 -12.71 3.83
N ALA A 264 -13.46 -13.96 4.21
CA ALA A 264 -13.95 -14.49 5.46
C ALA A 264 -13.37 -13.76 6.65
N LEU A 265 -12.08 -13.40 6.58
CA LEU A 265 -11.48 -12.70 7.71
C LEU A 265 -12.00 -11.26 7.82
N LEU A 266 -12.26 -10.60 6.68
CA LEU A 266 -12.87 -9.27 6.74
C LEU A 266 -14.27 -9.33 7.36
N LEU A 267 -15.09 -10.28 6.93
CA LEU A 267 -16.45 -10.35 7.48
C LEU A 267 -16.42 -10.78 8.95
N TYR A 268 -15.49 -11.66 9.32
CA TYR A 268 -15.31 -12.02 10.72
C TYR A 268 -14.89 -10.81 11.55
N LEU A 269 -14.06 -9.93 10.99
CA LEU A 269 -13.78 -8.66 11.66
C LEU A 269 -15.07 -7.90 11.93
N ARG A 270 -15.97 -7.88 10.96
CA ARG A 270 -17.26 -7.24 11.19
C ARG A 270 -18.03 -7.89 12.32
N TYR A 271 -17.88 -9.20 12.51
CA TYR A 271 -18.81 -9.94 13.38
C TYR A 271 -18.28 -10.32 14.77
N HIS A 272 -16.97 -10.28 15.04
CA HIS A 272 -16.47 -11.12 16.13
C HIS A 272 -16.47 -10.44 17.50
N TYR A 273 -16.58 -9.11 17.58
CA TYR A 273 -16.65 -8.48 18.90
C TYR A 273 -18.05 -8.51 19.50
N MET A 274 -19.04 -9.02 18.80
CA MET A 274 -20.40 -9.06 19.31
C MET A 274 -20.79 -10.42 19.86
N ILE A 275 -19.95 -11.43 19.69
CA ILE A 275 -20.27 -12.79 20.12
C ILE A 275 -19.57 -13.03 21.46
N PRO A 276 -20.31 -13.25 22.55
CA PRO A 276 -19.66 -13.52 23.83
C PRO A 276 -18.94 -14.86 23.83
N GLY A 277 -17.88 -14.92 24.61
CA GLY A 277 -17.13 -16.16 24.73
C GLY A 277 -15.76 -15.91 25.32
N ASP A 278 -15.06 -17.02 25.53
CA ASP A 278 -13.69 -17.02 26.02
C ASP A 278 -12.78 -17.61 24.96
N ARG A 279 -11.47 -17.48 25.17
CA ARG A 279 -10.44 -17.99 24.27
C ARG A 279 -10.75 -17.65 22.80
N LYS A 280 -10.95 -16.36 22.55
CA LYS A 280 -11.30 -15.90 21.22
C LYS A 280 -10.12 -16.08 20.26
N LEU A 281 -10.43 -16.04 18.96
CA LEU A 281 -9.39 -16.17 17.95
C LEU A 281 -8.52 -14.92 17.87
N ARG A 282 -9.10 -13.74 18.08
CA ARG A 282 -8.32 -12.52 18.04
C ARG A 282 -7.27 -12.46 19.15
N ASN A 283 -7.55 -13.10 20.29
CA ASN A 283 -6.63 -13.10 21.42
C ASN A 283 -5.70 -14.30 21.42
N ASP A 284 -5.43 -14.87 20.25
CA ASP A 284 -4.56 -16.04 20.15
C ASP A 284 -3.11 -15.62 20.04
N ALA A 285 -2.21 -16.55 20.38
CA ALA A 285 -0.78 -16.28 20.34
C ALA A 285 -0.13 -16.71 19.05
N THR A 286 -0.63 -17.78 18.42
CA THR A 286 -0.09 -18.22 17.15
C THR A 286 -0.74 -17.54 15.96
N PHE A 287 -2.04 -17.24 16.05
CA PHE A 287 -2.73 -16.58 14.95
C PHE A 287 -2.21 -15.16 14.73
N LYS A 288 -1.83 -14.46 15.81
CA LYS A 288 -1.29 -13.13 15.65
C LYS A 288 0.02 -13.16 14.88
N MET A 289 0.88 -14.14 15.17
CA MET A 289 2.11 -14.28 14.40
C MET A 289 1.84 -14.71 12.97
N PHE A 290 0.83 -15.56 12.76
CA PHE A 290 0.42 -15.90 11.41
C PHE A 290 0.07 -14.65 10.61
N VAL A 291 -0.73 -13.76 11.19
CA VAL A 291 -1.12 -12.54 10.49
C VAL A 291 0.07 -11.61 10.30
N LEU A 292 0.96 -11.52 11.30
CA LEU A 292 2.15 -10.68 11.16
C LEU A 292 3.01 -11.16 10.00
N GLY A 293 3.14 -12.47 9.83
CA GLY A 293 3.80 -12.99 8.65
C GLY A 293 3.04 -12.71 7.37
N LEU A 294 1.70 -12.71 7.44
CA LEU A 294 0.89 -12.38 6.28
C LEU A 294 1.05 -10.93 5.85
N LEU A 295 1.55 -10.06 6.74
CA LEU A 295 1.81 -8.67 6.36
C LEU A 295 2.79 -8.54 5.21
N LYS A 296 3.62 -9.55 4.97
CA LYS A 296 4.67 -9.51 3.96
C LYS A 296 4.29 -10.24 2.68
N SER A 297 3.02 -10.61 2.51
CA SER A 297 2.62 -11.47 1.41
C SER A 297 2.75 -10.75 0.07
N ASN A 298 2.54 -11.49 -1.01
CA ASN A 298 2.58 -10.92 -2.35
C ASN A 298 1.21 -10.47 -2.84
N ASP A 299 0.14 -10.74 -2.08
CA ASP A 299 -1.21 -10.45 -2.50
C ASP A 299 -1.72 -9.23 -1.74
N VAL A 300 -2.10 -8.18 -2.50
CA VAL A 300 -2.45 -6.90 -1.88
C VAL A 300 -3.67 -7.06 -0.97
N ASN A 301 -4.62 -7.90 -1.37
CA ASN A 301 -5.77 -8.14 -0.52
C ASN A 301 -5.35 -8.75 0.81
N ILE A 302 -4.44 -9.73 0.77
CA ILE A 302 -3.95 -10.35 2.00
C ILE A 302 -3.26 -9.33 2.88
N ARG A 303 -2.41 -8.48 2.29
CA ARG A 303 -1.70 -7.48 3.07
C ARG A 303 -2.67 -6.50 3.74
N CYS A 304 -3.67 -6.03 2.98
CA CYS A 304 -4.60 -5.05 3.54
C CYS A 304 -5.48 -5.68 4.61
N VAL A 305 -5.90 -6.92 4.42
CA VAL A 305 -6.69 -7.60 5.45
C VAL A 305 -5.88 -7.80 6.72
N ALA A 306 -4.59 -8.14 6.57
CA ALA A 306 -3.72 -8.25 7.74
C ALA A 306 -3.62 -6.92 8.46
N LEU A 307 -3.49 -5.82 7.71
CA LEU A 307 -3.44 -4.51 8.33
C LEU A 307 -4.71 -4.20 9.12
N LYS A 308 -5.87 -4.48 8.53
CA LYS A 308 -7.13 -4.23 9.23
C LYS A 308 -7.25 -5.07 10.49
N PHE A 309 -6.94 -6.35 10.40
CA PHE A 309 -7.05 -7.24 11.54
C PHE A 309 -6.12 -6.79 12.67
N LEU A 310 -4.90 -6.37 12.33
CA LEU A 310 -3.95 -5.99 13.35
C LEU A 310 -4.23 -4.61 13.93
N LEU A 311 -4.91 -3.72 13.20
CA LEU A 311 -5.15 -2.39 13.71
C LEU A 311 -6.51 -2.21 14.39
N GLN A 312 -7.44 -3.15 14.22
CA GLN A 312 -8.76 -3.00 14.86
C GLN A 312 -8.72 -2.88 16.38
N PRO A 313 -7.93 -3.67 17.12
CA PRO A 313 -8.00 -3.58 18.59
C PRO A 313 -7.69 -2.21 19.15
N TYR A 314 -6.85 -1.42 18.48
CA TYR A 314 -6.50 -0.11 19.00
C TYR A 314 -7.73 0.80 19.13
N PHE A 315 -8.74 0.59 18.28
CA PHE A 315 -9.96 1.36 18.35
C PHE A 315 -11.10 0.63 19.05
N THR A 316 -11.09 -0.70 19.09
CA THR A 316 -12.18 -1.41 19.73
C THR A 316 -11.83 -2.00 21.09
N GLU A 317 -10.69 -1.62 21.67
CA GLU A 317 -10.26 -2.23 22.92
C GLU A 317 -9.75 -1.17 23.89
N ASP A 318 -9.84 -1.47 25.18
CA ASP A 318 -9.37 -0.57 26.22
C ASP A 318 -7.98 -0.94 26.69
N LYS A 319 -7.17 0.08 26.95
CA LYS A 319 -5.77 -0.02 27.37
C LYS A 319 -4.87 -0.59 26.28
N LYS A 320 -5.42 -0.90 25.09
CA LYS A 320 -4.59 -1.38 24.00
C LYS A 320 -3.69 -0.29 23.45
N TRP A 321 -4.10 0.97 23.60
CA TRP A 321 -3.35 2.07 22.99
C TRP A 321 -1.93 2.20 23.54
N GLU A 322 -1.66 1.69 24.74
CA GLU A 322 -0.29 1.73 25.28
C GLU A 322 0.47 0.45 24.96
N ASP A 323 0.49 0.08 23.69
CA ASP A 323 1.21 -1.08 23.17
C ASP A 323 2.03 -0.65 21.97
N THR A 324 2.82 0.41 22.14
CA THR A 324 3.47 1.08 21.02
C THR A 324 4.46 0.20 20.26
N ARG A 325 4.92 -0.91 20.83
CA ARG A 325 5.83 -1.77 20.08
C ARG A 325 5.15 -2.40 18.88
N THR A 326 3.90 -2.85 19.05
CA THR A 326 3.15 -3.40 17.92
C THR A 326 2.92 -2.35 16.85
N LEU A 327 2.59 -1.13 17.25
CA LEU A 327 2.45 -0.05 16.28
C LEU A 327 3.75 0.21 15.56
N GLU A 328 4.87 0.20 16.28
CA GLU A 328 6.15 0.48 15.66
C GLU A 328 6.55 -0.61 14.68
N LYS A 329 6.09 -1.84 14.88
CA LYS A 329 6.37 -2.86 13.87
C LYS A 329 5.32 -2.97 12.78
N ILE A 330 4.14 -2.36 12.95
CA ILE A 330 3.16 -2.36 11.87
C ILE A 330 3.28 -1.14 10.96
N LEU A 331 3.73 0.00 11.49
CA LEU A 331 3.72 1.25 10.73
C LEU A 331 4.49 1.20 9.40
N PRO A 332 5.66 0.57 9.29
CA PRO A 332 6.33 0.52 7.98
C PRO A 332 5.47 -0.02 6.87
N TYR A 333 4.67 -1.05 7.15
CA TYR A 333 3.84 -1.65 6.12
C TYR A 333 2.61 -0.82 5.82
N LEU A 334 2.07 -0.11 6.81
CA LEU A 334 0.99 0.83 6.53
C LEU A 334 1.47 1.96 5.64
N VAL A 335 2.72 2.40 5.83
CA VAL A 335 3.30 3.41 4.96
C VAL A 335 3.54 2.84 3.57
N LYS A 336 4.00 1.59 3.47
CA LYS A 336 4.19 0.96 2.18
C LYS A 336 2.88 0.81 1.42
N SER A 337 1.76 0.64 2.12
CA SER A 337 0.49 0.36 1.45
C SER A 337 -0.02 1.54 0.63
N PHE A 338 0.56 2.72 0.78
CA PHE A 338 0.15 3.87 -0.04
C PHE A 338 0.54 3.70 -1.50
N ASN A 339 1.59 2.94 -1.79
CA ASN A 339 2.24 2.97 -3.10
C ASN A 339 1.75 1.89 -4.06
N TYR A 340 0.89 0.98 -3.62
CA TYR A 340 0.43 -0.08 -4.49
C TYR A 340 -0.73 0.42 -5.36
N ASP A 341 -0.66 0.13 -6.66
CA ASP A 341 -1.60 0.78 -7.58
C ASP A 341 -3.02 0.25 -7.44
N PRO A 342 -3.32 -1.02 -7.71
CA PRO A 342 -4.70 -1.48 -7.51
C PRO A 342 -4.97 -1.78 -6.05
N LEU A 343 -5.70 -0.89 -5.39
CA LEU A 343 -6.09 -1.11 -4.02
C LEU A 343 -7.55 -1.54 -3.94
N PRO A 344 -7.91 -2.40 -3.00
CA PRO A 344 -9.33 -2.78 -2.85
C PRO A 344 -10.17 -1.60 -2.40
N TRP A 345 -11.48 -1.72 -2.62
CA TRP A 345 -12.38 -0.62 -2.30
C TRP A 345 -12.63 -0.47 -0.81
N TRP A 346 -12.29 -1.48 0.00
CA TRP A 346 -12.54 -1.44 1.43
C TRP A 346 -11.33 -1.04 2.24
N PHE A 347 -10.26 -0.56 1.60
CA PHE A 347 -9.04 -0.17 2.29
C PHE A 347 -8.72 1.28 1.92
N ASP A 348 -8.66 2.15 2.93
CA ASP A 348 -8.20 3.52 2.73
C ASP A 348 -7.07 3.84 3.69
N PRO A 349 -5.82 3.86 3.22
CA PRO A 349 -4.71 4.21 4.11
C PRO A 349 -4.82 5.59 4.71
N PHE A 350 -5.45 6.53 4.00
CA PHE A 350 -5.66 7.87 4.55
C PHE A 350 -6.49 7.79 5.83
N ASP A 351 -7.63 7.10 5.76
CA ASP A 351 -8.48 6.99 6.95
C ASP A 351 -7.78 6.23 8.07
N MET A 352 -7.06 5.16 7.75
CA MET A 352 -6.39 4.42 8.82
C MET A 352 -5.35 5.28 9.53
N LEU A 353 -4.50 5.96 8.77
CA LEU A 353 -3.47 6.81 9.38
C LEU A 353 -4.08 7.94 10.18
N ASP A 354 -5.11 8.59 9.63
CA ASP A 354 -5.74 9.70 10.33
C ASP A 354 -6.42 9.23 11.60
N SER A 355 -7.05 8.05 11.57
CA SER A 355 -7.68 7.51 12.77
C SER A 355 -6.66 7.23 13.86
N LEU A 356 -5.49 6.67 13.51
CA LEU A 356 -4.46 6.43 14.52
C LEU A 356 -3.98 7.75 15.13
N ILE A 357 -3.71 8.74 14.27
CA ILE A 357 -3.21 10.02 14.77
C ILE A 357 -4.23 10.67 15.68
N VAL A 358 -5.51 10.60 15.34
CA VAL A 358 -6.54 11.22 16.17
C VAL A 358 -6.70 10.46 17.49
N LEU A 359 -6.63 9.13 17.44
CA LEU A 359 -6.66 8.33 18.66
C LEU A 359 -5.63 8.81 19.66
N TYR A 360 -4.39 8.96 19.21
CA TYR A 360 -3.35 9.39 20.14
C TYR A 360 -3.41 10.88 20.44
N ASN A 361 -3.94 11.70 19.54
CA ASN A 361 -4.14 13.11 19.83
C ASN A 361 -5.16 13.31 20.94
N GLU A 362 -6.13 12.40 21.07
CA GLU A 362 -7.22 12.62 22.00
C GLU A 362 -7.13 11.79 23.27
N ILE A 363 -6.36 10.69 23.29
CA ILE A 363 -6.21 9.97 24.55
C ILE A 363 -5.09 10.59 25.38
N THR A 364 -3.86 10.57 24.86
CA THR A 364 -2.70 11.14 25.53
C THR A 364 -2.12 12.25 24.67
N PRO A 365 -2.56 13.49 24.87
CA PRO A 365 -1.87 14.62 24.23
C PRO A 365 -0.47 14.77 24.80
N MET A 366 0.34 15.59 24.14
CA MET A 366 1.73 15.84 24.47
C MET A 366 2.63 14.63 24.24
N ASN A 367 2.10 13.55 23.66
CA ASN A 367 2.93 12.41 23.31
C ASN A 367 2.22 11.62 22.22
N ASN A 368 2.73 11.70 20.98
CA ASN A 368 2.13 11.02 19.84
C ASN A 368 3.14 10.06 19.22
N PRO A 369 3.07 8.77 19.57
CA PRO A 369 4.02 7.80 18.98
C PRO A 369 3.99 7.77 17.47
N VAL A 370 2.81 7.88 16.87
CA VAL A 370 2.70 7.82 15.42
C VAL A 370 3.42 9.00 14.79
N LEU A 371 3.23 10.21 15.33
CA LEU A 371 3.88 11.38 14.77
C LEU A 371 5.39 11.32 14.96
N THR A 372 5.87 10.87 16.12
CA THR A 372 7.32 10.79 16.28
C THR A 372 7.93 9.78 15.34
N THR A 373 7.28 8.62 15.16
CA THR A 373 7.80 7.61 14.25
C THR A 373 7.79 8.11 12.81
N LEU A 374 6.74 8.82 12.41
CA LEU A 374 6.67 9.34 11.05
C LEU A 374 7.63 10.49 10.83
N ALA A 375 7.95 11.25 11.87
CA ALA A 375 8.85 12.39 11.74
C ALA A 375 10.32 12.00 11.76
N HIS A 376 10.68 10.96 12.52
CA HIS A 376 12.07 10.54 12.54
C HIS A 376 12.50 9.85 11.24
N THR A 377 11.55 9.31 10.47
CA THR A 377 11.87 8.54 9.27
C THR A 377 11.44 9.24 7.99
N ASN A 378 11.30 10.57 8.01
CA ASN A 378 11.20 11.43 6.84
C ASN A 378 9.84 11.41 6.14
N VAL A 379 8.83 10.75 6.71
CA VAL A 379 7.58 10.56 5.96
C VAL A 379 6.70 11.80 6.01
N ILE A 380 6.73 12.56 7.11
CA ILE A 380 5.87 13.72 7.23
C ILE A 380 6.24 14.79 6.21
N PHE A 381 7.54 14.94 5.94
CA PHE A 381 7.97 15.91 4.95
C PHE A 381 7.47 15.53 3.56
N CYS A 382 7.47 14.23 3.24
CA CYS A 382 6.92 13.77 1.97
C CYS A 382 5.42 14.05 1.91
N ILE A 383 4.71 13.83 3.01
CA ILE A 383 3.27 14.07 3.02
C ILE A 383 2.96 15.55 2.80
N LEU A 384 3.74 16.43 3.43
CA LEU A 384 3.50 17.86 3.25
C LEU A 384 3.88 18.32 1.84
N SER A 385 4.94 17.73 1.28
CA SER A 385 5.28 18.03 -0.12
C SER A 385 4.16 17.61 -1.05
N ARG A 386 3.57 16.43 -0.81
CA ARG A 386 2.46 15.98 -1.64
C ARG A 386 1.25 16.90 -1.48
N PHE A 387 0.99 17.36 -0.26
CA PHE A 387 -0.12 18.30 -0.05
C PHE A 387 0.08 19.57 -0.86
N ALA A 388 1.30 20.14 -0.82
CA ALA A 388 1.56 21.36 -1.58
C ALA A 388 1.43 21.12 -3.08
N GLN A 389 1.95 19.98 -3.57
CA GLN A 389 1.82 19.67 -4.99
C GLN A 389 0.36 19.50 -5.40
N CYS A 390 -0.45 18.88 -4.54
CA CYS A 390 -1.88 18.76 -4.83
C CYS A 390 -2.56 20.11 -4.90
N LEU A 391 -2.21 21.01 -3.98
CA LEU A 391 -2.79 22.35 -4.04
C LEU A 391 -2.34 23.12 -5.27
N SER A 392 -1.17 22.78 -5.82
CA SER A 392 -0.59 23.55 -6.92
C SER A 392 -0.92 22.98 -8.30
N LEU A 393 -1.78 21.96 -8.39
CA LEU A 393 -2.09 21.38 -9.69
C LEU A 393 -2.82 22.39 -10.58
N PRO A 394 -2.59 22.34 -11.90
CA PRO A 394 -3.25 23.30 -12.79
C PRO A 394 -4.66 22.93 -13.19
N GLN A 395 -5.03 21.64 -13.14
CA GLN A 395 -6.37 21.21 -13.50
C GLN A 395 -6.87 20.21 -12.47
N HIS A 396 -8.10 20.41 -12.00
CA HIS A 396 -8.67 19.60 -10.95
C HIS A 396 -9.95 18.92 -11.42
N ASN A 397 -10.29 17.82 -10.77
CA ASN A 397 -11.55 17.12 -10.97
C ASN A 397 -11.93 16.46 -9.65
N GLU A 398 -12.87 15.51 -9.70
CA GLU A 398 -13.40 14.94 -8.47
C GLU A 398 -12.33 14.14 -7.72
N ALA A 399 -11.52 13.37 -8.44
CA ALA A 399 -10.48 12.58 -7.79
C ALA A 399 -9.46 13.47 -7.10
N THR A 400 -8.99 14.52 -7.79
CA THR A 400 -8.02 15.42 -7.17
C THR A 400 -8.62 16.19 -6.01
N LEU A 401 -9.90 16.57 -6.11
CA LEU A 401 -10.54 17.26 -4.99
C LEU A 401 -10.62 16.35 -3.77
N LYS A 402 -10.98 15.08 -3.97
CA LYS A 402 -11.04 14.17 -2.83
C LYS A 402 -9.67 13.93 -2.22
N THR A 403 -8.64 13.80 -3.07
CA THR A 403 -7.29 13.61 -2.55
C THR A 403 -6.82 14.83 -1.75
N THR A 404 -7.11 16.03 -2.26
CA THR A 404 -6.76 17.24 -1.53
C THR A 404 -7.50 17.32 -0.20
N THR A 405 -8.77 16.91 -0.19
CA THR A 405 -9.53 16.89 1.07
C THR A 405 -8.88 15.97 2.09
N LYS A 406 -8.48 14.78 1.65
CA LYS A 406 -7.82 13.84 2.55
C LYS A 406 -6.52 14.41 3.10
N PHE A 407 -5.74 15.07 2.23
CA PHE A 407 -4.50 15.67 2.70
C PHE A 407 -4.75 16.78 3.71
N ILE A 408 -5.78 17.60 3.49
CA ILE A 408 -6.10 18.65 4.45
C ILE A 408 -6.48 18.05 5.79
N LYS A 409 -7.28 16.98 5.79
CA LYS A 409 -7.66 16.34 7.04
C LYS A 409 -6.44 15.79 7.78
N ILE A 410 -5.53 15.15 7.06
CA ILE A 410 -4.38 14.57 7.76
C ILE A 410 -3.45 15.66 8.27
N CYS A 411 -3.34 16.79 7.55
CA CYS A 411 -2.53 17.89 8.06
C CYS A 411 -3.16 18.55 9.28
N ALA A 412 -4.50 18.62 9.32
CA ALA A 412 -5.16 19.09 10.53
C ALA A 412 -4.90 18.17 11.70
N SER A 413 -4.91 16.86 11.45
CA SER A 413 -4.57 15.91 12.51
C SER A 413 -3.13 16.07 12.98
N PHE A 414 -2.21 16.37 12.07
CA PHE A 414 -0.85 16.71 12.49
C PHE A 414 -0.85 17.91 13.42
N ALA A 415 -1.47 19.00 12.99
CA ALA A 415 -1.37 20.27 13.69
C ALA A 415 -2.28 20.37 14.92
N ALA A 416 -3.09 19.35 15.19
CA ALA A 416 -4.11 19.46 16.23
C ALA A 416 -3.49 19.71 17.60
N SER A 417 -2.41 19.00 17.94
CA SER A 417 -1.86 19.05 19.29
C SER A 417 -0.35 19.26 19.30
N ASP A 418 0.18 20.05 18.36
CA ASP A 418 1.62 20.26 18.32
C ASP A 418 1.92 21.62 17.73
N GLU A 419 2.47 22.51 18.57
CA GLU A 419 2.86 23.84 18.10
C GLU A 419 3.96 23.75 17.05
N LYS A 420 4.79 22.72 17.11
CA LYS A 420 5.81 22.51 16.09
C LYS A 420 5.19 22.47 14.71
N TYR A 421 4.17 21.63 14.53
CA TYR A 421 3.52 21.51 13.24
C TYR A 421 2.61 22.68 12.93
N ARG A 422 2.02 23.33 13.95
CA ARG A 422 1.27 24.55 13.68
C ARG A 422 2.15 25.61 13.03
N LEU A 423 3.30 25.89 13.63
CA LEU A 423 4.20 26.89 13.07
C LEU A 423 4.80 26.43 11.74
N LEU A 424 5.11 25.14 11.63
CA LEU A 424 5.66 24.63 10.38
C LEU A 424 4.67 24.81 9.23
N LEU A 425 3.38 24.57 9.47
CA LEU A 425 2.38 24.76 8.45
C LEU A 425 2.08 26.23 8.19
N LEU A 426 2.20 27.08 9.21
CA LEU A 426 1.93 28.50 9.00
C LEU A 426 3.13 29.26 8.43
N ASN A 427 4.28 28.61 8.28
CA ASN A 427 5.41 29.24 7.59
C ASN A 427 5.31 29.17 6.06
N ASP A 428 4.13 28.91 5.51
CA ASP A 428 3.99 28.77 4.06
C ASP A 428 3.55 30.05 3.37
N THR A 429 2.74 30.88 4.02
CA THR A 429 2.30 32.20 3.59
C THR A 429 1.35 32.17 2.40
N LEU A 430 1.05 30.99 1.84
CA LEU A 430 0.07 30.87 0.77
C LEU A 430 -1.04 29.90 1.11
N LEU A 431 -1.14 29.46 2.37
CA LEU A 431 -2.14 28.49 2.79
C LEU A 431 -3.45 29.16 3.23
N LEU A 432 -3.34 30.29 3.95
CA LEU A 432 -4.53 31.00 4.38
C LEU A 432 -5.31 31.55 3.19
N ASN A 433 -4.61 31.87 2.09
CA ASN A 433 -5.29 32.31 0.89
C ASN A 433 -6.21 31.23 0.35
N HIS A 434 -5.73 29.99 0.28
CA HIS A 434 -6.57 28.90 -0.19
C HIS A 434 -7.68 28.58 0.80
N LEU A 435 -7.41 28.72 2.10
CA LEU A 435 -8.46 28.54 3.10
C LEU A 435 -9.61 29.53 2.87
N GLU A 436 -9.27 30.81 2.71
CA GLU A 436 -10.29 31.82 2.48
C GLU A 436 -11.00 31.60 1.15
N TYR A 437 -10.27 31.15 0.13
CA TYR A 437 -10.89 30.86 -1.15
C TYR A 437 -11.96 29.78 -1.02
N GLY A 438 -11.65 28.70 -0.29
CA GLY A 438 -12.63 27.65 -0.08
C GLY A 438 -13.86 28.13 0.65
N LEU A 439 -13.65 28.87 1.74
CA LEU A 439 -14.81 29.39 2.48
C LEU A 439 -15.66 30.32 1.62
N GLU A 440 -15.01 31.19 0.84
CA GLU A 440 -15.74 32.12 -0.03
C GLU A 440 -16.55 31.37 -1.07
N SER A 441 -15.98 30.32 -1.66
CA SER A 441 -16.71 29.56 -2.66
C SER A 441 -17.96 28.91 -2.06
N HIS A 442 -17.82 28.34 -0.87
CA HIS A 442 -19.01 27.74 -0.25
C HIS A 442 -20.07 28.79 0.05
N ILE A 443 -19.67 29.97 0.53
CA ILE A 443 -20.64 31.02 0.82
C ILE A 443 -21.36 31.44 -0.45
N THR A 444 -20.62 31.55 -1.56
CA THR A 444 -21.24 31.90 -2.84
C THR A 444 -22.27 30.87 -3.27
N LEU A 445 -21.92 29.58 -3.14
CA LEU A 445 -22.87 28.53 -3.52
C LEU A 445 -24.15 28.62 -2.68
N ILE A 446 -23.99 28.82 -1.37
CA ILE A 446 -25.17 28.88 -0.49
C ILE A 446 -26.03 30.08 -0.85
N GLN A 447 -25.40 31.23 -1.12
CA GLN A 447 -26.18 32.41 -1.49
C GLN A 447 -26.96 32.18 -2.78
N ASP A 448 -26.34 31.55 -3.78
CA ASP A 448 -27.05 31.28 -5.02
C ASP A 448 -28.22 30.33 -4.80
N PHE A 449 -28.02 29.29 -4.00
CA PHE A 449 -29.11 28.35 -3.73
C PHE A 449 -30.28 29.05 -3.04
N ILE A 450 -29.98 29.89 -2.04
CA ILE A 450 -31.07 30.58 -1.36
C ILE A 450 -31.78 31.55 -2.30
N SER A 451 -31.04 32.18 -3.21
CA SER A 451 -31.68 33.08 -4.17
C SER A 451 -32.61 32.33 -5.11
N LEU A 452 -32.21 31.15 -5.57
CA LEU A 452 -33.01 30.38 -6.52
C LEU A 452 -34.01 29.44 -5.85
N LYS A 453 -34.08 29.45 -4.50
CA LYS A 453 -34.94 28.56 -3.74
C LYS A 453 -36.31 28.28 -4.36
N ASP A 454 -37.05 29.33 -4.71
CA ASP A 454 -38.43 29.13 -5.17
C ASP A 454 -38.47 28.37 -6.49
N GLU A 455 -37.60 28.73 -7.44
CA GLU A 455 -37.57 28.04 -8.72
C GLU A 455 -37.10 26.60 -8.57
N ILE A 456 -36.11 26.38 -7.69
CA ILE A 456 -35.63 25.02 -7.46
C ILE A 456 -36.75 24.16 -6.87
N LYS A 457 -37.49 24.71 -5.92
CA LYS A 457 -38.61 23.99 -5.33
C LYS A 457 -39.66 23.66 -6.38
N GLU A 458 -40.04 24.66 -7.19
CA GLU A 458 -41.05 24.44 -8.22
C GLU A 458 -40.61 23.37 -9.21
N THR A 459 -39.35 23.42 -9.65
CA THR A 459 -38.88 22.46 -10.64
C THR A 459 -38.79 21.04 -10.07
N THR A 460 -38.21 20.89 -8.87
CA THR A 460 -37.90 19.57 -8.34
C THR A 460 -38.88 19.08 -7.29
N THR A 461 -40.06 19.70 -7.17
CA THR A 461 -41.01 19.27 -6.15
C THR A 461 -41.82 18.05 -6.55
N GLU A 462 -41.84 17.69 -7.83
CA GLU A 462 -42.81 16.69 -8.29
C GLU A 462 -42.30 15.26 -8.12
N SER A 463 -40.98 15.06 -8.16
CA SER A 463 -40.42 13.73 -8.02
C SER A 463 -39.31 13.69 -6.99
N HIS A 464 -38.64 14.82 -6.78
CA HIS A 464 -37.54 14.94 -5.83
C HIS A 464 -37.97 15.66 -4.56
N SER A 465 -39.18 15.33 -4.07
CA SER A 465 -39.82 16.04 -2.96
C SER A 465 -38.86 16.33 -1.81
N MET A 466 -38.33 15.28 -1.19
CA MET A 466 -37.36 15.42 -0.11
C MET A 466 -36.20 14.47 -0.32
N CYS A 467 -35.70 14.39 -1.55
CA CYS A 467 -34.53 13.57 -1.90
C CYS A 467 -33.71 14.40 -2.89
N LEU A 468 -32.75 15.16 -2.36
CA LEU A 468 -31.92 16.02 -3.17
C LEU A 468 -30.47 15.82 -2.74
N PRO A 469 -29.53 15.82 -3.68
CA PRO A 469 -28.13 15.55 -3.33
C PRO A 469 -27.53 16.69 -2.52
N PRO A 470 -26.51 16.42 -1.72
CA PRO A 470 -25.84 17.50 -0.99
C PRO A 470 -24.95 18.33 -1.91
N ILE A 471 -24.67 19.55 -1.47
CA ILE A 471 -23.78 20.41 -2.22
C ILE A 471 -22.39 19.78 -2.26
N TYR A 472 -21.78 19.81 -3.44
CA TYR A 472 -20.57 19.02 -3.71
C TYR A 472 -19.37 19.45 -2.89
N ASP A 473 -19.39 20.65 -2.29
CA ASP A 473 -18.21 21.25 -1.69
C ASP A 473 -18.14 21.02 -0.18
N HIS A 474 -19.04 20.21 0.37
CA HIS A 474 -19.17 20.14 1.82
C HIS A 474 -17.97 19.47 2.48
N ASP A 475 -17.43 18.40 1.90
CA ASP A 475 -16.25 17.76 2.50
C ASP A 475 -15.03 18.66 2.42
N PHE A 476 -14.84 19.34 1.29
CA PHE A 476 -13.74 20.28 1.14
C PHE A 476 -13.80 21.36 2.21
N VAL A 477 -14.96 22.00 2.35
CA VAL A 477 -15.05 23.10 3.30
C VAL A 477 -14.98 22.59 4.74
N ALA A 478 -15.46 21.38 5.02
CA ALA A 478 -15.33 20.83 6.36
C ALA A 478 -13.86 20.57 6.71
N ALA A 479 -13.09 20.08 5.75
CA ALA A 479 -11.66 19.88 5.99
C ALA A 479 -10.96 21.21 6.23
N TRP A 480 -11.32 22.24 5.45
CA TRP A 480 -10.71 23.56 5.68
C TRP A 480 -11.06 24.10 7.06
N LEU A 481 -12.30 23.89 7.51
CA LEU A 481 -12.70 24.37 8.82
C LEU A 481 -12.01 23.59 9.95
N LEU A 482 -11.79 22.28 9.78
CA LEU A 482 -11.02 21.54 10.77
C LEU A 482 -9.59 22.07 10.85
N LEU A 483 -8.98 22.34 9.69
CA LEU A 483 -7.62 22.87 9.71
C LEU A 483 -7.56 24.22 10.42
N LEU A 484 -8.54 25.09 10.15
CA LEU A 484 -8.56 26.38 10.84
C LEU A 484 -8.76 26.21 12.34
N LYS A 485 -9.65 25.31 12.74
CA LYS A 485 -9.87 25.05 14.16
C LYS A 485 -8.59 24.56 14.83
N SER A 486 -7.78 23.79 14.11
CA SER A 486 -6.50 23.35 14.68
C SER A 486 -5.50 24.50 14.77
N PHE A 487 -5.41 25.33 13.73
CA PHE A 487 -4.50 26.47 13.76
C PHE A 487 -4.82 27.44 14.90
N SER A 488 -6.10 27.71 15.12
CA SER A 488 -6.50 28.77 16.04
C SER A 488 -6.33 28.39 17.50
N ARG A 489 -5.61 27.32 17.80
CA ARG A 489 -5.47 26.83 19.16
C ARG A 489 -4.25 27.41 19.88
N SER A 490 -3.49 28.29 19.22
CA SER A 490 -2.26 28.84 19.77
C SER A 490 -2.33 30.36 19.82
N VAL A 491 -1.83 30.92 20.93
CA VAL A 491 -1.92 32.36 21.15
C VAL A 491 -0.98 33.12 20.20
N SER A 492 0.17 32.55 19.87
CA SER A 492 1.05 33.21 18.91
C SER A 492 0.37 33.39 17.56
N ALA A 493 -0.30 32.36 17.07
CA ALA A 493 -1.07 32.48 15.83
C ALA A 493 -2.27 33.41 15.99
N LEU A 494 -2.97 33.33 17.12
CA LEU A 494 -4.12 34.20 17.33
C LEU A 494 -3.74 35.67 17.40
N ARG A 495 -2.50 35.99 17.77
CA ARG A 495 -2.10 37.37 17.91
C ARG A 495 -1.23 37.89 16.77
N THR A 496 -0.61 37.01 15.98
CA THR A 496 0.29 37.46 14.93
C THR A 496 -0.20 37.14 13.53
N THR A 497 -0.44 35.88 13.20
CA THR A 497 -0.68 35.48 11.82
C THR A 497 -2.13 35.24 11.48
N LEU A 498 -2.95 34.84 12.44
CA LEU A 498 -4.38 34.63 12.21
C LEU A 498 -5.18 35.89 12.47
N LYS A 499 -4.53 37.01 12.77
CA LYS A 499 -5.23 38.27 13.02
C LYS A 499 -5.63 38.89 11.67
N ARG A 500 -6.60 38.23 11.04
CA ARG A 500 -7.23 38.72 9.82
C ARG A 500 -8.72 38.87 10.09
N ASN A 501 -9.27 40.03 9.71
CA ASN A 501 -10.71 40.21 9.85
C ASN A 501 -11.49 39.45 8.80
N LYS A 502 -10.83 39.06 7.70
CA LYS A 502 -11.52 38.31 6.66
C LYS A 502 -11.96 36.95 7.17
N ILE A 503 -11.13 36.29 7.99
CA ILE A 503 -11.49 34.98 8.52
C ILE A 503 -12.71 35.09 9.44
N ALA A 504 -12.74 36.10 10.30
CA ALA A 504 -13.90 36.29 11.16
C ALA A 504 -15.15 36.58 10.34
N GLN A 505 -15.02 37.42 9.31
CA GLN A 505 -16.16 37.70 8.44
C GLN A 505 -16.69 36.42 7.81
N LEU A 506 -15.78 35.58 7.30
CA LEU A 506 -16.21 34.36 6.64
C LEU A 506 -16.89 33.40 7.62
N LEU A 507 -16.37 33.30 8.84
CA LEU A 507 -16.98 32.41 9.83
C LEU A 507 -18.39 32.88 10.19
N LEU A 508 -18.56 34.18 10.44
CA LEU A 508 -19.88 34.69 10.77
C LEU A 508 -20.85 34.52 9.60
N GLN A 509 -20.37 34.74 8.38
CA GLN A 509 -21.22 34.56 7.20
C GLN A 509 -21.64 33.10 7.05
N ILE A 510 -20.72 32.16 7.30
CA ILE A 510 -21.07 30.75 7.19
C ILE A 510 -22.14 30.39 8.21
N LEU A 511 -22.00 30.87 9.46
CA LEU A 511 -23.04 30.61 10.45
C LEU A 511 -24.39 31.13 9.97
N SER A 512 -24.44 32.39 9.55
CA SER A 512 -25.71 32.99 9.15
C SER A 512 -26.32 32.25 7.96
N LYS A 513 -25.51 31.94 6.95
CA LYS A 513 -26.02 31.29 5.76
C LYS A 513 -26.53 29.89 6.04
N THR A 514 -25.81 29.12 6.85
CA THR A 514 -26.27 27.76 7.14
C THR A 514 -27.56 27.78 7.96
N TYR A 515 -27.67 28.69 8.93
CA TYR A 515 -28.94 28.76 9.66
C TYR A 515 -30.09 29.19 8.76
N THR A 516 -29.86 30.16 7.88
CA THR A 516 -30.91 30.57 6.95
C THR A 516 -31.31 29.43 6.03
N LEU A 517 -30.33 28.64 5.58
CA LEU A 517 -30.61 27.49 4.75
C LEU A 517 -31.48 26.48 5.50
N THR A 518 -31.15 26.23 6.77
CA THR A 518 -31.99 25.35 7.58
C THR A 518 -33.41 25.89 7.70
N LYS A 519 -33.54 27.20 7.90
CA LYS A 519 -34.87 27.78 8.11
C LYS A 519 -35.73 27.70 6.86
N GLU A 520 -35.15 27.99 5.70
CA GLU A 520 -35.95 28.24 4.50
C GLU A 520 -35.93 27.10 3.49
N CYS A 521 -34.88 26.29 3.43
CA CYS A 521 -34.75 25.29 2.39
C CYS A 521 -34.81 23.89 2.96
N TYR A 522 -35.77 23.64 3.86
CA TYR A 522 -35.96 22.32 4.43
C TYR A 522 -36.60 21.35 3.47
N PHE A 523 -37.10 21.82 2.32
CA PHE A 523 -37.68 20.93 1.33
C PHE A 523 -36.66 20.05 0.63
N ALA A 524 -35.37 20.29 0.84
CA ALA A 524 -34.34 19.55 0.13
C ALA A 524 -34.02 18.20 0.78
N GLY A 525 -34.59 17.90 1.93
CA GLY A 525 -34.45 16.60 2.55
C GLY A 525 -33.40 16.58 3.64
N GLN A 526 -33.00 15.37 4.01
CA GLN A 526 -31.99 15.16 5.04
C GLN A 526 -30.59 14.90 4.49
N ASP A 527 -30.49 14.38 3.26
CA ASP A 527 -29.18 14.23 2.64
C ASP A 527 -28.55 15.58 2.36
N PHE A 528 -29.36 16.59 2.07
CA PHE A 528 -28.86 17.93 1.77
C PHE A 528 -28.46 18.70 3.02
N MET A 529 -29.10 18.41 4.17
CA MET A 529 -29.00 19.28 5.33
C MET A 529 -28.02 18.80 6.39
N LYS A 530 -27.75 17.50 6.48
CA LYS A 530 -26.79 17.00 7.46
C LYS A 530 -25.41 17.63 7.30
N PRO A 531 -24.83 17.72 6.09
CA PRO A 531 -23.54 18.43 5.97
C PRO A 531 -23.61 19.88 6.41
N GLU A 532 -24.73 20.56 6.18
CA GLU A 532 -24.84 21.94 6.62
C GLU A 532 -24.85 22.05 8.14
N ILE A 533 -25.55 21.13 8.81
CA ILE A 533 -25.53 21.12 10.27
C ILE A 533 -24.13 20.83 10.79
N MET A 534 -23.43 19.89 10.16
CA MET A 534 -22.06 19.60 10.59
C MET A 534 -21.14 20.80 10.39
N ILE A 535 -21.29 21.50 9.27
CA ILE A 535 -20.48 22.69 9.03
C ILE A 535 -20.76 23.76 10.07
N MET A 536 -22.03 23.90 10.45
CA MET A 536 -22.39 24.84 11.52
C MET A 536 -21.70 24.47 12.83
N GLY A 537 -21.68 23.18 13.16
CA GLY A 537 -21.01 22.76 14.37
C GLY A 537 -19.52 23.06 14.36
N ILE A 538 -18.85 22.75 13.25
CA ILE A 538 -17.41 22.98 13.17
C ILE A 538 -17.09 24.48 13.19
N THR A 539 -17.89 25.30 12.51
CA THR A 539 -17.59 26.73 12.52
C THR A 539 -17.83 27.35 13.89
N LEU A 540 -18.81 26.84 14.65
CA LEU A 540 -18.93 27.28 16.04
C LEU A 540 -17.73 26.85 16.87
N GLY A 541 -17.27 25.62 16.67
CA GLY A 541 -16.11 25.13 17.39
C GLY A 541 -14.85 25.91 17.10
N SER A 542 -14.76 26.47 15.89
CA SER A 542 -13.61 27.32 15.56
C SER A 542 -13.80 28.76 15.99
N ILE A 543 -15.03 29.25 16.08
CA ILE A 543 -15.27 30.60 16.56
C ILE A 543 -14.97 30.72 18.05
N CYS A 544 -15.32 29.69 18.82
CA CYS A 544 -15.15 29.78 20.27
C CYS A 544 -13.71 29.96 20.71
N ASN A 545 -12.75 29.86 19.79
CA ASN A 545 -11.35 30.15 20.10
C ASN A 545 -11.01 31.60 19.83
N PHE A 546 -11.47 32.14 18.69
CA PHE A 546 -11.27 33.56 18.42
C PHE A 546 -11.99 34.42 19.45
N VAL A 547 -13.04 33.89 20.08
CA VAL A 547 -13.84 34.71 20.99
C VAL A 547 -13.15 34.91 22.35
N VAL A 548 -12.26 34.00 22.76
CA VAL A 548 -11.69 34.08 24.09
C VAL A 548 -10.92 35.40 24.25
N GLU A 549 -10.74 35.80 25.50
CA GLU A 549 -9.96 36.99 25.82
C GLU A 549 -8.51 36.77 25.41
N PHE A 550 -7.67 37.79 25.62
CA PHE A 550 -6.30 37.83 25.10
C PHE A 550 -6.23 37.34 23.67
N SER A 551 -7.22 37.73 22.87
CA SER A 551 -7.25 37.50 21.44
C SER A 551 -7.90 38.72 20.80
N ASN A 552 -7.27 39.26 19.76
CA ASN A 552 -7.64 40.58 19.25
C ASN A 552 -8.97 40.61 18.52
N LEU A 553 -9.55 39.45 18.19
CA LEU A 553 -10.76 39.43 17.37
C LEU A 553 -12.04 39.33 18.18
N GLN A 554 -11.96 39.32 19.51
CA GLN A 554 -13.17 39.27 20.33
C GLN A 554 -14.03 40.50 20.12
N SER A 555 -13.41 41.67 20.07
CA SER A 555 -14.16 42.90 19.86
C SER A 555 -14.83 42.90 18.48
N PHE A 556 -14.13 42.40 17.46
CA PHE A 556 -14.71 42.29 16.13
C PHE A 556 -15.93 41.37 16.13
N MET A 557 -15.79 40.19 16.73
CA MET A 557 -16.91 39.26 16.80
C MET A 557 -18.08 39.81 17.61
N LEU A 558 -17.82 40.58 18.67
CA LEU A 558 -18.90 41.16 19.45
C LEU A 558 -19.58 42.31 18.72
N ARG A 559 -18.81 43.14 18.00
CA ARG A 559 -19.41 44.21 17.21
C ARG A 559 -20.29 43.65 16.11
N ASN A 560 -19.85 42.59 15.44
CA ASN A 560 -20.59 42.05 14.31
C ASN A 560 -21.67 41.04 14.72
N GLY A 561 -22.12 41.08 15.96
CA GLY A 561 -23.30 40.35 16.35
C GLY A 561 -23.21 38.84 16.37
N ILE A 562 -22.46 38.30 17.34
CA ILE A 562 -22.45 36.86 17.55
C ILE A 562 -23.50 36.42 18.57
N ILE A 563 -23.80 37.29 19.55
CA ILE A 563 -24.83 36.96 20.53
C ILE A 563 -26.20 36.86 19.87
N ASP A 564 -26.47 37.70 18.86
CA ASP A 564 -27.75 37.63 18.18
C ASP A 564 -27.93 36.30 17.46
N ILE A 565 -26.86 35.83 16.78
CA ILE A 565 -26.92 34.55 16.10
C ILE A 565 -27.10 33.42 17.10
N ILE A 566 -26.37 33.48 18.22
CA ILE A 566 -26.52 32.43 19.24
C ILE A 566 -27.93 32.41 19.79
N GLU A 567 -28.52 33.59 20.00
CA GLU A 567 -29.88 33.66 20.53
C GLU A 567 -30.89 33.08 19.55
N LYS A 568 -30.77 33.43 18.26
CA LYS A 568 -31.66 32.84 17.27
C LYS A 568 -31.52 31.32 17.24
N MET A 569 -30.28 30.83 17.28
CA MET A 569 -30.05 29.40 17.20
C MET A 569 -30.55 28.66 18.43
N LEU A 570 -30.48 29.29 19.61
CA LEU A 570 -30.85 28.62 20.85
C LEU A 570 -32.33 28.75 21.20
N THR A 571 -33.05 29.67 20.59
CA THR A 571 -34.50 29.71 20.78
C THR A 571 -35.26 28.93 19.74
N ASP A 572 -34.58 28.33 18.78
CA ASP A 572 -35.21 27.53 17.75
C ASP A 572 -35.76 26.23 18.33
N PRO A 573 -36.97 25.82 17.97
CA PRO A 573 -37.49 24.53 18.44
C PRO A 573 -36.70 23.34 17.94
N LEU A 574 -35.94 23.49 16.85
CA LEU A 574 -35.13 22.37 16.36
C LEU A 574 -34.03 22.02 17.33
N PHE A 575 -33.35 23.02 17.90
CA PHE A 575 -32.26 22.78 18.83
C PHE A 575 -32.73 22.74 20.28
N ASN A 576 -33.70 23.57 20.65
CA ASN A 576 -34.19 23.65 22.02
C ASN A 576 -35.48 22.84 22.13
N SER A 577 -35.40 21.69 22.80
CA SER A 577 -36.56 20.80 22.88
C SER A 577 -37.64 21.32 23.83
N LYS A 578 -37.29 22.24 24.73
CA LYS A 578 -38.28 22.81 25.64
C LYS A 578 -39.15 23.87 24.98
N LYS A 579 -39.04 24.04 23.66
CA LYS A 579 -39.87 24.99 22.93
C LYS A 579 -40.79 24.22 21.98
N ALA A 580 -42.01 24.72 21.83
CA ALA A 580 -43.05 24.04 21.07
C ALA A 580 -43.11 24.57 19.66
N TRP A 581 -43.26 23.65 18.70
CA TRP A 581 -43.38 24.04 17.30
C TRP A 581 -44.66 24.83 17.06
N ASP A 582 -44.58 25.78 16.14
CA ASP A 582 -45.76 26.51 15.74
C ASP A 582 -46.63 25.62 14.85
N ASP A 583 -47.74 26.18 14.36
CA ASP A 583 -48.62 25.43 13.49
C ASP A 583 -48.25 25.52 12.01
N ASN A 584 -47.46 26.53 11.64
CA ASN A 584 -46.98 26.62 10.27
C ASN A 584 -45.77 25.74 10.00
N GLU A 585 -45.13 25.21 11.04
CA GLU A 585 -43.87 24.50 10.90
C GLU A 585 -44.00 22.99 11.05
N ASP A 586 -45.16 22.42 10.75
CA ASP A 586 -45.30 20.97 10.80
C ASP A 586 -44.47 20.30 9.71
N GLU A 587 -44.41 20.92 8.53
CA GLU A 587 -43.58 20.37 7.45
C GLU A 587 -42.12 20.34 7.84
N ARG A 588 -41.62 21.43 8.43
CA ARG A 588 -40.25 21.47 8.91
C ARG A 588 -40.02 20.46 10.01
N ARG A 589 -40.97 20.37 10.95
CA ARG A 589 -40.90 19.37 12.02
C ARG A 589 -40.73 17.98 11.47
N ILE A 590 -41.52 17.62 10.45
CA ILE A 590 -41.41 16.29 9.88
C ILE A 590 -40.10 16.12 9.10
N ALA A 591 -39.70 17.14 8.35
CA ALA A 591 -38.53 17.01 7.47
C ALA A 591 -37.23 16.88 8.26
N LEU A 592 -37.05 17.66 9.32
CA LEU A 592 -35.76 17.75 9.98
C LEU A 592 -35.68 16.97 11.28
N GLN A 593 -36.70 16.16 11.60
CA GLN A 593 -36.74 15.49 12.90
C GLN A 593 -35.59 14.52 13.12
N GLY A 594 -35.06 13.91 12.06
CA GLY A 594 -34.06 12.88 12.23
C GLY A 594 -32.65 13.36 12.51
N ILE A 595 -32.31 14.55 12.05
CA ILE A 595 -30.92 15.03 12.13
C ILE A 595 -30.53 15.24 13.58
N PRO A 596 -29.34 14.79 14.01
CA PRO A 596 -28.90 15.03 15.39
C PRO A 596 -28.17 16.36 15.55
N VAL A 597 -28.58 17.16 16.53
CA VAL A 597 -28.00 18.48 16.76
C VAL A 597 -27.62 18.56 18.24
N HIS A 598 -26.39 18.19 18.56
CA HIS A 598 -25.91 18.32 19.93
C HIS A 598 -24.59 19.06 19.95
N GLU A 599 -23.79 18.88 18.90
CA GLU A 599 -22.55 19.65 18.77
C GLU A 599 -22.84 21.13 18.66
N VAL A 600 -23.92 21.48 17.96
CA VAL A 600 -24.29 22.88 17.79
C VAL A 600 -24.64 23.51 19.13
N LYS A 601 -25.44 22.82 19.94
CA LYS A 601 -25.81 23.32 21.26
C LYS A 601 -24.59 23.43 22.17
N ALA A 602 -23.76 22.38 22.19
CA ALA A 602 -22.59 22.38 23.05
C ALA A 602 -21.65 23.52 22.70
N ASN A 603 -21.44 23.76 21.40
CA ASN A 603 -20.52 24.81 21.00
C ASN A 603 -21.12 26.20 21.18
N SER A 604 -22.44 26.34 21.07
CA SER A 604 -23.06 27.62 21.40
C SER A 604 -22.86 27.98 22.86
N LEU A 605 -23.07 27.00 23.75
CA LEU A 605 -22.80 27.26 25.15
C LEU A 605 -21.32 27.45 25.42
N TRP A 606 -20.46 26.81 24.62
CA TRP A 606 -19.02 27.02 24.76
C TRP A 606 -18.67 28.48 24.49
N VAL A 607 -19.21 29.02 23.40
CA VAL A 607 -18.95 30.39 23.00
C VAL A 607 -19.46 31.35 24.06
N LEU A 608 -20.67 31.11 24.59
CA LEU A 608 -21.16 31.98 25.65
C LEU A 608 -20.25 31.92 26.88
N ARG A 609 -19.80 30.72 27.24
CA ARG A 609 -18.91 30.57 28.39
C ARG A 609 -17.63 31.36 28.19
N HIS A 610 -17.07 31.33 26.98
CA HIS A 610 -15.84 32.07 26.72
C HIS A 610 -16.09 33.57 26.72
N LEU A 611 -17.24 34.01 26.21
CA LEU A 611 -17.59 35.42 26.25
C LEU A 611 -17.70 35.93 27.68
N MET A 612 -18.15 35.07 28.60
CA MET A 612 -18.32 35.46 29.99
C MET A 612 -17.08 35.28 30.84
N TYR A 613 -15.96 34.87 30.26
CA TYR A 613 -14.74 34.65 31.03
C TYR A 613 -14.09 35.98 31.40
N ASN A 614 -13.83 36.18 32.68
CA ASN A 614 -13.04 37.30 33.18
C ASN A 614 -13.58 38.64 32.67
N CYS A 615 -14.89 38.81 32.75
CA CYS A 615 -15.54 40.03 32.32
C CYS A 615 -16.23 40.68 33.52
N GLN A 616 -16.86 41.82 33.27
CA GLN A 616 -17.51 42.56 34.34
C GLN A 616 -19.02 42.36 34.32
N ASN A 617 -19.65 42.78 35.42
CA ASN A 617 -21.09 42.65 35.53
C ASN A 617 -21.85 43.42 34.48
N GLU A 618 -21.25 44.47 33.91
CA GLU A 618 -21.90 45.17 32.80
C GLU A 618 -22.09 44.24 31.61
N GLU A 619 -21.02 43.56 31.19
CA GLU A 619 -21.12 42.61 30.10
C GLU A 619 -22.02 41.44 30.47
N LYS A 620 -21.92 40.97 31.73
CA LYS A 620 -22.77 39.87 32.14
C LYS A 620 -24.24 40.23 32.04
N PHE A 621 -24.60 41.46 32.44
CA PHE A 621 -25.98 41.90 32.35
C PHE A 621 -26.42 42.14 30.91
N GLN A 622 -25.50 42.57 30.04
CA GLN A 622 -25.85 42.67 28.62
C GLN A 622 -26.21 41.30 28.05
N LEU A 623 -25.37 40.30 28.32
CA LEU A 623 -25.65 38.96 27.79
C LEU A 623 -26.91 38.38 28.43
N LEU A 624 -27.15 38.66 29.71
CA LEU A 624 -28.37 38.17 30.33
C LEU A 624 -29.61 38.93 29.86
N ALA A 625 -29.44 40.17 29.38
CA ALA A 625 -30.55 40.89 28.77
C ALA A 625 -30.92 40.30 27.43
N LYS A 626 -29.91 39.94 26.63
CA LYS A 626 -30.21 39.33 25.33
C LYS A 626 -30.71 37.90 25.50
N ILE A 627 -29.88 37.05 26.11
CA ILE A 627 -30.22 35.65 26.38
C ILE A 627 -30.57 35.54 27.87
N PRO A 628 -31.84 35.36 28.23
CA PRO A 628 -32.20 35.33 29.65
C PRO A 628 -31.71 34.09 30.37
N MET A 629 -32.00 33.99 31.68
CA MET A 629 -31.46 32.90 32.48
C MET A 629 -32.32 31.64 32.36
N ASN A 630 -33.63 31.78 32.14
CA ASN A 630 -34.45 30.60 31.89
C ASN A 630 -33.98 29.89 30.64
N LEU A 631 -33.61 30.64 29.60
CA LEU A 631 -33.10 30.03 28.38
C LEU A 631 -31.82 29.24 28.63
N ILE A 632 -30.92 29.76 29.46
CA ILE A 632 -29.70 29.02 29.79
C ILE A 632 -30.04 27.78 30.61
N LEU A 633 -31.01 27.89 31.51
CA LEU A 633 -31.39 26.75 32.35
C LEU A 633 -32.20 25.70 31.60
N ASP A 634 -32.68 26.02 30.40
CA ASP A 634 -33.39 25.02 29.60
C ASP A 634 -32.52 23.83 29.25
N PHE A 635 -31.19 23.96 29.33
CA PHE A 635 -30.26 22.92 28.94
C PHE A 635 -29.66 22.20 30.13
N ILE A 636 -30.10 22.50 31.35
CA ILE A 636 -29.45 21.96 32.53
C ILE A 636 -29.65 20.45 32.64
N ASN A 637 -30.74 19.92 32.10
CA ASN A 637 -31.06 18.50 32.17
C ASN A 637 -31.02 17.83 30.81
N ASP A 638 -30.22 18.36 29.89
CA ASP A 638 -30.17 17.81 28.54
C ASP A 638 -29.58 16.40 28.57
N PRO A 639 -30.14 15.47 27.78
CA PRO A 639 -29.65 14.09 27.81
C PRO A 639 -28.20 13.93 27.38
N CYS A 640 -27.64 14.88 26.63
CA CYS A 640 -26.24 14.78 26.22
C CYS A 640 -25.34 15.37 27.29
N TRP A 641 -24.24 14.68 27.58
CA TRP A 641 -23.37 15.11 28.68
C TRP A 641 -22.61 16.38 28.34
N ALA A 642 -22.24 16.58 27.08
CA ALA A 642 -21.50 17.77 26.70
C ALA A 642 -22.31 19.04 26.95
N VAL A 643 -23.60 18.99 26.62
CA VAL A 643 -24.46 20.16 26.81
C VAL A 643 -24.58 20.49 28.29
N GLN A 644 -24.76 19.47 29.13
CA GLN A 644 -24.81 19.70 30.57
C GLN A 644 -23.51 20.28 31.10
N ALA A 645 -22.38 19.74 30.65
CA ALA A 645 -21.08 20.23 31.10
C ALA A 645 -20.90 21.70 30.74
N GLN A 646 -21.25 22.06 29.51
CA GLN A 646 -21.07 23.44 29.09
C GLN A 646 -22.04 24.38 29.80
N CYS A 647 -23.25 23.91 30.11
CA CYS A 647 -24.17 24.72 30.90
C CYS A 647 -23.62 24.98 32.30
N PHE A 648 -23.05 23.95 32.93
CA PHE A 648 -22.51 24.14 34.27
C PHE A 648 -21.30 25.06 34.26
N GLN A 649 -20.43 24.93 33.26
CA GLN A 649 -19.28 25.83 33.18
C GLN A 649 -19.70 27.27 32.89
N LEU A 650 -20.73 27.45 32.05
CA LEU A 650 -21.26 28.79 31.83
C LEU A 650 -21.83 29.37 33.11
N LEU A 651 -22.51 28.54 33.91
CA LEU A 651 -23.03 29.03 35.18
C LEU A 651 -21.90 29.41 36.14
N ARG A 652 -20.82 28.63 36.15
CA ARG A 652 -19.64 29.04 36.93
C ARG A 652 -19.14 30.41 36.50
N ASN A 653 -18.90 30.59 35.20
CA ASN A 653 -18.36 31.86 34.72
C ASN A 653 -19.32 33.01 35.01
N LEU A 654 -20.62 32.75 35.01
CA LEU A 654 -21.60 33.81 35.27
C LEU A 654 -21.63 34.18 36.74
N THR A 655 -21.60 33.18 37.64
CA THR A 655 -21.69 33.48 39.07
C THR A 655 -20.38 33.95 39.65
N CYS A 656 -19.27 33.77 38.92
CA CYS A 656 -17.97 34.20 39.41
C CYS A 656 -17.94 35.70 39.72
N ASN A 657 -17.77 36.02 41.00
CA ASN A 657 -17.58 37.39 41.47
C ASN A 657 -18.78 38.28 41.09
N SER A 658 -19.95 37.89 41.60
CA SER A 658 -21.16 38.66 41.37
C SER A 658 -22.26 38.24 42.35
N ARG A 659 -22.85 39.21 43.05
CA ARG A 659 -23.91 38.90 43.99
C ARG A 659 -25.29 38.94 43.34
N LYS A 660 -25.50 39.85 42.40
CA LYS A 660 -26.79 39.94 41.73
C LYS A 660 -27.12 38.66 40.96
N ILE A 661 -26.15 38.13 40.23
CA ILE A 661 -26.40 36.93 39.43
C ILE A 661 -26.59 35.72 40.33
N VAL A 662 -25.89 35.67 41.46
CA VAL A 662 -26.12 34.60 42.43
C VAL A 662 -27.53 34.67 42.99
N ASN A 663 -28.02 35.88 43.29
CA ASN A 663 -29.38 36.02 43.76
C ASN A 663 -30.38 35.60 42.69
N ILE A 664 -30.11 35.94 41.42
CA ILE A 664 -30.99 35.53 40.34
C ILE A 664 -31.05 34.01 40.24
N LEU A 665 -29.88 33.36 40.30
CA LEU A 665 -29.84 31.90 40.22
C LEU A 665 -30.55 31.26 41.39
N LEU A 666 -30.43 31.83 42.59
CA LEU A 666 -31.17 31.32 43.74
C LEU A 666 -32.67 31.48 43.53
N GLU A 667 -33.10 32.62 42.97
CA GLU A 667 -34.52 32.85 42.71
C GLU A 667 -35.07 31.85 41.69
N LYS A 668 -34.26 31.44 40.72
CA LYS A 668 -34.75 30.51 39.71
C LYS A 668 -35.10 29.14 40.28
N PHE A 669 -34.68 28.84 41.50
CA PHE A 669 -34.96 27.54 42.11
C PHE A 669 -35.92 27.66 43.29
N THR A 689 -35.58 27.06 48.94
CA THR A 689 -34.81 26.83 47.71
C THR A 689 -34.16 25.46 47.73
N TYR A 690 -34.37 24.69 46.67
CA TYR A 690 -33.86 23.32 46.57
C TYR A 690 -32.63 23.23 45.67
N LEU A 691 -31.91 24.33 45.48
CA LEU A 691 -30.74 24.32 44.62
C LEU A 691 -29.69 23.35 45.15
N PHE A 692 -29.50 23.33 46.46
CA PHE A 692 -28.49 22.43 47.03
C PHE A 692 -28.91 20.97 46.93
N GLU A 693 -30.22 20.69 47.04
CA GLU A 693 -30.70 19.33 46.82
C GLU A 693 -30.47 18.91 45.37
N PHE A 694 -30.73 19.81 44.43
CA PHE A 694 -30.47 19.52 43.02
C PHE A 694 -29.01 19.22 42.78
N LEU A 695 -28.12 20.06 43.30
CA LEU A 695 -26.69 19.84 43.12
C LEU A 695 -26.22 18.57 43.80
N ALA A 696 -26.75 18.26 44.98
CA ALA A 696 -26.37 17.03 45.67
C ALA A 696 -26.78 15.80 44.87
N LYS A 697 -28.00 15.81 44.33
CA LYS A 697 -28.44 14.67 43.51
C LYS A 697 -27.55 14.53 42.27
N LYS A 698 -27.26 15.66 41.62
CA LYS A 698 -26.37 15.61 40.46
C LYS A 698 -25.02 15.02 40.82
N MET A 699 -24.44 15.49 41.92
CA MET A 699 -23.12 15.02 42.33
C MET A 699 -23.12 13.54 42.67
N ARG A 700 -24.16 13.06 43.36
CA ARG A 700 -24.19 11.64 43.69
C ARG A 700 -24.39 10.78 42.44
N LEU A 701 -25.22 11.23 41.49
CA LEU A 701 -25.58 10.37 40.37
C LEU A 701 -24.57 10.39 39.23
N LEU A 702 -23.83 11.48 39.05
CA LEU A 702 -22.90 11.55 37.92
C LEU A 702 -21.77 10.55 38.10
N ASN A 703 -21.20 10.12 36.97
CA ASN A 703 -20.17 9.08 36.95
C ASN A 703 -18.81 9.70 36.67
N PRO A 704 -17.89 9.72 37.65
CA PRO A 704 -16.63 10.46 37.46
C PRO A 704 -15.69 9.85 36.44
N LEU A 705 -16.01 8.69 35.87
CA LEU A 705 -15.12 8.09 34.87
C LEU A 705 -15.37 8.61 33.46
N ASP A 706 -16.38 9.46 33.27
CA ASP A 706 -16.66 10.11 32.01
C ASP A 706 -16.08 11.51 32.03
N THR A 707 -15.41 11.90 30.95
CA THR A 707 -14.74 13.20 30.91
C THR A 707 -15.76 14.34 31.06
N GLN A 708 -16.87 14.26 30.33
CA GLN A 708 -17.85 15.33 30.38
C GLN A 708 -18.57 15.39 31.72
N GLN A 709 -18.86 14.23 32.32
CA GLN A 709 -19.52 14.22 33.62
C GLN A 709 -18.57 14.73 34.71
N LYS A 710 -17.28 14.40 34.61
CA LYS A 710 -16.32 14.97 35.55
C LYS A 710 -16.19 16.47 35.38
N LYS A 711 -16.24 16.96 34.14
CA LYS A 711 -16.24 18.41 33.92
C LYS A 711 -17.46 19.05 34.56
N ALA A 712 -18.63 18.41 34.43
CA ALA A 712 -19.83 18.94 35.08
C ALA A 712 -19.70 18.93 36.60
N MET A 713 -19.07 17.89 37.15
CA MET A 713 -18.86 17.84 38.60
C MET A 713 -17.96 18.98 39.07
N GLU A 714 -16.87 19.25 38.34
CA GLU A 714 -16.02 20.37 38.66
C GLU A 714 -16.78 21.69 38.58
N GLY A 715 -17.61 21.84 37.55
CA GLY A 715 -18.44 23.03 37.44
C GLY A 715 -19.37 23.19 38.62
N ILE A 716 -19.98 22.10 39.09
CA ILE A 716 -20.89 22.17 40.23
C ILE A 716 -20.14 22.61 41.48
N LEU A 717 -18.98 21.98 41.73
CA LEU A 717 -18.22 22.33 42.93
C LEU A 717 -17.78 23.79 42.91
N TYR A 718 -17.35 24.28 41.75
CA TYR A 718 -16.92 25.67 41.71
C TYR A 718 -18.09 26.65 41.70
N ILE A 719 -19.28 26.24 41.26
CA ILE A 719 -20.48 27.05 41.52
C ILE A 719 -20.70 27.16 43.02
N ILE A 720 -20.51 26.07 43.75
CA ILE A 720 -20.63 26.12 45.20
C ILE A 720 -19.61 27.10 45.79
N VAL A 721 -18.38 27.07 45.26
CA VAL A 721 -17.35 28.00 45.74
C VAL A 721 -17.78 29.45 45.49
N ASN A 722 -18.18 29.76 44.26
CA ASN A 722 -18.57 31.12 43.91
C ASN A 722 -19.79 31.58 44.67
N LEU A 723 -20.65 30.65 45.08
CA LEU A 723 -21.81 30.99 45.90
C LEU A 723 -21.43 31.23 47.34
N ALA A 724 -20.49 30.45 47.87
CA ALA A 724 -20.06 30.63 49.25
C ALA A 724 -19.26 31.91 49.44
N ALA A 725 -18.54 32.35 48.41
CA ALA A 725 -17.65 33.49 48.54
C ALA A 725 -18.34 34.84 48.46
N VAL A 726 -19.65 34.93 48.67
CA VAL A 726 -20.37 36.18 48.42
C VAL A 726 -20.59 36.97 49.71
N ASN A 727 -21.37 36.40 50.63
CA ASN A 727 -21.72 37.10 51.86
C ASN A 727 -21.74 36.19 53.08
N GLU A 728 -21.87 36.78 54.26
CA GLU A 728 -22.10 36.00 55.47
C GLU A 728 -23.39 35.19 55.37
N ASN A 729 -24.43 35.78 54.78
CA ASN A 729 -25.67 35.06 54.58
C ASN A 729 -25.47 33.82 53.73
N LYS A 730 -24.71 33.95 52.63
CA LYS A 730 -24.48 32.81 51.76
C LYS A 730 -23.59 31.77 52.44
N LYS A 731 -22.60 32.22 53.22
CA LYS A 731 -21.76 31.28 53.96
C LYS A 731 -22.60 30.46 54.93
N GLN A 732 -23.50 31.13 55.66
CA GLN A 732 -24.39 30.43 56.58
C GLN A 732 -25.29 29.46 55.82
N LEU A 733 -25.85 29.91 54.69
CA LEU A 733 -26.77 29.07 53.94
C LEU A 733 -26.06 27.81 53.43
N VAL A 734 -24.82 27.95 52.97
CA VAL A 734 -24.08 26.77 52.51
C VAL A 734 -23.73 25.86 53.68
N ILE A 735 -23.36 26.41 54.83
CA ILE A 735 -23.00 25.53 55.95
C ILE A 735 -24.21 24.83 56.55
N GLU A 736 -25.43 25.38 56.39
CA GLU A 736 -26.60 24.69 56.94
C GLU A 736 -26.84 23.33 56.28
N GLN A 737 -26.57 23.22 54.97
CA GLN A 737 -26.87 21.99 54.25
C GLN A 737 -25.97 20.85 54.70
N ASP A 738 -26.54 19.64 54.73
CA ASP A 738 -25.83 18.47 55.22
C ASP A 738 -25.36 17.55 54.10
N GLU A 739 -26.12 17.45 53.01
CA GLU A 739 -25.69 16.64 51.89
C GLU A 739 -24.39 17.17 51.28
N ILE A 740 -24.26 18.50 51.24
CA ILE A 740 -23.04 19.10 50.70
C ILE A 740 -21.83 18.70 51.52
N LEU A 741 -21.95 18.76 52.85
CA LEU A 741 -20.85 18.36 53.71
C LEU A 741 -20.57 16.87 53.61
N ASN A 742 -21.62 16.06 53.43
CA ASN A 742 -21.41 14.63 53.23
C ASN A 742 -20.61 14.37 51.96
N ILE A 743 -20.94 15.07 50.88
CA ILE A 743 -20.20 14.90 49.62
C ILE A 743 -18.76 15.36 49.79
N MET A 744 -18.56 16.49 50.49
CA MET A 744 -17.20 16.98 50.72
C MET A 744 -16.38 15.97 51.51
N SER A 745 -16.98 15.38 52.55
CA SER A 745 -16.28 14.36 53.33
C SER A 745 -15.95 13.14 52.49
N GLU A 746 -16.90 12.69 51.67
CA GLU A 746 -16.65 11.54 50.81
C GLU A 746 -15.52 11.81 49.83
N ILE A 747 -15.43 13.04 49.32
CA ILE A 747 -14.35 13.38 48.42
C ILE A 747 -13.01 13.44 49.16
N LEU A 748 -13.00 14.02 50.35
CA LEU A 748 -11.75 14.24 51.08
C LEU A 748 -11.21 12.97 51.72
N VAL A 749 -12.04 11.95 51.97
CA VAL A 749 -11.52 10.72 52.55
C VAL A 749 -10.82 9.82 51.56
N GLU A 750 -10.94 10.11 50.27
CA GLU A 750 -10.29 9.29 49.25
C GLU A 750 -8.77 9.40 49.36
N THR A 751 -8.09 8.26 49.17
CA THR A 751 -6.63 8.21 49.21
C THR A 751 -6.15 7.34 48.06
N THR A 752 -4.87 6.99 48.10
CA THR A 752 -4.28 6.16 47.04
C THR A 752 -4.90 4.77 47.01
N THR A 753 -5.14 4.17 48.17
CA THR A 753 -5.70 2.83 48.21
C THR A 753 -7.21 2.85 48.03
N ASP A 754 -7.90 3.73 48.75
CA ASP A 754 -9.35 3.86 48.65
C ASP A 754 -9.65 4.86 47.55
N SER A 755 -9.91 4.35 46.35
CA SER A 755 -10.17 5.18 45.19
C SER A 755 -11.34 4.65 44.37
N SER A 756 -12.36 4.13 45.06
CA SER A 756 -13.51 3.56 44.37
C SER A 756 -14.24 4.63 43.57
N SER A 757 -14.78 5.64 44.26
CA SER A 757 -15.48 6.74 43.61
C SER A 757 -14.62 8.00 43.65
N TYR A 758 -14.82 8.85 42.64
CA TYR A 758 -14.15 10.14 42.50
C TYR A 758 -12.68 9.99 42.11
N GLY A 759 -12.18 8.76 42.12
CA GLY A 759 -10.84 8.48 41.63
C GLY A 759 -9.72 9.17 42.37
N ASN A 760 -9.96 9.66 43.59
CA ASN A 760 -8.96 10.38 44.37
C ASN A 760 -8.36 11.52 43.55
N ASP A 761 -9.21 12.50 43.24
CA ASP A 761 -8.89 13.52 42.25
C ASP A 761 -8.46 14.81 42.93
N SER A 762 -7.26 15.28 42.60
CA SER A 762 -6.71 16.47 43.23
C SER A 762 -7.54 17.71 42.90
N ASN A 763 -8.13 17.77 41.71
CA ASN A 763 -8.96 18.93 41.37
C ASN A 763 -10.18 19.01 42.27
N LEU A 764 -10.86 17.89 42.49
CA LEU A 764 -12.02 17.89 43.39
C LEU A 764 -11.61 18.18 44.82
N LYS A 765 -10.47 17.63 45.25
CA LYS A 765 -9.99 17.92 46.60
C LYS A 765 -9.71 19.41 46.77
N LEU A 766 -9.09 20.03 45.77
CA LEU A 766 -8.80 21.46 45.87
C LEU A 766 -10.07 22.29 45.82
N ALA A 767 -11.07 21.86 45.05
CA ALA A 767 -12.35 22.55 45.06
C ALA A 767 -12.99 22.51 46.44
N CYS A 768 -12.97 21.33 47.10
CA CYS A 768 -13.54 21.23 48.44
C CYS A 768 -12.77 22.07 49.44
N LEU A 769 -11.43 22.05 49.37
CA LEU A 769 -10.63 22.87 50.26
C LEU A 769 -10.92 24.36 50.04
N TRP A 770 -11.16 24.76 48.79
CA TRP A 770 -11.53 26.14 48.51
C TRP A 770 -12.89 26.48 49.11
N VAL A 771 -13.84 25.54 49.05
CA VAL A 771 -15.13 25.76 49.71
C VAL A 771 -14.93 26.04 51.19
N LEU A 772 -14.15 25.18 51.86
CA LEU A 772 -13.92 25.35 53.30
C LEU A 772 -13.21 26.66 53.59
N ASN A 773 -12.23 27.02 52.75
CA ASN A 773 -11.49 28.26 52.96
C ASN A 773 -12.40 29.47 52.84
N ASN A 774 -13.33 29.45 51.88
CA ASN A 774 -14.29 30.55 51.77
C ASN A 774 -15.28 30.54 52.93
N LEU A 775 -15.59 29.37 53.47
CA LEU A 775 -16.50 29.34 54.62
C LEU A 775 -15.85 29.91 55.86
N LEU A 776 -14.54 29.73 56.01
CA LEU A 776 -13.86 30.19 57.22
C LEU A 776 -13.28 31.60 57.09
N TRP A 777 -12.93 32.03 55.88
CA TRP A 777 -12.32 33.34 55.68
C TRP A 777 -13.40 34.42 55.69
N ASN A 778 -13.04 35.62 55.25
CA ASN A 778 -14.00 36.70 55.08
C ASN A 778 -13.71 37.42 53.76
N THR A 873 -17.46 38.10 63.35
CA THR A 873 -16.38 37.21 63.74
C THR A 873 -16.88 36.32 64.89
N ARG A 874 -18.20 36.31 65.10
CA ARG A 874 -18.78 35.48 66.15
C ARG A 874 -19.34 34.19 65.57
N ALA A 875 -20.07 34.27 64.47
CA ALA A 875 -20.59 33.07 63.83
C ALA A 875 -19.50 32.26 63.15
N THR A 876 -18.34 32.87 62.86
CA THR A 876 -17.25 32.12 62.26
C THR A 876 -16.75 31.04 63.19
N VAL A 877 -16.68 31.33 64.50
CA VAL A 877 -16.20 30.34 65.46
C VAL A 877 -17.21 29.21 65.61
N GLU A 878 -18.51 29.54 65.58
CA GLU A 878 -19.53 28.49 65.60
C GLU A 878 -19.41 27.61 64.37
N ARG A 879 -19.17 28.21 63.21
CA ARG A 879 -19.00 27.45 61.98
C ARG A 879 -17.76 26.55 62.07
N CYS A 880 -16.68 27.05 62.67
CA CYS A 880 -15.50 26.24 62.88
C CYS A 880 -15.79 25.05 63.78
N ARG A 881 -16.52 25.28 64.87
CA ARG A 881 -16.88 24.18 65.78
C ARG A 881 -17.73 23.14 65.06
N LYS A 882 -18.67 23.60 64.24
CA LYS A 882 -19.48 22.65 63.45
C LYS A 882 -18.61 21.84 62.52
N LEU A 883 -17.67 22.50 61.82
CA LEU A 883 -16.79 21.77 60.92
C LEU A 883 -15.92 20.77 61.66
N VAL A 884 -15.55 21.06 62.91
CA VAL A 884 -14.80 20.11 63.71
C VAL A 884 -15.67 18.92 64.09
N GLU A 885 -16.92 19.17 64.50
CA GLU A 885 -17.77 18.09 64.97
C GLU A 885 -18.21 17.18 63.83
N VAL A 886 -18.42 17.73 62.62
CA VAL A 886 -18.79 16.91 61.48
C VAL A 886 -17.66 15.96 61.09
N GLY A 887 -16.42 16.29 61.44
CA GLY A 887 -15.28 15.46 61.12
C GLY A 887 -14.43 15.92 59.97
N LEU A 888 -14.57 17.17 59.54
CA LEU A 888 -13.77 17.68 58.44
C LEU A 888 -12.39 18.17 58.89
N TYR A 889 -12.27 18.58 60.16
CA TYR A 889 -10.95 18.91 60.68
C TYR A 889 -10.01 17.73 60.60
N ASP A 890 -10.50 16.54 60.95
CA ASP A 890 -9.67 15.33 60.84
C ASP A 890 -9.26 15.06 59.41
N LEU A 891 -10.17 15.29 58.46
CA LEU A 891 -9.84 15.02 57.05
C LEU A 891 -8.82 16.02 56.53
N VAL A 892 -8.95 17.30 56.91
CA VAL A 892 -7.96 18.29 56.51
C VAL A 892 -6.60 17.95 57.13
N ARG A 893 -6.57 17.50 58.39
CA ARG A 893 -5.30 17.10 58.98
C ARG A 893 -4.75 15.84 58.32
N LYS A 894 -5.63 14.97 57.82
CA LYS A 894 -5.18 13.76 57.14
C LYS A 894 -4.62 14.06 55.76
N ASN A 895 -5.10 15.11 55.10
CA ASN A 895 -4.64 15.43 53.75
C ASN A 895 -3.31 16.15 53.73
N ILE A 896 -2.75 16.52 54.88
CA ILE A 896 -1.42 17.11 54.92
C ILE A 896 -0.37 16.13 54.43
N THR A 897 -0.61 14.82 54.58
CA THR A 897 0.32 13.80 54.13
C THR A 897 -0.04 13.24 52.75
N ASP A 898 -0.67 14.06 51.91
CA ASP A 898 -1.09 13.62 50.59
C ASP A 898 0.13 13.47 49.67
N GLU A 899 -0.13 13.11 48.42
CA GLU A 899 0.93 12.95 47.43
C GLU A 899 1.09 14.18 46.54
N SER A 900 0.08 15.05 46.50
CA SER A 900 0.16 16.25 45.67
C SER A 900 0.49 17.47 46.52
N LEU A 901 1.51 18.21 46.09
CA LEU A 901 2.01 19.35 46.86
C LEU A 901 0.96 20.43 47.01
N SER A 902 0.12 20.65 46.00
CA SER A 902 -0.89 21.68 46.10
C SER A 902 -1.89 21.38 47.22
N VAL A 903 -2.42 20.16 47.22
CA VAL A 903 -3.35 19.76 48.29
C VAL A 903 -2.65 19.80 49.63
N ARG A 904 -1.40 19.35 49.70
CA ARG A 904 -0.67 19.37 50.96
C ARG A 904 -0.59 20.78 51.54
N GLU A 905 -0.14 21.73 50.72
CA GLU A 905 0.04 23.10 51.22
C GLU A 905 -1.29 23.75 51.57
N LYS A 906 -2.31 23.58 50.72
CA LYS A 906 -3.60 24.19 51.01
C LYS A 906 -4.21 23.60 52.28
N ALA A 907 -4.11 22.28 52.46
CA ALA A 907 -4.62 21.65 53.66
C ALA A 907 -3.89 22.14 54.90
N ARG A 908 -2.57 22.27 54.83
CA ARG A 908 -1.84 22.70 56.02
C ARG A 908 -2.17 24.15 56.37
N THR A 909 -2.31 25.02 55.38
CA THR A 909 -2.70 26.40 55.68
C THR A 909 -4.10 26.47 56.27
N LEU A 910 -5.04 25.69 55.72
CA LEU A 910 -6.39 25.67 56.27
C LEU A 910 -6.40 25.14 57.69
N LEU A 911 -5.61 24.09 57.96
CA LEU A 911 -5.52 23.57 59.32
C LEU A 911 -4.94 24.61 60.27
N TYR A 912 -3.93 25.35 59.83
CA TYR A 912 -3.37 26.40 60.66
C TYR A 912 -4.42 27.46 61.00
N HIS A 913 -5.21 27.86 60.01
CA HIS A 913 -6.24 28.87 60.27
C HIS A 913 -7.32 28.34 61.21
N MET A 914 -7.72 27.07 61.04
CA MET A 914 -8.68 26.48 61.97
C MET A 914 -8.14 26.43 63.38
N ASP A 915 -6.87 26.05 63.53
CA ASP A 915 -6.25 26.02 64.85
C ASP A 915 -6.22 27.41 65.47
N LEU A 916 -5.95 28.43 64.65
CA LEU A 916 -5.94 29.80 65.16
C LEU A 916 -7.32 30.21 65.65
N LEU A 917 -8.36 29.90 64.88
CA LEU A 917 -9.70 30.29 65.29
C LEU A 917 -10.30 29.40 66.37
N LEU A 918 -9.69 28.26 66.68
CA LEU A 918 -10.23 27.35 67.68
C LEU A 918 -9.76 27.67 69.09
N LYS A 919 -9.35 28.91 69.37
CA LYS A 919 -8.94 29.29 70.71
C LYS A 919 -9.95 30.22 71.37
N PHE B 27 39.07 -6.59 -34.06
CA PHE B 27 38.93 -8.01 -34.35
C PHE B 27 39.76 -8.86 -33.40
N THR B 28 39.78 -8.46 -32.14
CA THR B 28 40.34 -9.27 -31.06
C THR B 28 39.45 -9.13 -29.84
N TYR B 29 39.47 -10.15 -28.98
CA TYR B 29 38.61 -10.13 -27.81
C TYR B 29 39.25 -9.34 -26.67
N GLY B 30 40.40 -9.80 -26.17
CA GLY B 30 41.15 -9.01 -25.21
C GLY B 30 40.74 -9.18 -23.76
N LYS B 31 39.51 -8.79 -23.42
CA LYS B 31 39.07 -8.85 -22.03
C LYS B 31 39.09 -10.27 -21.49
N LYS B 32 38.81 -11.25 -22.34
CA LYS B 32 38.99 -12.66 -22.05
C LYS B 32 38.76 -13.45 -23.33
N CYS B 33 39.40 -14.60 -23.42
CA CYS B 33 39.23 -15.48 -24.57
C CYS B 33 39.40 -16.92 -24.10
N PHE B 34 38.35 -17.71 -24.27
CA PHE B 34 38.35 -19.10 -23.84
C PHE B 34 38.65 -20.02 -25.01
N THR B 35 39.58 -20.95 -24.81
CA THR B 35 39.74 -22.06 -25.72
C THR B 35 38.70 -23.13 -25.37
N LYS B 36 38.60 -24.17 -26.20
CA LYS B 36 37.61 -25.20 -25.96
C LYS B 36 37.83 -25.89 -24.62
N GLU B 37 39.08 -26.20 -24.28
CA GLU B 37 39.35 -26.88 -23.02
C GLU B 37 39.06 -25.96 -21.82
N GLU B 38 39.39 -24.68 -21.94
CA GLU B 38 39.09 -23.75 -20.86
C GLU B 38 37.59 -23.59 -20.65
N TRP B 39 36.83 -23.53 -21.75
CA TRP B 39 35.38 -23.43 -21.62
C TRP B 39 34.79 -24.71 -21.03
N LYS B 40 35.34 -25.86 -21.39
CA LYS B 40 34.89 -27.10 -20.77
C LYS B 40 35.17 -27.11 -19.27
N GLU B 41 36.32 -26.58 -18.86
CA GLU B 41 36.59 -26.44 -17.43
C GLU B 41 35.59 -25.51 -16.75
N GLN B 42 35.28 -24.39 -17.40
CA GLN B 42 34.30 -23.46 -16.85
C GLN B 42 32.95 -24.12 -16.66
N VAL B 43 32.50 -24.91 -17.65
CA VAL B 43 31.22 -25.59 -17.54
C VAL B 43 31.25 -26.64 -16.43
N ALA B 44 32.34 -27.43 -16.38
CA ALA B 44 32.45 -28.47 -15.36
C ALA B 44 32.57 -27.90 -13.95
N LYS B 45 32.94 -26.62 -13.83
CA LYS B 45 33.02 -26.01 -12.50
C LYS B 45 31.66 -26.00 -11.80
N TYR B 46 30.58 -25.80 -12.55
CA TYR B 46 29.26 -25.65 -11.95
C TYR B 46 28.23 -26.66 -12.46
N SER B 47 28.62 -27.61 -13.32
CA SER B 47 27.65 -28.57 -13.84
C SER B 47 26.97 -29.41 -12.74
N ALA B 48 27.56 -29.51 -11.55
CA ALA B 48 26.99 -30.32 -10.48
C ALA B 48 25.81 -29.67 -9.78
N MET B 49 25.72 -28.34 -9.82
CA MET B 49 24.67 -27.63 -9.11
C MET B 49 23.30 -28.00 -9.66
N GLY B 50 23.18 -28.10 -10.98
CA GLY B 50 21.90 -28.46 -11.57
C GLY B 50 21.43 -29.84 -11.16
N GLU B 51 22.37 -30.74 -10.89
CA GLU B 51 21.98 -32.08 -10.47
C GLU B 51 21.68 -32.15 -8.98
N LEU B 52 22.37 -31.35 -8.16
CA LEU B 52 22.10 -31.42 -6.73
C LEU B 52 20.90 -30.60 -6.31
N TYR B 53 20.53 -29.56 -7.07
CA TYR B 53 19.32 -28.80 -6.74
C TYR B 53 18.04 -29.62 -6.93
N ALA B 54 18.10 -30.72 -7.67
CA ALA B 54 16.91 -31.52 -7.93
C ALA B 54 16.98 -32.85 -7.19
N PRO B 84 26.77 -33.33 -15.38
CA PRO B 84 26.62 -33.26 -16.84
C PRO B 84 25.25 -33.74 -17.32
N ILE B 85 24.42 -34.22 -16.39
CA ILE B 85 23.07 -34.66 -16.70
C ILE B 85 22.10 -33.62 -16.13
N GLU B 86 21.07 -33.29 -16.92
CA GLU B 86 20.06 -32.33 -16.51
C GLU B 86 18.78 -33.07 -16.14
N PRO B 87 18.55 -33.37 -14.86
CA PRO B 87 17.39 -34.20 -14.49
C PRO B 87 16.06 -33.49 -14.64
N THR B 88 16.06 -32.18 -14.82
CA THR B 88 14.83 -31.39 -14.88
C THR B 88 14.30 -31.23 -16.30
N LEU B 89 14.85 -31.95 -17.27
CA LEU B 89 14.51 -31.75 -18.67
C LEU B 89 13.21 -32.44 -19.09
N PRO B 90 12.93 -33.68 -18.66
CA PRO B 90 11.63 -34.27 -19.04
C PRO B 90 10.43 -33.48 -18.56
N ARG B 91 10.48 -32.90 -17.36
CA ARG B 91 9.36 -32.10 -16.88
C ARG B 91 9.20 -30.84 -17.71
N LEU B 92 10.31 -30.22 -18.10
CA LEU B 92 10.23 -29.06 -18.99
C LEU B 92 9.64 -29.44 -20.34
N LEU B 93 9.99 -30.62 -20.84
CA LEU B 93 9.43 -31.09 -22.10
C LEU B 93 7.93 -31.32 -22.00
N LEU B 94 7.48 -31.94 -20.91
CA LEU B 94 6.05 -32.15 -20.74
C LEU B 94 5.30 -30.83 -20.60
N ASN B 95 5.88 -29.88 -19.87
CA ASN B 95 5.28 -28.56 -19.76
C ASN B 95 5.15 -27.89 -21.13
N TYR B 96 6.20 -27.98 -21.95
CA TYR B 96 6.15 -27.41 -23.29
C TYR B 96 5.07 -28.07 -24.14
N PHE B 97 5.01 -29.40 -24.12
CA PHE B 97 4.03 -30.12 -24.92
C PHE B 97 2.61 -29.77 -24.51
N VAL B 98 2.34 -29.70 -23.21
CA VAL B 98 0.99 -29.39 -22.75
C VAL B 98 0.63 -27.94 -23.04
N SER B 99 1.53 -26.99 -22.75
CA SER B 99 1.20 -25.59 -22.92
C SER B 99 1.07 -25.20 -24.40
N MET B 100 1.73 -25.92 -25.30
CA MET B 100 1.57 -25.67 -26.72
C MET B 100 0.39 -26.41 -27.34
N ALA B 101 -0.32 -27.22 -26.54
CA ALA B 101 -1.48 -27.98 -27.00
C ALA B 101 -1.08 -29.01 -28.06
N TYR B 102 0.05 -29.67 -27.84
CA TYR B 102 0.47 -30.81 -28.66
C TYR B 102 -0.04 -32.09 -27.99
N GLU B 103 -1.18 -32.59 -28.46
CA GLU B 103 -1.92 -33.61 -27.73
C GLU B 103 -1.28 -35.00 -27.80
N ASP B 104 -0.85 -35.46 -28.97
CA ASP B 104 -0.31 -36.81 -29.07
C ASP B 104 1.01 -36.92 -28.31
N SER B 105 1.92 -35.97 -28.53
CA SER B 105 3.17 -35.96 -27.79
C SER B 105 2.94 -35.78 -26.30
N SER B 106 1.95 -34.95 -25.93
CA SER B 106 1.61 -34.78 -24.53
C SER B 106 1.21 -36.10 -23.89
N ILE B 107 0.33 -36.85 -24.54
CA ILE B 107 -0.14 -38.10 -23.98
C ILE B 107 1.00 -39.12 -23.89
N ARG B 108 1.82 -39.22 -24.94
CA ARG B 108 2.92 -40.18 -24.89
C ARG B 108 3.94 -39.82 -23.83
N MET B 109 4.26 -38.53 -23.69
CA MET B 109 5.22 -38.12 -22.67
C MET B 109 4.69 -38.36 -21.26
N ALA B 110 3.39 -38.12 -21.04
CA ALA B 110 2.81 -38.43 -19.75
C ALA B 110 2.84 -39.93 -19.46
N LYS B 111 2.56 -40.76 -20.47
CA LYS B 111 2.68 -42.20 -20.29
C LYS B 111 4.09 -42.60 -19.90
N GLU B 112 5.09 -42.02 -20.58
CA GLU B 112 6.47 -42.39 -20.30
C GLU B 112 6.90 -41.95 -18.90
N LEU B 113 6.55 -40.72 -18.51
CA LEU B 113 6.86 -40.26 -17.17
C LEU B 113 6.14 -41.04 -16.09
N GLY B 114 4.94 -41.55 -16.38
CA GLY B 114 4.28 -42.44 -15.45
C GLY B 114 3.03 -41.88 -14.81
N PHE B 115 2.40 -40.89 -15.45
CA PHE B 115 1.19 -40.27 -14.93
C PHE B 115 -0.07 -40.80 -15.60
N ILE B 116 0.05 -41.81 -16.46
CA ILE B 116 -1.09 -42.35 -17.20
C ILE B 116 -0.96 -43.87 -17.22
N ARG B 117 -2.07 -44.57 -16.90
CA ARG B 117 -2.07 -46.01 -16.87
C ARG B 117 -3.15 -46.65 -17.73
N ASN B 118 -4.16 -45.91 -18.16
CA ASN B 118 -5.25 -46.49 -18.94
C ASN B 118 -6.07 -45.38 -19.60
N ASN B 119 -7.10 -45.80 -20.35
CA ASN B 119 -7.91 -44.86 -21.11
C ASN B 119 -8.65 -43.89 -20.18
N LYS B 120 -9.04 -44.35 -18.99
CA LYS B 120 -9.63 -43.45 -18.01
C LYS B 120 -8.68 -42.33 -17.67
N ASP B 121 -7.41 -42.67 -17.43
CA ASP B 121 -6.40 -41.65 -17.14
C ASP B 121 -6.22 -40.70 -18.31
N ILE B 122 -6.20 -41.23 -19.53
CA ILE B 122 -6.03 -40.36 -20.70
C ILE B 122 -7.19 -39.37 -20.80
N ALA B 123 -8.41 -39.85 -20.62
CA ALA B 123 -9.58 -38.97 -20.70
C ALA B 123 -9.54 -37.92 -19.61
N VAL B 124 -9.18 -38.30 -18.39
CA VAL B 124 -9.14 -37.34 -17.29
C VAL B 124 -8.06 -36.30 -17.54
N PHE B 125 -6.90 -36.71 -18.07
CA PHE B 125 -5.84 -35.75 -18.38
C PHE B 125 -6.28 -34.74 -19.43
N ASN B 126 -6.84 -35.23 -20.53
CA ASN B 126 -7.30 -34.34 -21.58
C ASN B 126 -8.38 -33.39 -21.09
N ASP B 127 -9.33 -33.90 -20.30
CA ASP B 127 -10.38 -33.05 -19.73
C ASP B 127 -9.79 -32.01 -18.78
N LEU B 128 -8.83 -32.39 -17.95
CA LEU B 128 -8.26 -31.48 -16.97
C LEU B 128 -7.53 -30.33 -17.65
N TYR B 129 -6.75 -30.62 -18.69
CA TYR B 129 -5.94 -29.57 -19.29
C TYR B 129 -6.53 -28.96 -20.57
N LYS B 130 -7.70 -29.42 -21.02
CA LYS B 130 -8.41 -28.81 -22.14
C LYS B 130 -7.54 -28.76 -23.40
N ILE B 131 -6.73 -29.81 -23.60
CA ILE B 131 -5.78 -29.80 -24.70
C ILE B 131 -6.49 -29.84 -26.04
N LYS B 132 -7.47 -30.72 -26.19
CA LYS B 132 -8.17 -30.83 -27.48
C LYS B 132 -8.96 -29.56 -27.78
N GLU B 133 -9.61 -28.98 -26.77
CA GLU B 133 -10.37 -27.75 -26.99
C GLU B 133 -9.46 -26.61 -27.40
N ARG B 134 -8.33 -26.44 -26.70
CA ARG B 134 -7.40 -25.39 -27.04
C ARG B 134 -6.80 -25.60 -28.44
N PHE B 135 -6.49 -26.85 -28.78
CA PHE B 135 -5.96 -27.14 -30.11
C PHE B 135 -6.97 -26.84 -31.20
N HIS B 136 -8.24 -27.19 -30.97
CA HIS B 136 -9.28 -26.91 -31.95
C HIS B 136 -9.46 -25.42 -32.15
N ILE B 137 -9.47 -24.65 -31.06
CA ILE B 137 -9.60 -23.21 -31.19
C ILE B 137 -8.41 -22.62 -31.93
N LYS B 138 -7.20 -23.09 -31.62
CA LYS B 138 -6.01 -22.59 -32.30
C LYS B 138 -6.05 -22.91 -33.79
N HIS B 139 -6.48 -24.12 -34.14
CA HIS B 139 -6.60 -24.50 -35.55
C HIS B 139 -7.63 -23.64 -36.27
N LEU B 140 -8.79 -23.41 -35.65
CA LEU B 140 -9.82 -22.59 -36.28
C LEU B 140 -9.32 -21.17 -36.50
N ILE B 141 -8.55 -20.64 -35.55
CA ILE B 141 -7.96 -19.32 -35.76
C ILE B 141 -6.95 -19.36 -36.90
N LYS B 142 -6.14 -20.42 -36.98
CA LYS B 142 -5.13 -20.52 -38.01
C LYS B 142 -5.69 -20.81 -39.39
N LEU B 143 -6.95 -21.22 -39.50
CA LEU B 143 -7.59 -21.40 -40.80
C LEU B 143 -8.35 -20.16 -41.26
N GLY B 144 -8.28 -19.06 -40.51
CA GLY B 144 -8.96 -17.84 -40.88
C GLY B 144 -10.42 -17.78 -40.53
N ARG B 145 -10.96 -18.80 -39.86
CA ARG B 145 -12.37 -18.84 -39.47
C ARG B 145 -12.47 -18.40 -38.02
N ILE B 146 -12.73 -17.11 -37.82
CA ILE B 146 -12.64 -16.51 -36.50
C ILE B 146 -13.99 -16.46 -35.82
N ASN B 147 -15.07 -16.32 -36.61
CA ASN B 147 -16.40 -16.38 -36.03
C ASN B 147 -16.64 -17.73 -35.37
N GLU B 148 -16.24 -18.80 -36.05
CA GLU B 148 -16.41 -20.14 -35.48
C GLU B 148 -15.51 -20.34 -34.27
N ALA B 149 -14.30 -19.78 -34.29
CA ALA B 149 -13.41 -19.88 -33.13
C ALA B 149 -14.00 -19.17 -31.93
N MET B 150 -14.58 -17.98 -32.14
CA MET B 150 -15.20 -17.25 -31.03
C MET B 150 -16.42 -17.98 -30.51
N GLU B 151 -17.22 -18.58 -31.40
CA GLU B 151 -18.34 -19.39 -30.95
C GLU B 151 -17.86 -20.57 -30.12
N GLU B 152 -16.78 -21.21 -30.54
CA GLU B 152 -16.19 -22.30 -29.78
C GLU B 152 -15.75 -21.84 -28.40
N ILE B 153 -15.08 -20.69 -28.34
CA ILE B 153 -14.62 -20.17 -27.05
C ILE B 153 -15.81 -19.91 -26.13
N ASN B 154 -16.82 -19.21 -26.63
CA ASN B 154 -17.98 -18.87 -25.81
C ASN B 154 -18.72 -20.13 -25.34
N SER B 155 -18.82 -21.15 -26.19
CA SER B 155 -19.53 -22.35 -25.81
C SER B 155 -18.74 -23.23 -24.85
N ILE B 156 -17.42 -23.27 -24.97
CA ILE B 156 -16.62 -24.20 -24.16
C ILE B 156 -16.19 -23.58 -22.85
N PHE B 157 -15.58 -22.39 -22.88
CA PHE B 157 -15.00 -21.84 -21.67
C PHE B 157 -15.94 -20.90 -20.93
N GLY B 158 -16.82 -20.21 -21.64
CA GLY B 158 -17.78 -19.34 -20.99
C GLY B 158 -17.80 -17.94 -21.57
N LEU B 159 -18.86 -17.20 -21.28
CA LEU B 159 -18.98 -15.84 -21.81
C LEU B 159 -18.08 -14.84 -21.10
N GLU B 160 -17.29 -15.28 -20.12
CA GLU B 160 -16.42 -14.40 -19.38
C GLU B 160 -15.05 -14.23 -20.03
N VAL B 161 -14.66 -15.11 -20.95
CA VAL B 161 -13.34 -15.04 -21.54
C VAL B 161 -13.25 -13.83 -22.47
N LEU B 162 -14.25 -13.63 -23.33
CA LEU B 162 -14.26 -12.52 -24.26
C LEU B 162 -14.95 -11.28 -23.70
N GLU B 163 -15.41 -11.32 -22.45
CA GLU B 163 -16.12 -10.19 -21.88
C GLU B 163 -15.49 -9.76 -20.56
N ASP B 192 -7.39 -6.91 -24.12
CA ASP B 192 -8.14 -6.49 -25.30
C ASP B 192 -7.87 -7.39 -26.50
N LEU B 193 -8.02 -8.70 -26.28
CA LEU B 193 -7.80 -9.67 -27.36
C LEU B 193 -8.99 -9.75 -28.29
N HIS B 194 -10.19 -9.41 -27.81
CA HIS B 194 -11.37 -9.43 -28.67
C HIS B 194 -11.24 -8.43 -29.80
N PHE B 195 -10.69 -7.24 -29.51
CA PHE B 195 -10.46 -6.25 -30.54
C PHE B 195 -9.52 -6.78 -31.62
N LYS B 196 -8.45 -7.46 -31.22
CA LYS B 196 -7.52 -8.04 -32.18
C LYS B 196 -8.20 -9.13 -33.01
N LEU B 197 -9.03 -9.96 -32.38
CA LEU B 197 -9.75 -10.99 -33.13
C LEU B 197 -10.69 -10.36 -34.15
N LEU B 198 -11.39 -9.30 -33.78
CA LEU B 198 -12.27 -8.62 -34.74
C LEU B 198 -11.48 -8.01 -35.89
N LEU B 199 -10.34 -7.37 -35.59
CA LEU B 199 -9.50 -6.82 -36.64
C LEU B 199 -9.03 -7.90 -37.60
N LEU B 200 -8.59 -9.03 -37.05
CA LEU B 200 -8.12 -10.12 -37.91
C LEU B 200 -9.26 -10.69 -38.74
N ASN B 201 -10.49 -10.69 -38.21
CA ASN B 201 -11.64 -11.12 -39.01
C ASN B 201 -11.89 -10.15 -40.16
N LEU B 202 -11.78 -8.85 -39.91
CA LEU B 202 -11.94 -7.87 -40.98
C LEU B 202 -10.89 -8.07 -42.07
N ILE B 203 -9.64 -8.29 -41.66
CA ILE B 203 -8.57 -8.54 -42.62
C ILE B 203 -8.83 -9.82 -43.40
N GLU B 204 -9.36 -10.84 -42.73
CA GLU B 204 -9.69 -12.09 -43.40
C GLU B 204 -10.77 -11.88 -44.45
N MET B 205 -11.79 -11.08 -44.14
CA MET B 205 -12.82 -10.79 -45.14
C MET B 205 -12.23 -10.04 -46.32
N ILE B 206 -11.34 -9.08 -46.06
CA ILE B 206 -10.67 -8.35 -47.14
C ILE B 206 -9.92 -9.32 -48.05
N ARG B 207 -9.13 -10.20 -47.45
CA ARG B 207 -8.34 -11.15 -48.23
C ARG B 207 -9.23 -12.11 -49.00
N SER B 208 -10.30 -12.58 -48.38
CA SER B 208 -11.20 -13.52 -49.04
C SER B 208 -11.88 -12.89 -50.23
N HIS B 209 -12.23 -11.60 -50.15
CA HIS B 209 -12.81 -10.95 -51.33
C HIS B 209 -11.76 -10.70 -52.40
N HIS B 210 -10.56 -10.24 -52.02
CA HIS B 210 -9.54 -9.95 -53.02
C HIS B 210 -9.12 -11.22 -53.76
N GLN B 211 -8.99 -12.33 -53.06
CA GLN B 211 -8.67 -13.60 -53.70
C GLN B 211 -9.88 -14.18 -54.41
N SER B 219 -17.85 -2.56 -57.36
CA SER B 219 -16.64 -2.78 -56.59
C SER B 219 -16.56 -1.84 -55.41
N ASN B 220 -17.68 -1.18 -55.12
CA ASN B 220 -17.79 -0.24 -54.01
C ASN B 220 -18.73 -0.68 -52.92
N ASP B 221 -19.81 -1.38 -53.28
CA ASP B 221 -20.76 -1.88 -52.28
C ASP B 221 -20.06 -2.73 -51.23
N PHE B 222 -19.05 -3.49 -51.64
CA PHE B 222 -18.25 -4.25 -50.70
C PHE B 222 -17.58 -3.33 -49.68
N ILE B 223 -16.98 -2.23 -50.16
CA ILE B 223 -16.35 -1.28 -49.25
C ILE B 223 -17.38 -0.69 -48.31
N LEU B 224 -18.59 -0.41 -48.80
CA LEU B 224 -19.64 0.12 -47.94
C LEU B 224 -20.01 -0.88 -46.85
N ASN B 225 -20.13 -2.16 -47.20
CA ASN B 225 -20.48 -3.16 -46.20
C ASN B 225 -19.40 -3.26 -45.13
N LEU B 226 -18.12 -3.23 -45.52
CA LEU B 226 -17.08 -3.29 -44.50
C LEU B 226 -16.98 -2.01 -43.69
N ILE B 227 -17.32 -0.86 -44.26
CA ILE B 227 -17.39 0.35 -43.45
C ILE B 227 -18.49 0.23 -42.41
N GLN B 228 -19.64 -0.31 -42.80
CA GLN B 228 -20.72 -0.52 -41.83
C GLN B 228 -20.29 -1.47 -40.73
N TYR B 229 -19.61 -2.57 -41.12
CA TYR B 229 -19.15 -3.53 -40.12
C TYR B 229 -18.18 -2.90 -39.15
N SER B 230 -17.22 -2.12 -39.66
CA SER B 230 -16.25 -1.46 -38.80
C SER B 230 -16.92 -0.49 -37.85
N GLN B 231 -17.87 0.31 -38.37
CA GLN B 231 -18.57 1.27 -37.52
C GLN B 231 -19.41 0.58 -36.48
N ASN B 232 -19.98 -0.58 -36.80
CA ASN B 232 -20.85 -1.28 -35.86
C ASN B 232 -20.06 -1.97 -34.76
N LYS B 233 -18.91 -2.57 -35.10
CA LYS B 233 -18.21 -3.41 -34.15
C LYS B 233 -16.97 -2.78 -33.54
N LEU B 234 -16.12 -2.12 -34.34
CA LEU B 234 -14.78 -1.75 -33.90
C LEU B 234 -14.66 -0.32 -33.41
N ALA B 235 -15.63 0.55 -33.72
CA ALA B 235 -15.48 1.97 -33.45
C ALA B 235 -15.39 2.24 -31.94
N ILE B 236 -16.36 1.73 -31.18
CA ILE B 236 -16.41 2.03 -29.76
C ILE B 236 -15.24 1.37 -29.02
N LYS B 237 -14.86 0.15 -29.42
CA LYS B 237 -13.71 -0.50 -28.80
C LYS B 237 -12.43 0.29 -29.05
N ALA B 238 -12.23 0.76 -30.28
CA ALA B 238 -11.01 1.50 -30.58
C ALA B 238 -11.04 2.93 -30.04
N SER B 239 -12.20 3.46 -29.68
CA SER B 239 -12.27 4.83 -29.19
C SER B 239 -11.43 5.02 -27.93
N SER B 240 -11.46 4.07 -27.02
CA SER B 240 -10.79 4.23 -25.73
C SER B 240 -9.30 3.91 -25.82
N SER B 241 -8.62 4.50 -26.80
CA SER B 241 -7.18 4.34 -27.00
C SER B 241 -6.72 5.22 -28.15
N VAL B 242 -5.43 5.16 -28.47
CA VAL B 242 -4.94 5.78 -29.70
C VAL B 242 -4.28 4.70 -30.56
N LYS B 243 -3.70 3.69 -29.91
CA LYS B 243 -3.07 2.60 -30.65
C LYS B 243 -4.09 1.82 -31.47
N LYS B 244 -5.26 1.54 -30.89
CA LYS B 244 -6.33 0.90 -31.64
C LYS B 244 -6.83 1.79 -32.77
N MET B 245 -6.86 3.11 -32.55
CA MET B 245 -7.19 4.03 -33.62
C MET B 245 -6.24 3.88 -34.79
N GLN B 246 -4.93 3.85 -34.52
CA GLN B 246 -3.97 3.70 -35.60
C GLN B 246 -4.11 2.34 -36.28
N GLU B 247 -4.43 1.29 -35.52
CA GLU B 247 -4.63 -0.01 -36.13
C GLU B 247 -5.84 -0.03 -37.07
N LEU B 248 -6.95 0.57 -36.66
CA LEU B 248 -8.09 0.68 -37.58
C LEU B 248 -7.72 1.51 -38.80
N GLU B 249 -6.96 2.58 -38.61
CA GLU B 249 -6.55 3.38 -39.76
C GLU B 249 -5.73 2.56 -40.74
N LEU B 250 -4.79 1.77 -40.22
CA LEU B 250 -4.00 0.89 -41.07
C LEU B 250 -4.89 -0.09 -41.84
N ALA B 251 -5.81 -0.74 -41.13
CA ALA B 251 -6.67 -1.73 -41.78
C ALA B 251 -7.57 -1.09 -42.83
N MET B 252 -8.03 0.13 -42.57
CA MET B 252 -8.95 0.78 -43.51
C MET B 252 -8.20 1.26 -44.75
N THR B 253 -6.98 1.75 -44.57
CA THR B 253 -6.12 2.01 -45.73
C THR B 253 -5.90 0.75 -46.55
N LEU B 254 -5.63 -0.37 -45.86
CA LEU B 254 -5.44 -1.64 -46.56
C LEU B 254 -6.67 -2.01 -47.39
N LEU B 255 -7.85 -1.80 -46.81
CA LEU B 255 -9.08 -2.06 -47.57
C LEU B 255 -9.20 -1.14 -48.76
N LEU B 256 -8.84 0.14 -48.59
CA LEU B 256 -8.99 1.11 -49.67
C LEU B 256 -8.02 0.82 -50.82
N PHE B 257 -6.85 0.26 -50.54
CA PHE B 257 -5.90 -0.06 -51.60
C PHE B 257 -6.49 -1.08 -52.57
N PRO B 258 -6.16 -0.97 -53.87
CA PRO B 258 -6.60 -1.93 -54.88
C PRO B 258 -5.57 -3.03 -55.13
N LYS B 272 6.62 -0.40 -45.25
CA LYS B 272 5.34 -0.87 -45.75
C LYS B 272 4.71 -1.86 -44.78
N SER B 273 3.90 -1.34 -43.86
CA SER B 273 3.22 -2.19 -42.88
C SER B 273 1.97 -2.85 -43.46
N LEU B 274 1.49 -2.40 -44.61
CA LEU B 274 0.34 -3.05 -45.22
C LEU B 274 0.67 -4.46 -45.67
N GLN B 275 1.82 -4.65 -46.31
CA GLN B 275 2.29 -5.99 -46.64
C GLN B 275 2.66 -6.79 -45.41
N ASN B 276 2.84 -6.15 -44.26
CA ASN B 276 3.08 -6.86 -43.02
C ASN B 276 1.78 -7.42 -42.46
N LEU B 277 0.74 -6.58 -42.37
CA LEU B 277 -0.53 -7.03 -41.82
C LEU B 277 -1.28 -7.94 -42.78
N TYR B 278 -1.03 -7.81 -44.08
CA TYR B 278 -1.66 -8.69 -45.06
C TYR B 278 -1.09 -10.11 -45.01
N SER B 279 0.00 -10.33 -44.27
CA SER B 279 0.68 -11.62 -44.25
C SER B 279 -0.10 -12.60 -43.38
N ILE B 280 0.51 -13.76 -43.10
CA ILE B 280 -0.14 -14.84 -42.37
C ILE B 280 0.45 -15.04 -40.99
N SER B 281 1.60 -14.43 -40.67
CA SER B 281 2.20 -14.60 -39.36
C SER B 281 1.35 -13.99 -38.26
N LEU B 282 0.54 -12.98 -38.60
CA LEU B 282 -0.35 -12.36 -37.62
C LEU B 282 -1.36 -13.38 -37.10
N ARG B 283 -1.85 -14.24 -37.98
CA ARG B 283 -2.77 -15.29 -37.57
C ARG B 283 -2.16 -16.17 -36.48
N SER B 284 -0.91 -16.62 -36.70
CA SER B 284 -0.24 -17.47 -35.72
C SER B 284 0.04 -16.72 -34.43
N LYS B 285 0.42 -15.45 -34.53
CA LYS B 285 0.67 -14.68 -33.31
C LYS B 285 -0.58 -14.56 -32.46
N ILE B 286 -1.71 -14.26 -33.10
CA ILE B 286 -2.96 -14.09 -32.35
C ILE B 286 -3.42 -15.43 -31.78
N ALA B 287 -3.21 -16.52 -32.53
CA ALA B 287 -3.56 -17.84 -32.00
C ALA B 287 -2.75 -18.18 -30.76
N ASP B 288 -1.44 -17.85 -30.78
CA ASP B 288 -0.62 -18.11 -29.60
C ASP B 288 -1.06 -17.27 -28.41
N LEU B 289 -1.40 -16.00 -28.64
CA LEU B 289 -1.91 -15.17 -27.56
C LEU B 289 -3.18 -15.75 -26.96
N VAL B 290 -4.10 -16.21 -27.81
CA VAL B 290 -5.35 -16.79 -27.33
C VAL B 290 -5.06 -18.03 -26.49
N ASN B 291 -4.14 -18.88 -26.95
CA ASN B 291 -3.84 -20.11 -26.21
C ASN B 291 -3.26 -19.79 -24.83
N GLU B 292 -2.33 -18.83 -24.77
CA GLU B 292 -1.74 -18.47 -23.48
C GLU B 292 -2.80 -17.90 -22.54
N LYS B 293 -3.71 -17.07 -23.06
CA LYS B 293 -4.76 -16.50 -22.21
CA LYS B 293 -4.74 -16.50 -22.21
C LYS B 293 -5.71 -17.57 -21.70
N LEU B 294 -5.99 -18.58 -22.53
CA LEU B 294 -6.86 -19.66 -22.08
C LEU B 294 -6.21 -20.46 -20.95
N LEU B 295 -4.91 -20.75 -21.06
CA LEU B 295 -4.21 -21.39 -19.94
C LEU B 295 -4.28 -20.55 -18.67
N LYS B 296 -3.98 -19.25 -18.80
CA LYS B 296 -4.02 -18.39 -17.62
C LYS B 296 -5.42 -18.34 -17.02
N PHE B 297 -6.45 -18.46 -17.85
CA PHE B 297 -7.82 -18.40 -17.36
C PHE B 297 -8.22 -19.68 -16.64
N ILE B 298 -7.78 -20.84 -17.13
CA ILE B 298 -8.21 -22.10 -16.53
C ILE B 298 -7.24 -22.66 -15.49
N HIS B 299 -6.15 -21.96 -15.18
CA HIS B 299 -5.25 -22.44 -14.13
C HIS B 299 -5.92 -22.64 -12.77
N PRO B 300 -6.73 -21.71 -12.24
CA PRO B 300 -7.29 -21.94 -10.89
C PRO B 300 -8.12 -23.20 -10.76
N ARG B 301 -8.89 -23.54 -11.81
CA ARG B 301 -9.66 -24.78 -11.77
C ARG B 301 -8.74 -25.99 -11.66
N ILE B 302 -7.62 -25.96 -12.38
CA ILE B 302 -6.66 -27.07 -12.31
C ILE B 302 -6.08 -27.17 -10.91
N GLN B 303 -5.74 -26.03 -10.30
CA GLN B 303 -5.28 -26.06 -8.91
C GLN B 303 -6.31 -26.70 -8.00
N PHE B 304 -7.57 -26.31 -8.13
CA PHE B 304 -8.62 -26.85 -7.26
C PHE B 304 -8.79 -28.35 -7.47
N GLU B 305 -8.82 -28.81 -8.72
CA GLU B 305 -9.01 -30.24 -8.95
C GLU B 305 -7.82 -31.05 -8.48
N ILE B 306 -6.61 -30.52 -8.59
CA ILE B 306 -5.46 -31.26 -8.08
C ILE B 306 -5.46 -31.30 -6.55
N SER B 307 -5.86 -30.21 -5.89
CA SER B 307 -5.80 -30.17 -4.44
C SER B 307 -6.98 -30.90 -3.79
N ASN B 308 -8.20 -30.42 -4.04
CA ASN B 308 -9.39 -31.02 -3.43
C ASN B 308 -9.50 -32.49 -3.78
N ASN B 309 -9.72 -32.80 -5.05
CA ASN B 309 -9.67 -34.18 -5.50
C ASN B 309 -8.21 -34.64 -5.46
N ASN B 310 -7.94 -35.70 -4.70
CA ASN B 310 -6.56 -36.13 -4.52
C ASN B 310 -6.06 -36.80 -5.78
N SER B 311 -5.68 -35.99 -6.78
CA SER B 311 -5.27 -36.46 -8.08
C SER B 311 -3.76 -36.72 -8.10
N LYS B 312 -3.36 -37.60 -9.02
CA LYS B 312 -1.95 -37.90 -9.23
C LYS B 312 -1.30 -37.03 -10.29
N PHE B 313 -2.10 -36.33 -11.10
CA PHE B 313 -1.54 -35.51 -12.16
C PHE B 313 -0.88 -34.27 -11.57
N PRO B 314 0.21 -33.80 -12.15
CA PRO B 314 0.95 -32.69 -11.57
C PRO B 314 0.49 -31.33 -12.06
N ASP B 315 0.84 -30.31 -11.28
CA ASP B 315 0.65 -28.93 -11.70
C ASP B 315 1.88 -28.55 -12.52
N LEU B 316 1.77 -28.64 -13.85
CA LEU B 316 2.92 -28.36 -14.70
C LEU B 316 3.36 -26.91 -14.56
N LEU B 317 2.41 -25.99 -14.52
CA LEU B 317 2.70 -24.63 -14.12
C LEU B 317 2.90 -24.58 -12.61
N ASN B 318 3.73 -23.63 -12.16
CA ASN B 318 3.87 -23.34 -10.73
C ASN B 318 4.33 -24.59 -9.94
N SER B 319 5.59 -24.94 -10.15
CA SER B 319 6.27 -25.80 -9.19
C SER B 319 6.02 -25.30 -7.77
N ASP B 320 5.95 -26.24 -6.83
CA ASP B 320 5.32 -26.00 -5.53
C ASP B 320 5.91 -24.78 -4.83
N LYS B 321 7.24 -24.75 -4.68
CA LYS B 321 7.85 -23.78 -3.78
C LYS B 321 8.04 -22.42 -4.46
N LYS B 322 6.99 -21.90 -5.10
CA LYS B 322 6.97 -20.55 -5.64
C LYS B 322 5.57 -19.99 -5.44
N ILE B 323 5.26 -18.90 -6.12
CA ILE B 323 3.92 -18.30 -6.05
C ILE B 323 3.50 -17.81 -7.43
N ILE B 324 2.21 -17.92 -7.71
CA ILE B 324 1.57 -17.25 -8.85
C ILE B 324 0.39 -16.47 -8.34
N THR B 325 0.31 -15.20 -8.72
CA THR B 325 -0.82 -14.36 -8.39
C THR B 325 -1.54 -13.97 -9.68
N GLN B 326 -2.87 -14.08 -9.65
CA GLN B 326 -3.66 -13.78 -10.84
C GLN B 326 -3.82 -12.28 -11.07
N ASN B 327 -3.49 -11.45 -10.08
CA ASN B 327 -3.62 -10.01 -10.19
C ASN B 327 -2.27 -9.37 -10.48
N PHE B 328 -2.26 -8.43 -11.41
CA PHE B 328 -1.06 -7.69 -11.77
C PHE B 328 -1.09 -6.32 -11.06
N THR B 329 -0.13 -6.09 -10.18
CA THR B 329 -0.03 -4.84 -9.44
C THR B 329 1.23 -4.10 -9.82
N VAL B 330 1.24 -2.81 -9.54
CA VAL B 330 2.36 -1.92 -9.86
C VAL B 330 2.75 -1.17 -8.60
N TYR B 331 3.98 -1.35 -8.16
CA TYR B 331 4.52 -0.63 -7.02
C TYR B 331 5.41 0.50 -7.51
N ASN B 332 5.39 1.63 -6.79
CA ASN B 332 6.18 2.77 -7.19
C ASN B 332 6.84 3.47 -5.99
N ASN B 333 8.13 3.74 -6.13
CA ASN B 333 8.89 4.35 -5.04
C ASN B 333 8.58 5.83 -4.90
N ASN B 334 8.50 6.55 -6.01
CA ASN B 334 8.38 8.01 -5.98
C ASN B 334 6.98 8.43 -5.59
N LEU B 335 6.58 8.11 -4.36
CA LEU B 335 5.28 8.47 -3.81
C LEU B 335 5.48 8.62 -2.31
N VAL B 336 4.39 8.55 -1.54
CA VAL B 336 4.50 8.71 -0.10
C VAL B 336 5.41 7.62 0.47
N ASN B 337 6.58 8.01 0.94
CA ASN B 337 7.56 7.11 1.56
C ASN B 337 8.66 7.98 2.16
N GLY B 338 9.71 7.35 2.67
CA GLY B 338 10.85 8.03 3.24
C GLY B 338 12.02 8.27 2.31
N SER B 339 11.88 7.96 1.02
CA SER B 339 13.02 8.03 0.10
C SER B 339 13.38 9.46 -0.27
N ASN B 340 12.57 10.44 0.11
CA ASN B 340 12.89 11.83 -0.14
C ASN B 340 13.89 12.33 0.91
N GLY B 341 14.10 13.64 0.94
CA GLY B 341 14.94 14.24 1.95
C GLY B 341 14.11 14.70 3.14
N THR B 342 14.65 15.70 3.84
CA THR B 342 13.91 16.41 4.87
C THR B 342 13.48 17.79 4.38
N LYS B 343 13.16 17.91 3.10
CA LYS B 343 12.80 19.17 2.49
C LYS B 343 11.32 19.21 2.18
N ILE B 344 10.70 20.37 2.40
CA ILE B 344 9.27 20.56 2.19
C ILE B 344 9.09 21.53 1.03
N THR B 345 8.34 21.12 0.02
CA THR B 345 8.06 21.99 -1.11
C THR B 345 6.88 22.90 -0.80
N HIS B 346 6.91 24.10 -1.33
CA HIS B 346 5.92 25.12 -1.02
C HIS B 346 4.90 25.26 -2.15
N ILE B 347 3.79 25.91 -1.81
CA ILE B 347 2.71 26.12 -2.77
C ILE B 347 3.17 27.11 -3.83
N SER B 348 2.90 26.78 -5.09
CA SER B 348 3.30 27.63 -6.21
C SER B 348 2.11 28.20 -6.98
N SER B 349 0.88 27.95 -6.53
CA SER B 349 -0.31 28.41 -7.23
C SER B 349 -1.06 29.40 -6.35
N ASP B 350 -1.42 30.54 -6.94
CA ASP B 350 -2.21 31.57 -6.25
C ASP B 350 -3.63 31.62 -6.78
N GLN B 351 -4.07 30.60 -7.51
CA GLN B 351 -5.38 30.57 -8.09
C GLN B 351 -6.27 29.59 -7.35
N PRO B 352 -7.51 29.98 -7.03
CA PRO B 352 -8.39 29.10 -6.26
C PRO B 352 -8.68 27.78 -6.99
N ILE B 353 -8.89 26.73 -6.19
CA ILE B 353 -9.13 25.40 -6.73
C ILE B 353 -10.44 25.36 -7.51
N ASN B 354 -11.40 26.20 -7.16
CA ASN B 354 -12.71 26.15 -7.82
C ASN B 354 -12.70 26.73 -9.22
N GLU B 355 -11.63 27.41 -9.62
CA GLU B 355 -11.51 27.91 -10.98
C GLU B 355 -10.82 26.92 -11.91
N LYS B 356 -10.06 25.98 -11.36
CA LYS B 356 -9.34 25.01 -12.16
C LYS B 356 -10.16 23.76 -12.47
N MET B 357 -11.42 23.71 -12.05
CA MET B 357 -12.25 22.55 -12.32
C MET B 357 -12.96 22.69 -13.66
N ALA B 366 -22.58 16.09 -14.88
CA ALA B 366 -21.32 15.38 -14.69
C ALA B 366 -21.46 13.92 -15.10
N ASN B 367 -20.55 13.09 -14.59
CA ASN B 367 -20.54 11.67 -14.89
C ASN B 367 -21.31 10.84 -13.86
N SER B 368 -21.90 11.48 -12.85
CA SER B 368 -22.66 10.78 -11.84
C SER B 368 -24.16 10.89 -12.12
N VAL B 369 -24.91 9.92 -11.62
CA VAL B 369 -26.36 9.88 -11.77
C VAL B 369 -26.98 9.82 -10.38
N TRP B 370 -27.95 10.69 -10.14
CA TRP B 370 -28.64 10.73 -8.85
C TRP B 370 -29.85 9.81 -8.93
N LEU B 371 -29.84 8.76 -8.10
CA LEU B 371 -30.89 7.76 -8.07
C LEU B 371 -31.49 7.69 -6.68
N ASN B 372 -32.77 7.30 -6.61
CA ASN B 372 -33.51 7.28 -5.37
C ASN B 372 -34.08 5.90 -5.10
N GLN B 373 -34.34 5.65 -3.82
CA GLN B 373 -34.87 4.35 -3.40
C GLN B 373 -36.27 4.14 -3.94
N ARG B 374 -36.61 2.87 -4.19
CA ARG B 374 -37.94 2.51 -4.67
C ARG B 374 -38.71 1.77 -3.58
N ALA B 383 -37.13 -4.78 6.99
CA ALA B 383 -36.39 -3.66 6.44
C ALA B 383 -35.84 -4.00 5.05
N ALA B 384 -35.27 -2.99 4.40
CA ALA B 384 -34.67 -3.15 3.08
C ALA B 384 -33.17 -2.93 3.17
N THR B 385 -32.43 -3.68 2.36
CA THR B 385 -30.97 -3.65 2.38
C THR B 385 -30.44 -2.72 1.30
N THR B 386 -29.52 -1.85 1.67
CA THR B 386 -28.82 -1.00 0.73
C THR B 386 -27.33 -1.35 0.75
N PHE B 387 -26.63 -0.95 -0.29
CA PHE B 387 -25.23 -1.29 -0.46
C PHE B 387 -24.39 -0.02 -0.53
N HIS B 388 -23.08 -0.19 -0.40
CA HIS B 388 -22.16 0.93 -0.49
C HIS B 388 -22.17 1.52 -1.89
N ASN B 389 -21.90 2.82 -1.97
CA ASN B 389 -21.82 3.53 -3.24
C ASN B 389 -20.35 3.64 -3.61
N LEU B 390 -19.89 2.78 -4.52
CA LEU B 390 -18.49 2.71 -4.91
C LEU B 390 -18.13 3.72 -5.98
N GLU B 391 -18.89 4.80 -6.12
CA GLU B 391 -18.58 5.82 -7.10
C GLU B 391 -17.42 6.67 -6.59
N ASN B 392 -16.36 6.76 -7.40
CA ASN B 392 -15.18 7.55 -7.07
C ASN B 392 -14.51 7.06 -5.80
N LYS B 393 -14.07 5.81 -5.82
CA LYS B 393 -13.32 5.22 -4.71
C LYS B 393 -11.94 4.75 -5.15
N ASN B 394 -11.43 5.27 -6.26
CA ASN B 394 -10.05 5.07 -6.68
C ASN B 394 -9.40 6.40 -7.01
N TYR B 395 -9.76 7.41 -6.21
CA TYR B 395 -9.23 8.75 -6.39
C TYR B 395 -7.71 8.78 -6.20
N TRP B 396 -7.20 8.03 -5.23
CA TRP B 396 -5.77 8.03 -5.00
C TRP B 396 -5.02 7.46 -6.19
N ASN B 397 -5.54 6.39 -6.79
CA ASN B 397 -4.88 5.80 -7.95
C ASN B 397 -5.00 6.68 -9.18
N GLN B 398 -6.11 7.41 -9.34
CA GLN B 398 -6.23 8.31 -10.47
C GLN B 398 -5.47 9.62 -10.27
N THR B 399 -5.10 9.97 -9.04
CA THR B 399 -4.42 11.23 -8.80
C THR B 399 -2.91 11.08 -8.61
N SER B 400 -2.46 9.94 -8.08
CA SER B 400 -1.04 9.79 -7.78
C SER B 400 -0.18 9.87 -9.05
N GLU B 401 -0.73 9.49 -10.19
CA GLU B 401 0.00 9.57 -11.44
C GLU B 401 0.04 10.98 -12.02
N LEU B 402 -0.66 11.93 -11.41
CA LEU B 402 -0.47 13.34 -11.72
C LEU B 402 0.65 13.98 -10.91
N LEU B 403 0.95 13.43 -9.73
CA LEU B 403 1.97 13.99 -8.87
C LEU B 403 3.36 13.46 -9.25
N PHE B 415 8.58 -0.75 -11.13
CA PHE B 415 8.48 -2.03 -10.43
C PHE B 415 7.06 -2.59 -10.49
N ASN B 416 6.98 -3.91 -10.69
CA ASN B 416 5.71 -4.61 -10.71
C ASN B 416 6.01 -6.09 -10.53
N ASN B 417 4.95 -6.88 -10.31
CA ASN B 417 5.13 -8.30 -10.08
C ASN B 417 5.00 -9.07 -11.40
N TYR B 418 5.85 -8.69 -12.35
CA TYR B 418 5.90 -9.42 -13.61
C TYR B 418 6.23 -10.89 -13.38
N TYR B 419 7.25 -11.15 -12.57
CA TYR B 419 7.74 -12.52 -12.37
C TYR B 419 6.61 -13.44 -11.95
N SER B 420 6.07 -13.23 -10.75
CA SER B 420 5.05 -14.11 -10.21
C SER B 420 3.70 -13.94 -10.88
N SER B 421 3.45 -12.79 -11.53
CA SER B 421 2.16 -12.58 -12.17
C SER B 421 2.07 -13.29 -13.51
N GLU B 422 2.97 -12.95 -14.44
CA GLU B 422 2.84 -13.39 -15.82
C GLU B 422 4.11 -14.01 -16.38
N PHE B 423 5.13 -14.23 -15.55
CA PHE B 423 6.25 -15.04 -16.02
C PHE B 423 5.86 -16.49 -16.30
N PRO B 424 5.11 -17.17 -15.42
CA PRO B 424 4.98 -18.63 -15.56
C PRO B 424 3.98 -19.08 -16.61
N TYR B 425 3.37 -18.18 -17.37
CA TYR B 425 2.32 -18.57 -18.30
C TYR B 425 2.83 -18.75 -19.72
N GLU B 426 4.14 -18.72 -19.92
CA GLU B 426 4.83 -19.05 -21.15
C GLU B 426 5.46 -20.41 -21.03
N PRO B 427 5.70 -21.11 -22.14
CA PRO B 427 6.50 -22.33 -22.06
C PRO B 427 7.89 -22.03 -21.52
N ARG B 428 8.41 -22.91 -20.68
CA ARG B 428 9.65 -22.63 -19.98
C ARG B 428 10.85 -22.69 -20.92
N LEU B 429 10.81 -23.59 -21.90
CA LEU B 429 11.92 -23.71 -22.83
C LEU B 429 12.09 -22.45 -23.68
N THR B 430 10.98 -21.77 -24.00
CA THR B 430 11.08 -20.53 -24.76
C THR B 430 11.87 -19.47 -23.99
N GLN B 431 11.61 -19.35 -22.69
CA GLN B 431 12.29 -18.34 -21.89
C GLN B 431 13.73 -18.75 -21.59
N ILE B 432 13.99 -20.05 -21.48
CA ILE B 432 15.37 -20.50 -21.38
C ILE B 432 16.16 -20.13 -22.64
N MET B 433 15.53 -20.30 -23.81
CA MET B 433 16.20 -19.92 -25.05
C MET B 433 16.42 -18.41 -25.13
N LYS B 434 15.46 -17.62 -24.64
CA LYS B 434 15.65 -16.17 -24.61
C LYS B 434 16.84 -15.79 -23.72
N LEU B 435 16.95 -16.43 -22.55
CA LEU B 435 18.14 -16.20 -21.70
C LEU B 435 19.41 -16.56 -22.44
N TRP B 436 19.42 -17.70 -23.15
CA TRP B 436 20.60 -18.14 -23.86
C TRP B 436 21.05 -17.09 -24.88
N CYS B 437 20.12 -16.63 -25.71
CA CYS B 437 20.47 -15.63 -26.72
C CYS B 437 20.96 -14.33 -26.08
N TRP B 438 20.27 -13.87 -25.04
CA TRP B 438 20.67 -12.63 -24.39
C TRP B 438 22.07 -12.74 -23.80
N CYS B 439 22.37 -13.86 -23.14
CA CYS B 439 23.70 -14.04 -22.54
C CYS B 439 24.78 -14.06 -23.61
N GLU B 440 24.54 -14.77 -24.71
CA GLU B 440 25.53 -14.80 -25.78
C GLU B 440 25.81 -13.40 -26.32
N ASN B 441 24.75 -12.63 -26.58
CA ASN B 441 24.94 -11.29 -27.12
C ASN B 441 25.64 -10.37 -26.13
N GLN B 442 25.35 -10.52 -24.83
CA GLN B 442 26.02 -9.68 -23.85
C GLN B 442 27.51 -10.02 -23.74
N LEU B 443 27.86 -11.30 -23.77
CA LEU B 443 29.26 -11.67 -23.76
C LEU B 443 29.98 -11.14 -24.99
N HIS B 444 29.34 -11.20 -26.16
CA HIS B 444 29.96 -10.61 -27.34
C HIS B 444 30.13 -9.10 -27.18
N HIS B 445 29.10 -8.41 -26.67
CA HIS B 445 29.17 -6.97 -26.53
C HIS B 445 30.26 -6.54 -25.56
N ASN B 446 30.60 -7.38 -24.58
CA ASN B 446 31.64 -7.05 -23.62
C ASN B 446 33.01 -7.59 -24.01
N GLN B 447 33.14 -8.13 -25.22
CA GLN B 447 34.41 -8.64 -25.74
C GLN B 447 34.97 -9.74 -24.84
N ILE B 448 34.17 -10.78 -24.64
CA ILE B 448 34.60 -12.02 -24.01
C ILE B 448 34.34 -13.15 -25.00
N GLY B 449 35.34 -13.99 -25.23
CA GLY B 449 35.21 -15.02 -26.23
C GLY B 449 34.85 -16.38 -25.67
N VAL B 450 33.66 -16.87 -26.01
CA VAL B 450 33.24 -18.20 -25.58
C VAL B 450 32.84 -19.00 -26.83
N PRO B 451 33.19 -20.28 -26.91
CA PRO B 451 32.75 -21.10 -28.04
C PRO B 451 31.26 -21.39 -27.95
N ARG B 452 30.54 -21.06 -29.02
CA ARG B 452 29.10 -21.29 -29.07
C ARG B 452 28.80 -22.78 -29.10
N VAL B 453 27.53 -23.10 -28.90
CA VAL B 453 27.06 -24.49 -28.96
C VAL B 453 26.99 -24.92 -30.41
N GLU B 454 27.50 -26.12 -30.69
CA GLU B 454 27.42 -26.68 -32.02
C GLU B 454 26.18 -27.56 -32.16
N ASN B 455 25.88 -27.94 -33.39
CA ASN B 455 24.72 -28.76 -33.71
C ASN B 455 23.45 -28.00 -33.35
N MET C 5 21.92 -33.84 -1.70
CA MET C 5 21.33 -32.74 -0.93
C MET C 5 19.83 -32.94 -0.73
N ASP C 6 19.46 -33.47 0.42
CA ASP C 6 18.07 -33.75 0.74
C ASP C 6 17.49 -32.62 1.59
N ASP C 7 16.28 -32.85 2.11
CA ASP C 7 15.62 -31.84 2.93
C ASP C 7 16.33 -31.60 4.26
N VAL C 8 17.02 -32.60 4.80
CA VAL C 8 17.76 -32.39 6.04
C VAL C 8 18.89 -31.39 5.80
N ASP C 9 19.63 -31.54 4.69
CA ASP C 9 20.68 -30.59 4.37
C ASP C 9 20.10 -29.22 4.00
N ARG C 10 18.98 -29.20 3.28
CA ARG C 10 18.35 -27.93 2.96
C ARG C 10 17.79 -27.25 4.18
N GLU C 11 17.59 -27.97 5.29
CA GLU C 11 17.21 -27.35 6.55
C GLU C 11 18.42 -26.87 7.33
N PHE C 12 19.50 -27.65 7.34
CA PHE C 12 20.72 -27.20 7.99
C PHE C 12 21.25 -25.92 7.37
N ILE C 13 21.27 -25.84 6.04
CA ILE C 13 21.75 -24.64 5.38
C ILE C 13 20.86 -23.44 5.69
N ASN C 14 19.54 -23.64 5.67
CA ASN C 14 18.64 -22.55 6.00
C ASN C 14 18.84 -22.06 7.43
N CYS C 15 19.16 -22.97 8.34
CA CYS C 15 19.45 -22.56 9.71
C CYS C 15 20.83 -21.93 9.84
N LEU C 16 21.75 -22.20 8.91
CA LEU C 16 23.10 -21.66 9.02
C LEU C 16 23.22 -20.27 8.41
N PHE C 17 22.89 -20.13 7.13
CA PHE C 17 23.22 -18.91 6.40
C PHE C 17 22.00 -18.02 6.24
N PRO C 18 22.20 -16.72 6.00
CA PRO C 18 21.06 -15.82 5.79
C PRO C 18 20.28 -16.12 4.51
N SER C 19 18.97 -15.90 4.59
CA SER C 19 18.06 -16.27 3.52
C SER C 19 18.23 -15.42 2.27
N TYR C 20 18.34 -14.10 2.42
CA TYR C 20 18.52 -13.25 1.25
C TYR C 20 19.82 -13.58 0.51
N LEU C 21 20.85 -14.01 1.24
CA LEU C 21 22.04 -14.53 0.58
C LEU C 21 21.75 -15.84 -0.12
N LEU C 22 20.97 -16.71 0.52
CA LEU C 22 20.66 -18.00 -0.09
C LEU C 22 19.74 -17.89 -1.31
N GLN C 23 19.15 -16.72 -1.55
CA GLN C 23 18.34 -16.51 -2.74
C GLN C 23 19.09 -15.75 -3.84
N GLN C 24 20.40 -15.89 -3.88
CA GLN C 24 21.27 -15.21 -4.83
C GLN C 24 22.19 -16.23 -5.49
N PRO C 25 22.90 -15.83 -6.56
CA PRO C 25 23.88 -16.74 -7.15
C PRO C 25 25.09 -17.05 -6.26
N VAL C 26 25.13 -16.55 -5.03
CA VAL C 26 26.18 -16.93 -4.10
C VAL C 26 25.82 -18.23 -3.41
N ALA C 27 24.56 -18.64 -3.53
CA ALA C 27 24.12 -19.89 -2.92
C ALA C 27 24.93 -21.07 -3.44
N TYR C 28 25.46 -20.96 -4.66
CA TYR C 28 26.33 -22.00 -5.18
C TYR C 28 27.57 -22.17 -4.31
N ASP C 29 28.24 -21.07 -3.99
CA ASP C 29 29.43 -21.13 -3.14
C ASP C 29 29.08 -21.60 -1.74
N LEU C 30 27.94 -21.14 -1.21
CA LEU C 30 27.55 -21.59 0.13
C LEU C 30 27.28 -23.09 0.16
N TRP C 31 26.62 -23.60 -0.88
CA TRP C 31 26.39 -25.04 -0.97
C TRP C 31 27.71 -25.80 -1.09
N ILE C 32 28.68 -25.24 -1.83
CA ILE C 32 29.98 -25.88 -1.93
C ILE C 32 30.65 -25.98 -0.56
N LEU C 33 30.60 -24.90 0.22
CA LEU C 33 31.17 -24.94 1.57
C LEU C 33 30.51 -26.03 2.40
N TYR C 34 29.18 -26.04 2.43
CA TYR C 34 28.48 -27.04 3.25
C TYR C 34 28.83 -28.44 2.80
N LEU C 35 28.85 -28.71 1.50
CA LEU C 35 29.21 -30.03 1.01
C LEU C 35 30.63 -30.42 1.35
N GLN C 36 31.58 -29.48 1.32
CA GLN C 36 32.94 -29.78 1.74
C GLN C 36 33.03 -30.11 3.22
N HIS C 37 32.15 -29.57 4.06
CA HIS C 37 32.14 -29.91 5.47
C HIS C 37 30.83 -30.58 5.90
N ARG C 38 30.37 -31.55 5.10
CA ARG C 38 29.14 -32.25 5.44
C ARG C 38 29.29 -33.13 6.69
N LYS C 39 30.49 -33.69 6.90
CA LYS C 39 30.66 -34.72 7.93
C LYS C 39 30.30 -34.22 9.32
N LEU C 40 30.43 -32.92 9.56
CA LEU C 40 30.12 -32.38 10.89
C LEU C 40 28.64 -32.50 11.22
N PHE C 41 27.78 -32.53 10.20
CA PHE C 41 26.34 -32.56 10.42
C PHE C 41 25.73 -33.90 10.06
N LEU C 69 7.67 -30.57 13.42
CA LEU C 69 8.30 -31.15 14.60
C LEU C 69 9.68 -31.68 14.28
N THR C 70 9.89 -32.10 13.02
CA THR C 70 11.21 -32.53 12.59
C THR C 70 12.18 -31.35 12.59
N ARG C 71 11.71 -30.17 12.17
CA ARG C 71 12.52 -28.98 12.28
C ARG C 71 12.92 -28.71 13.73
N LYS C 72 12.01 -29.00 14.66
CA LYS C 72 12.34 -28.85 16.08
C LYS C 72 13.48 -29.78 16.48
N GLU C 73 13.45 -31.03 16.00
CA GLU C 73 14.54 -31.96 16.27
C GLU C 73 15.85 -31.45 15.68
N ILE C 74 15.80 -30.92 14.46
CA ILE C 74 17.02 -30.43 13.82
C ILE C 74 17.58 -29.24 14.58
N TRP C 75 16.70 -28.37 15.09
CA TRP C 75 17.16 -27.25 15.89
C TRP C 75 17.81 -27.72 17.19
N SER C 76 17.23 -28.75 17.82
CA SER C 76 17.86 -29.30 19.01
C SER C 76 19.23 -29.89 18.70
N LYS C 77 19.36 -30.56 17.57
CA LYS C 77 20.65 -31.14 17.18
C LYS C 77 21.68 -30.05 16.94
N LEU C 78 21.30 -29.00 16.21
CA LEU C 78 22.23 -27.90 15.97
C LEU C 78 22.52 -27.09 17.23
N MET C 79 21.64 -27.18 18.23
CA MET C 79 21.96 -26.59 19.54
C MET C 79 22.96 -27.47 20.28
N ASN C 80 22.85 -28.78 20.12
CA ASN C 80 23.89 -29.68 20.62
C ASN C 80 25.23 -29.38 19.97
N LEU C 81 25.23 -29.02 18.69
CA LEU C 81 26.44 -28.54 18.03
C LEU C 81 26.79 -27.15 18.57
N GLY C 82 27.82 -26.53 17.99
CA GLY C 82 28.38 -25.32 18.53
C GLY C 82 27.46 -24.12 18.68
N VAL C 83 27.04 -23.53 17.56
CA VAL C 83 26.42 -22.20 17.56
C VAL C 83 25.02 -22.33 16.98
N LEU C 84 24.04 -22.60 17.85
CA LEU C 84 22.61 -22.42 17.57
C LEU C 84 21.85 -22.66 18.86
N GLY C 85 20.81 -21.87 19.11
CA GLY C 85 19.97 -22.10 20.26
C GLY C 85 20.47 -21.46 21.53
N THR C 86 20.33 -22.13 22.67
CA THR C 86 20.54 -21.47 23.94
C THR C 86 22.02 -21.22 24.19
N ILE C 87 22.65 -20.46 23.31
CA ILE C 87 24.07 -20.07 23.48
C ILE C 87 24.04 -18.75 24.24
N SER C 88 23.94 -18.85 25.56
CA SER C 88 23.87 -17.66 26.40
C SER C 88 25.24 -16.98 26.47
N PHE C 89 25.21 -15.66 26.55
CA PHE C 89 26.44 -14.88 26.65
C PHE C 89 26.82 -14.69 28.12
N GLU C 90 28.12 -14.63 28.37
CA GLU C 90 28.62 -14.38 29.72
C GLU C 90 28.08 -13.05 30.22
N ALA C 91 27.44 -13.06 31.38
CA ALA C 91 26.64 -11.93 31.82
C ALA C 91 26.97 -11.55 33.25
N VAL C 92 27.05 -10.24 33.49
CA VAL C 92 27.18 -9.65 34.82
C VAL C 92 26.42 -8.34 34.82
N ASN C 93 26.43 -7.66 35.97
CA ASN C 93 25.80 -6.35 36.05
C ASN C 93 26.52 -5.34 35.14
N ASP C 94 27.85 -5.37 35.15
CA ASP C 94 28.62 -4.39 34.38
C ASP C 94 29.05 -4.93 33.03
N ASP C 95 29.24 -6.25 32.90
CA ASP C 95 29.56 -6.85 31.62
C ASP C 95 28.32 -6.89 30.74
N TYR C 96 28.45 -7.50 29.55
CA TYR C 96 27.31 -7.65 28.67
C TYR C 96 26.21 -8.45 29.38
N LEU C 97 24.97 -7.98 29.26
CA LEU C 97 23.86 -8.55 30.02
C LEU C 97 23.53 -9.95 29.50
N ILE C 98 22.52 -10.56 30.12
CA ILE C 98 22.08 -11.90 29.71
C ILE C 98 21.42 -11.81 28.34
N GLN C 99 21.80 -12.69 27.44
CA GLN C 99 21.20 -12.76 26.11
C GLN C 99 21.03 -14.21 25.72
N VAL C 100 19.83 -14.56 25.26
CA VAL C 100 19.48 -15.93 24.92
C VAL C 100 18.85 -15.95 23.54
N TYR C 101 19.15 -17.02 22.79
CA TYR C 101 18.67 -17.17 21.43
C TYR C 101 17.40 -18.03 21.46
N LYS C 102 16.43 -17.71 20.60
CA LYS C 102 15.18 -18.45 20.61
C LYS C 102 14.72 -18.75 19.19
N TYR C 103 13.80 -19.70 19.09
CA TYR C 103 13.18 -20.12 17.84
C TYR C 103 11.67 -20.17 18.06
N PHE C 104 10.92 -19.49 17.21
CA PHE C 104 9.46 -19.58 17.32
C PHE C 104 9.00 -20.90 16.74
N TYR C 105 8.40 -21.75 17.58
CA TYR C 105 7.86 -23.03 17.16
C TYR C 105 6.35 -23.02 17.26
N PRO C 106 5.61 -23.13 16.15
CA PRO C 106 4.15 -23.09 16.22
C PRO C 106 3.52 -24.45 16.51
N ASP C 107 2.64 -24.49 17.51
CA ASP C 107 1.93 -25.73 17.86
C ASP C 107 0.72 -25.87 16.94
N VAL C 108 0.90 -26.60 15.83
CA VAL C 108 -0.17 -26.75 14.85
C VAL C 108 -1.33 -27.58 15.36
N ASN C 109 -1.06 -28.60 16.18
CA ASN C 109 -2.11 -29.49 16.67
C ASN C 109 -3.05 -28.80 17.65
N ASP C 110 -2.50 -27.99 18.57
CA ASP C 110 -3.33 -27.36 19.59
C ASP C 110 -4.27 -26.33 18.99
N PHE C 111 -3.83 -25.63 17.95
CA PHE C 111 -4.69 -24.64 17.30
C PHE C 111 -5.93 -25.31 16.72
N THR C 112 -5.74 -26.38 15.95
CA THR C 112 -6.87 -27.12 15.40
C THR C 112 -7.70 -27.76 16.49
N LEU C 113 -7.07 -28.26 17.55
CA LEU C 113 -7.83 -28.86 18.65
C LEU C 113 -8.75 -27.84 19.30
N ARG C 114 -8.25 -26.62 19.52
CA ARG C 114 -9.07 -25.62 20.20
C ARG C 114 -10.15 -25.05 19.29
N PHE C 115 -9.84 -24.80 18.02
CA PHE C 115 -10.72 -23.98 17.20
C PHE C 115 -11.40 -24.72 16.05
N GLY C 116 -11.05 -25.97 15.77
CA GLY C 116 -11.64 -26.68 14.68
C GLY C 116 -13.04 -27.17 15.00
N VAL C 117 -13.61 -27.91 14.05
CA VAL C 117 -14.97 -28.41 14.18
C VAL C 117 -14.99 -29.83 14.75
N ASP C 316 33.23 -19.30 14.96
CA ASP C 316 33.66 -20.63 15.36
C ASP C 316 33.36 -21.63 14.24
N ILE C 317 32.07 -21.93 14.05
CA ILE C 317 31.67 -22.78 12.94
C ILE C 317 31.88 -22.08 11.61
N TYR C 318 31.73 -20.76 11.57
CA TYR C 318 31.99 -20.02 10.35
C TYR C 318 33.48 -19.83 10.10
N LYS C 319 34.32 -20.14 11.07
CA LYS C 319 35.74 -20.32 10.84
C LYS C 319 36.05 -21.67 10.23
N ILE C 320 35.33 -22.71 10.67
CA ILE C 320 35.55 -24.05 10.14
C ILE C 320 35.09 -24.13 8.70
N LEU C 321 33.89 -23.64 8.41
CA LEU C 321 33.34 -23.71 7.06
C LEU C 321 34.09 -22.83 6.08
N GLY C 322 34.78 -21.81 6.56
CA GLY C 322 35.44 -20.87 5.66
C GLY C 322 34.56 -19.78 5.13
N TYR C 323 33.49 -19.44 5.85
CA TYR C 323 32.56 -18.39 5.44
C TYR C 323 33.33 -17.11 5.14
N PHE C 324 33.09 -16.57 3.94
CA PHE C 324 33.95 -15.53 3.38
C PHE C 324 33.30 -14.15 3.37
N LEU C 325 32.22 -13.97 4.10
CA LEU C 325 31.57 -12.68 4.25
C LEU C 325 31.84 -12.13 5.65
N PRO C 326 31.64 -10.83 5.88
CA PRO C 326 31.85 -10.29 7.23
C PRO C 326 30.94 -10.97 8.24
N SER C 327 31.50 -11.22 9.43
CA SER C 327 30.74 -11.93 10.46
C SER C 327 30.94 -11.38 11.86
N ARG C 328 31.79 -10.38 12.07
CA ARG C 328 32.02 -9.79 13.38
C ARG C 328 32.85 -8.52 13.19
N TRP C 329 33.12 -7.85 14.29
CA TRP C 329 34.04 -6.72 14.29
C TRP C 329 35.46 -7.20 14.59
N GLN C 330 36.44 -6.44 14.11
CA GLN C 330 37.83 -6.78 14.34
C GLN C 330 38.31 -6.16 15.64
N ALA C 331 39.06 -6.95 16.42
CA ALA C 331 39.63 -6.46 17.67
C ALA C 331 40.91 -5.68 17.36
N GLN C 332 40.95 -4.43 17.78
CA GLN C 332 42.10 -3.58 17.52
C GLN C 332 43.29 -4.03 18.37
N PRO C 333 44.51 -3.87 17.86
CA PRO C 333 45.69 -4.24 18.66
C PRO C 333 45.81 -3.43 19.94
N ASN C 334 45.77 -2.11 19.84
CA ASN C 334 45.71 -1.28 21.04
C ASN C 334 44.38 -1.50 21.76
N ASN C 335 44.39 -1.27 23.07
CA ASN C 335 43.16 -1.46 23.84
C ASN C 335 42.24 -0.27 23.66
N SER C 336 41.93 0.07 22.41
CA SER C 336 41.10 1.22 22.12
C SER C 336 39.65 0.98 22.52
N LEU C 337 39.17 -0.25 22.32
CA LEU C 337 37.75 -0.54 22.45
C LEU C 337 37.57 -1.99 22.88
N GLN C 338 36.51 -2.23 23.65
CA GLN C 338 36.20 -3.55 24.18
C GLN C 338 34.94 -4.08 23.50
N LEU C 339 35.03 -5.29 22.97
CA LEU C 339 33.90 -5.93 22.32
C LEU C 339 33.74 -7.34 22.89
N SER C 340 32.52 -7.85 22.77
CA SER C 340 32.17 -9.12 23.38
C SER C 340 33.00 -10.26 22.80
N GLN C 341 32.88 -11.43 23.43
CA GLN C 341 33.59 -12.61 22.94
C GLN C 341 33.23 -12.93 21.50
N ASP C 342 32.03 -12.53 21.06
CA ASP C 342 31.58 -12.76 19.69
C ASP C 342 31.89 -11.60 18.76
N GLY C 343 32.07 -10.40 19.30
CA GLY C 343 32.18 -9.24 18.43
C GLY C 343 30.86 -8.79 17.86
N ILE C 344 29.76 -9.23 18.43
CA ILE C 344 28.43 -8.95 17.90
C ILE C 344 27.57 -8.31 18.98
N THR C 345 27.41 -8.99 20.12
CA THR C 345 26.39 -8.61 21.10
C THR C 345 26.74 -7.33 21.86
N HIS C 346 27.98 -6.86 21.79
CA HIS C 346 28.32 -5.62 22.48
C HIS C 346 29.64 -5.09 21.95
N LEU C 347 29.66 -3.80 21.64
CA LEU C 347 30.86 -3.09 21.23
C LEU C 347 30.88 -1.74 21.93
N GLN C 348 32.00 -1.38 22.53
CA GLN C 348 32.03 -0.12 23.27
C GLN C 348 33.45 0.41 23.39
N PRO C 349 33.68 1.68 23.08
CA PRO C 349 35.03 2.24 23.25
C PRO C 349 35.47 2.18 24.70
N ASN C 350 36.74 1.86 24.89
CA ASN C 350 37.27 1.65 26.23
C ASN C 350 37.39 2.98 26.96
N PRO C 351 36.93 3.08 28.21
CA PRO C 351 37.12 4.32 28.97
C PRO C 351 38.52 4.48 29.51
N ASP C 352 39.23 3.38 29.78
CA ASP C 352 40.59 3.47 30.30
C ASP C 352 41.53 4.10 29.28
N TYR C 353 41.44 3.68 28.03
CA TYR C 353 42.35 4.12 26.97
C TYR C 353 42.28 5.62 26.75
N VAL C 383 36.67 14.83 22.78
CA VAL C 383 37.49 13.63 22.75
C VAL C 383 37.63 13.08 21.33
N ASP C 384 38.05 11.83 21.21
CA ASP C 384 38.36 11.22 19.93
C ASP C 384 37.56 9.93 19.75
N PHE C 385 37.12 9.71 18.51
CA PHE C 385 36.42 8.48 18.19
C PHE C 385 37.34 7.28 18.30
N ALA C 386 36.73 6.11 18.51
CA ALA C 386 37.39 4.83 18.36
C ALA C 386 36.77 4.15 17.15
N VAL C 387 37.61 3.74 16.20
CA VAL C 387 37.16 3.24 14.91
C VAL C 387 37.48 1.76 14.80
N THR C 388 36.62 1.04 14.09
CA THR C 388 36.89 -0.37 13.80
C THR C 388 36.11 -0.77 12.56
N TRP C 389 36.45 -1.95 12.04
CA TRP C 389 35.87 -2.46 10.80
C TRP C 389 35.65 -3.95 10.94
N ALA C 390 34.93 -4.53 9.98
CA ALA C 390 34.61 -5.94 10.04
C ALA C 390 35.84 -6.78 9.71
N ASN C 391 35.73 -8.09 9.93
CA ASN C 391 36.87 -8.98 9.78
C ASN C 391 37.09 -9.44 8.35
N LYS C 392 36.15 -9.19 7.45
CA LYS C 392 36.30 -9.53 6.04
C LYS C 392 35.73 -8.40 5.20
N SER C 393 36.07 -8.40 3.92
CA SER C 393 35.65 -7.36 2.99
C SER C 393 34.76 -7.96 1.92
N LEU C 394 34.02 -7.09 1.24
CA LEU C 394 33.01 -7.52 0.28
C LEU C 394 33.63 -7.61 -1.12
N PRO C 395 33.74 -8.79 -1.71
CA PRO C 395 34.21 -8.88 -3.08
C PRO C 395 33.23 -8.23 -4.04
N ASP C 396 33.77 -7.61 -5.08
CA ASP C 396 32.93 -6.96 -6.09
C ASP C 396 32.46 -7.90 -7.18
N ASN C 397 32.87 -9.17 -7.15
CA ASN C 397 32.54 -10.12 -8.20
C ASN C 397 31.51 -11.16 -7.81
N LYS C 398 30.98 -11.13 -6.59
CA LYS C 398 30.18 -12.24 -6.10
C LYS C 398 28.74 -11.87 -5.76
N LEU C 399 28.52 -10.80 -5.02
CA LEU C 399 27.19 -10.53 -4.49
C LEU C 399 26.39 -9.64 -5.43
N THR C 400 25.10 -9.56 -5.16
CA THR C 400 24.21 -8.58 -5.78
C THR C 400 23.68 -7.55 -4.79
N ILE C 401 23.43 -7.94 -3.54
CA ILE C 401 23.03 -7.03 -2.47
C ILE C 401 23.65 -7.52 -1.18
N PHE C 402 24.12 -6.58 -0.36
CA PHE C 402 24.57 -6.90 1.00
C PHE C 402 23.92 -5.92 1.97
N TYR C 403 23.62 -6.41 3.17
CA TYR C 403 22.89 -5.61 4.14
C TYR C 403 23.24 -6.07 5.55
N TYR C 404 23.34 -5.12 6.49
CA TYR C 404 23.51 -5.45 7.90
C TYR C 404 22.93 -4.32 8.73
N GLU C 405 22.77 -4.59 10.04
CA GLU C 405 22.07 -3.65 10.89
C GLU C 405 22.79 -3.47 12.22
N ILE C 406 22.57 -2.31 12.85
CA ILE C 406 23.05 -2.03 14.19
C ILE C 406 21.89 -1.47 15.02
N LYS C 407 22.03 -1.61 16.33
CA LYS C 407 21.09 -1.07 17.29
C LYS C 407 21.85 -0.30 18.35
N VAL C 408 21.43 0.94 18.61
CA VAL C 408 22.13 1.81 19.54
C VAL C 408 21.53 1.61 20.92
N LEU C 409 22.34 1.18 21.89
CA LEU C 409 21.80 0.81 23.19
C LEU C 409 22.49 1.56 24.34
N SER C 410 23.16 2.67 24.04
CA SER C 410 23.71 3.55 25.07
C SER C 410 24.12 4.85 24.40
N VAL C 411 24.16 5.92 25.18
CA VAL C 411 24.58 7.24 24.72
C VAL C 411 25.46 7.88 25.78
N THR C 412 26.06 9.03 25.41
CA THR C 412 26.90 9.77 26.33
C THR C 412 26.12 10.36 27.49
N SER C 413 24.79 10.40 27.41
CA SER C 413 23.93 11.02 28.41
C SER C 413 24.23 12.50 28.59
N THR C 414 24.80 13.13 27.57
CA THR C 414 25.13 14.55 27.60
C THR C 414 24.58 15.33 26.42
N GLU C 415 24.55 14.73 25.23
CA GLU C 415 24.21 15.50 24.04
C GLU C 415 22.69 15.67 23.90
N SER C 416 21.97 14.57 23.72
CA SER C 416 20.52 14.66 23.58
C SER C 416 19.95 13.25 23.69
N ALA C 417 18.62 13.19 23.86
CA ALA C 417 17.91 11.92 23.85
C ALA C 417 17.73 11.37 22.45
N GLU C 418 17.88 12.21 21.42
CA GLU C 418 17.74 11.82 20.03
C GLU C 418 19.01 12.13 19.24
N ASN C 419 20.15 11.87 19.87
CA ASN C 419 21.45 12.11 19.25
C ASN C 419 22.43 11.05 19.72
N SER C 420 23.46 10.82 18.90
CA SER C 420 24.56 9.94 19.26
C SER C 420 25.84 10.53 18.71
N ASN C 421 26.95 9.84 18.95
CA ASN C 421 28.22 10.24 18.38
C ASN C 421 28.85 9.07 17.66
N ILE C 422 28.08 8.37 16.84
CA ILE C 422 28.56 7.22 16.10
C ILE C 422 28.43 7.48 14.61
N VAL C 423 29.36 6.92 13.85
CA VAL C 423 29.34 6.96 12.39
C VAL C 423 29.37 5.52 11.89
N ILE C 424 28.42 5.15 11.05
CA ILE C 424 28.27 3.77 10.62
C ILE C 424 28.16 3.72 9.10
N GLY C 425 28.84 2.76 8.49
CA GLY C 425 28.77 2.63 7.05
C GLY C 425 29.79 1.68 6.44
N TYR C 426 30.34 2.04 5.30
CA TYR C 426 31.33 1.24 4.60
C TYR C 426 32.60 2.07 4.36
N LYS C 427 33.68 1.38 4.04
CA LYS C 427 34.96 2.02 3.81
C LYS C 427 35.71 1.30 2.70
N LEU C 428 36.34 2.07 1.81
CA LEU C 428 37.10 1.49 0.71
C LEU C 428 38.33 0.74 1.22
N VAL C 429 38.53 -0.45 0.71
CA VAL C 429 39.78 -1.18 0.88
C VAL C 429 40.67 -0.85 -0.32
N GLU C 430 41.93 -0.55 -0.04
CA GLU C 430 42.86 -0.13 -1.09
C GLU C 430 44.24 -0.73 -0.89
N SER C 496 45.40 8.73 7.48
CA SER C 496 44.04 8.43 7.05
C SER C 496 43.21 7.91 8.22
N ILE C 497 43.84 7.09 9.06
CA ILE C 497 43.16 6.61 10.26
C ILE C 497 43.12 7.66 11.36
N ASN C 498 44.09 8.58 11.40
CA ASN C 498 44.07 9.63 12.39
C ASN C 498 42.96 10.63 12.11
N LYS C 499 42.72 10.92 10.82
CA LYS C 499 41.55 11.73 10.47
C LYS C 499 40.27 11.04 10.89
N CYS C 500 40.20 9.71 10.75
CA CYS C 500 39.05 8.96 11.21
C CYS C 500 38.86 9.12 12.71
N GLN C 501 39.93 8.93 13.49
CA GLN C 501 39.83 9.04 14.93
C GLN C 501 39.57 10.45 15.41
N LYS C 502 39.87 11.46 14.60
CA LYS C 502 39.64 12.84 15.01
C LYS C 502 38.24 13.33 14.64
N TYR C 503 37.85 13.16 13.37
CA TYR C 503 36.60 13.72 12.89
C TYR C 503 35.45 12.72 12.82
N GLY C 504 35.73 11.42 12.89
CA GLY C 504 34.74 10.40 12.70
C GLY C 504 34.79 9.73 11.34
N PHE C 505 35.46 10.34 10.36
CA PHE C 505 35.49 9.82 9.01
C PHE C 505 36.60 10.52 8.23
N ASP C 506 36.78 10.11 6.98
CA ASP C 506 37.71 10.73 6.05
C ASP C 506 37.15 10.55 4.65
N LEU C 507 38.01 10.71 3.64
CA LEU C 507 37.53 10.70 2.25
C LEU C 507 37.08 9.33 1.77
N ASN C 508 37.57 8.25 2.38
CA ASN C 508 37.26 6.91 1.92
C ASN C 508 36.06 6.29 2.61
N VAL C 509 35.38 7.01 3.50
CA VAL C 509 34.28 6.48 4.29
C VAL C 509 32.96 6.92 3.66
N PHE C 510 32.07 5.96 3.42
CA PHE C 510 30.72 6.22 2.95
C PHE C 510 29.78 5.82 4.09
N GLY C 511 29.28 6.81 4.83
CA GLY C 511 28.56 6.49 6.04
C GLY C 511 27.50 7.48 6.47
N TYR C 512 26.95 7.23 7.65
CA TYR C 512 25.81 7.96 8.19
C TYR C 512 26.15 8.32 9.63
N CYS C 513 25.93 9.59 9.98
CA CYS C 513 26.36 10.16 11.25
C CYS C 513 25.17 10.39 12.17
N GLY C 514 25.31 9.97 13.42
CA GLY C 514 24.22 10.08 14.38
C GLY C 514 24.08 11.41 15.06
N PHE C 515 25.06 12.30 14.96
CA PHE C 515 24.97 13.59 15.64
C PHE C 515 24.43 14.68 14.73
N ASP C 516 24.96 14.79 13.52
CA ASP C 516 24.43 15.74 12.55
C ASP C 516 23.20 15.22 11.82
N GLY C 517 23.03 13.91 11.73
CA GLY C 517 22.07 13.36 10.80
C GLY C 517 22.49 13.60 9.37
N LEU C 518 23.78 13.51 9.09
CA LEU C 518 24.35 13.93 7.82
C LEU C 518 25.12 12.79 7.17
N ILE C 519 25.08 12.76 5.84
CA ILE C 519 25.89 11.84 5.06
C ILE C 519 27.35 12.27 5.11
N THR C 520 28.23 11.28 5.30
CA THR C 520 29.67 11.54 5.30
C THR C 520 30.12 12.10 3.96
N ASN C 521 30.91 13.17 4.01
CA ASN C 521 31.47 13.81 2.81
C ASN C 521 30.37 14.27 1.87
N SER C 522 29.34 14.87 2.43
CA SER C 522 28.16 15.26 1.68
C SER C 522 28.38 16.61 0.99
N THR C 523 27.82 16.74 -0.20
CA THR C 523 27.82 18.00 -0.94
C THR C 523 26.64 18.84 -0.46
N GLU C 524 26.35 19.93 -1.17
CA GLU C 524 25.29 20.83 -0.73
C GLU C 524 23.90 20.26 -1.01
N GLN C 525 23.72 19.55 -2.12
CA GLN C 525 22.41 19.03 -2.48
C GLN C 525 22.02 17.83 -1.64
N SER C 526 22.98 17.14 -1.03
CA SER C 526 22.71 16.01 -0.16
C SER C 526 22.77 16.39 1.32
N LYS C 527 22.54 17.67 1.63
CA LYS C 527 22.56 18.11 3.02
C LYS C 527 21.27 17.75 3.75
N GLU C 528 20.21 17.45 3.00
CA GLU C 528 18.92 17.07 3.58
C GLU C 528 18.67 15.62 3.17
N TYR C 529 19.14 14.70 4.01
CA TYR C 529 18.99 13.27 3.76
C TYR C 529 18.15 12.58 4.81
N ALA C 530 18.43 12.83 6.09
CA ALA C 530 17.72 12.17 7.18
C ALA C 530 17.91 12.97 8.45
N LYS C 531 17.50 12.40 9.57
CA LYS C 531 17.57 12.99 10.89
C LYS C 531 18.51 12.18 11.78
N PRO C 532 19.01 12.76 12.86
CA PRO C 532 19.88 12.01 13.77
C PRO C 532 19.14 10.86 14.44
N PHE C 533 19.90 9.88 14.88
CA PHE C 533 19.36 8.69 15.53
C PHE C 533 20.02 8.49 16.89
N GLY C 534 19.32 7.79 17.78
CA GLY C 534 19.89 7.54 19.09
C GLY C 534 19.08 6.76 20.11
N ARG C 535 19.77 5.86 20.80
CA ARG C 535 19.47 5.20 22.07
C ARG C 535 18.43 4.09 21.94
N ASP C 536 17.68 3.99 20.87
CA ASP C 536 16.89 2.77 20.69
C ASP C 536 16.72 2.44 19.21
N ASP C 537 17.25 3.24 18.31
CA ASP C 537 16.94 3.11 16.89
C ASP C 537 17.74 1.96 16.26
N VAL C 538 17.14 1.33 15.27
CA VAL C 538 17.78 0.29 14.49
C VAL C 538 18.14 0.89 13.14
N ILE C 539 19.43 0.97 12.83
CA ILE C 539 19.91 1.59 11.62
C ILE C 539 20.53 0.51 10.75
N GLY C 540 20.16 0.47 9.48
CA GLY C 540 20.63 -0.56 8.57
C GLY C 540 21.41 0.05 7.42
N CYS C 541 22.49 -0.62 7.05
CA CYS C 541 23.36 -0.19 5.97
C CYS C 541 23.34 -1.26 4.89
N GLY C 542 23.15 -0.87 3.64
CA GLY C 542 23.10 -1.82 2.55
C GLY C 542 23.77 -1.27 1.31
N ILE C 543 24.24 -2.19 0.48
CA ILE C 543 24.90 -1.87 -0.77
C ILE C 543 24.33 -2.75 -1.87
N ASN C 544 24.02 -2.12 -3.01
CA ASN C 544 23.33 -2.76 -4.12
C ASN C 544 24.25 -2.75 -5.33
N PHE C 545 24.60 -3.94 -5.82
CA PHE C 545 25.57 -4.06 -6.91
C PHE C 545 24.92 -4.08 -8.28
N ILE C 546 23.61 -4.36 -8.37
CA ILE C 546 22.92 -4.24 -9.64
C ILE C 546 22.97 -2.79 -10.13
N ASP C 547 22.59 -1.87 -9.25
CA ASP C 547 22.63 -0.45 -9.57
C ASP C 547 23.95 0.19 -9.17
N GLY C 548 24.61 -0.35 -8.14
CA GLY C 548 25.84 0.23 -7.66
C GLY C 548 25.61 1.44 -6.78
N SER C 549 24.97 1.24 -5.64
CA SER C 549 24.66 2.36 -4.76
C SER C 549 24.67 1.88 -3.32
N ILE C 550 24.63 2.83 -2.39
CA ILE C 550 24.61 2.56 -0.96
C ILE C 550 23.36 3.21 -0.38
N PHE C 551 22.64 2.49 0.46
CA PHE C 551 21.41 3.00 1.04
C PHE C 551 21.38 2.68 2.53
N PHE C 552 20.55 3.45 3.25
CA PHE C 552 20.40 3.31 4.68
C PHE C 552 18.91 3.21 5.01
N THR C 553 18.61 2.46 6.07
CA THR C 553 17.24 2.31 6.56
C THR C 553 17.22 2.63 8.05
N LYS C 554 16.05 3.02 8.54
CA LYS C 554 15.89 3.42 9.93
C LYS C 554 14.57 2.88 10.46
N ASN C 555 14.65 1.99 11.44
CA ASN C 555 13.48 1.42 12.12
C ASN C 555 12.57 0.64 11.17
N GLY C 556 13.10 0.20 10.04
CA GLY C 556 12.33 -0.55 9.08
C GLY C 556 11.81 0.23 7.89
N ILE C 557 12.20 1.48 7.75
CA ILE C 557 11.73 2.34 6.66
C ILE C 557 12.94 2.72 5.82
N HIS C 558 12.88 2.39 4.53
CA HIS C 558 14.01 2.54 3.63
C HIS C 558 14.17 4.00 3.25
N LEU C 559 15.26 4.62 3.71
CA LEU C 559 15.62 5.96 3.25
C LEU C 559 16.22 5.83 1.86
N GLY C 560 16.40 6.94 1.16
CA GLY C 560 16.83 6.86 -0.22
C GLY C 560 18.27 6.42 -0.40
N ASN C 561 18.74 6.37 -1.66
CA ASN C 561 20.15 6.13 -1.91
C ASN C 561 20.97 7.34 -1.49
N ALA C 562 22.14 7.08 -0.92
CA ALA C 562 23.05 8.14 -0.49
C ALA C 562 24.16 8.37 -1.49
N PHE C 563 24.83 7.31 -1.92
CA PHE C 563 25.92 7.39 -2.87
C PHE C 563 25.60 6.55 -4.10
N THR C 564 26.10 6.99 -5.25
CA THR C 564 25.78 6.35 -6.52
C THR C 564 27.06 6.16 -7.32
N ASP C 565 27.01 5.22 -8.29
CA ASP C 565 28.13 4.93 -9.18
C ASP C 565 29.30 4.31 -8.42
N LEU C 566 29.03 3.23 -7.70
CA LEU C 566 30.01 2.57 -6.85
C LEU C 566 30.23 1.11 -7.25
N ASN C 567 30.30 0.85 -8.55
CA ASN C 567 30.64 -0.49 -9.02
C ASN C 567 32.13 -0.60 -9.26
N ASP C 568 32.62 -1.85 -9.27
CA ASP C 568 34.03 -2.20 -9.44
C ASP C 568 34.90 -1.77 -8.26
N LEU C 569 34.28 -1.50 -7.11
CA LEU C 569 34.98 -1.04 -5.92
C LEU C 569 34.87 -2.10 -4.82
N GLU C 570 35.68 -1.95 -3.78
CA GLU C 570 35.70 -2.88 -2.66
C GLU C 570 35.42 -2.13 -1.36
N PHE C 571 34.63 -2.75 -0.50
CA PHE C 571 34.14 -2.09 0.72
C PHE C 571 34.25 -3.05 1.89
N VAL C 572 34.36 -2.47 3.08
CA VAL C 572 34.33 -3.23 4.33
C VAL C 572 33.46 -2.46 5.32
N PRO C 573 32.64 -3.12 6.13
CA PRO C 573 31.85 -2.41 7.14
C PRO C 573 32.74 -1.64 8.11
N TYR C 574 32.23 -0.51 8.60
CA TYR C 574 33.04 0.43 9.34
C TYR C 574 32.18 1.16 10.35
N VAL C 575 32.68 1.32 11.58
CA VAL C 575 31.96 2.04 12.62
C VAL C 575 32.95 2.84 13.47
N ALA C 576 32.47 3.96 14.01
CA ALA C 576 33.28 4.81 14.89
C ALA C 576 32.41 5.36 16.00
N LEU C 577 32.87 5.25 17.25
CA LEU C 577 32.10 5.64 18.42
C LEU C 577 32.92 6.52 19.35
N ARG C 578 32.28 7.54 19.94
CA ARG C 578 32.93 8.26 21.02
C ARG C 578 32.81 7.47 22.32
N PRO C 579 33.67 7.76 23.31
CA PRO C 579 33.79 6.85 24.48
C PRO C 579 32.54 6.69 25.34
N GLY C 580 31.42 7.28 24.96
CA GLY C 580 30.22 7.14 25.76
C GLY C 580 29.15 6.25 25.17
N ASN C 581 29.24 5.92 23.89
CA ASN C 581 28.17 5.26 23.18
C ASN C 581 28.45 3.76 23.01
N SER C 582 27.38 3.01 22.76
CA SER C 582 27.45 1.56 22.66
C SER C 582 26.39 1.05 21.71
N ILE C 583 26.73 0.01 20.94
CA ILE C 583 25.86 -0.53 19.90
C ILE C 583 25.87 -2.05 19.97
N LYS C 584 25.03 -2.66 19.14
CA LYS C 584 24.96 -4.10 18.95
C LYS C 584 24.76 -4.37 17.46
N THR C 585 25.45 -5.38 16.94
CA THR C 585 25.51 -5.60 15.50
C THR C 585 24.71 -6.83 15.11
N ASN C 586 24.25 -6.85 13.86
CA ASN C 586 23.51 -7.97 13.29
C ASN C 586 23.93 -8.12 11.84
N PHE C 587 24.66 -9.20 11.54
CA PHE C 587 25.08 -9.52 10.20
C PHE C 587 24.17 -10.52 9.51
N GLY C 588 23.08 -10.94 10.15
CA GLY C 588 22.07 -11.76 9.54
C GLY C 588 22.16 -13.24 9.87
N LEU C 589 23.25 -13.68 10.48
CA LEU C 589 23.49 -15.11 10.66
C LEU C 589 22.56 -15.70 11.72
N ASN C 590 22.41 -15.03 12.85
CA ASN C 590 21.76 -15.60 14.02
C ASN C 590 20.40 -14.98 14.33
N GLU C 591 19.90 -14.08 13.49
CA GLU C 591 18.74 -13.29 13.87
C GLU C 591 18.14 -12.68 12.61
N ASP C 592 16.84 -12.40 12.68
CA ASP C 592 16.12 -11.82 11.55
C ASP C 592 16.27 -10.31 11.55
N PHE C 593 16.32 -9.74 10.35
CA PHE C 593 16.44 -8.31 10.18
C PHE C 593 15.10 -7.63 10.47
N VAL C 594 15.15 -6.30 10.64
CA VAL C 594 13.95 -5.49 10.82
C VAL C 594 13.47 -4.91 9.49
N PHE C 595 14.29 -4.93 8.45
CA PHE C 595 14.01 -4.19 7.23
C PHE C 595 13.08 -4.91 6.25
N ASP C 596 13.08 -6.25 6.23
CA ASP C 596 12.53 -7.03 5.11
C ASP C 596 13.33 -6.77 3.83
N ILE C 597 14.60 -7.17 3.88
CA ILE C 597 15.50 -7.05 2.73
C ILE C 597 15.07 -7.98 1.59
N ILE C 598 14.34 -9.07 1.87
CA ILE C 598 13.95 -9.99 0.82
C ILE C 598 12.92 -9.37 -0.10
N GLY C 599 11.97 -8.61 0.46
CA GLY C 599 11.02 -7.90 -0.37
C GLY C 599 11.64 -6.77 -1.15
N TYR C 600 12.76 -6.23 -0.69
CA TYR C 600 13.52 -5.26 -1.49
C TYR C 600 14.22 -5.95 -2.65
N GLN C 601 14.83 -7.11 -2.38
CA GLN C 601 15.56 -7.84 -3.41
C GLN C 601 14.63 -8.41 -4.49
N ASP C 602 13.39 -8.75 -4.12
CA ASP C 602 12.47 -9.33 -5.09
C ASP C 602 12.04 -8.34 -6.16
N LYS C 603 11.93 -7.06 -5.83
CA LYS C 603 11.60 -6.07 -6.84
C LYS C 603 12.66 -6.01 -7.93
N TRP C 604 13.94 -6.00 -7.53
CA TRP C 604 15.02 -5.99 -8.50
C TRP C 604 15.10 -7.31 -9.28
N LYS C 605 14.83 -8.43 -8.63
CA LYS C 605 14.78 -9.69 -9.36
C LYS C 605 13.70 -9.68 -10.44
N SER C 606 12.51 -9.18 -10.12
CA SER C 606 11.44 -9.07 -11.10
C SER C 606 11.78 -8.09 -12.22
N LEU C 607 12.41 -6.97 -11.87
CA LEU C 607 12.83 -6.02 -12.89
C LEU C 607 13.82 -6.65 -13.86
N ALA C 608 14.79 -7.40 -13.34
CA ALA C 608 15.76 -8.06 -14.19
C ALA C 608 15.09 -9.06 -15.11
N TYR C 609 14.21 -9.91 -14.58
CA TYR C 609 13.55 -10.90 -15.42
C TYR C 609 12.67 -10.25 -16.49
N GLU C 610 11.97 -9.18 -16.13
CA GLU C 610 11.13 -8.49 -17.11
C GLU C 610 11.97 -7.83 -18.19
N HIS C 611 13.13 -7.29 -17.84
CA HIS C 611 14.03 -6.74 -18.86
C HIS C 611 14.54 -7.83 -19.79
N ILE C 612 14.92 -8.97 -19.24
CA ILE C 612 15.52 -10.04 -20.05
C ILE C 612 14.48 -10.63 -20.99
N CYS C 613 13.38 -11.13 -20.43
CA CYS C 613 12.48 -12.06 -21.13
C CYS C 613 11.19 -11.39 -21.59
N ARG C 614 11.22 -10.13 -21.96
CA ARG C 614 10.02 -9.46 -22.43
C ARG C 614 10.36 -8.26 -23.31
N LEU C 677 20.46 -25.88 -42.58
CA LEU C 677 19.83 -24.72 -43.19
C LEU C 677 19.76 -23.62 -42.12
N LYS C 678 18.93 -22.60 -42.34
CA LYS C 678 18.87 -21.46 -41.44
C LYS C 678 18.48 -21.87 -40.01
N PHE C 679 17.67 -22.92 -39.86
CA PHE C 679 17.20 -23.33 -38.56
C PHE C 679 18.20 -24.18 -37.80
N LEU C 680 19.33 -24.51 -38.39
CA LEU C 680 20.35 -25.30 -37.74
C LEU C 680 21.47 -24.41 -37.20
N LEU C 681 22.31 -25.01 -36.36
CA LEU C 681 23.47 -24.33 -35.79
C LEU C 681 24.71 -25.10 -36.21
N GLY C 682 25.54 -24.48 -37.04
CA GLY C 682 26.73 -25.13 -37.54
C GLY C 682 27.91 -24.99 -36.61
N GLU C 683 29.07 -25.41 -37.12
CA GLU C 683 30.31 -25.24 -36.37
C GLU C 683 30.60 -23.75 -36.22
N ASP C 684 31.29 -23.41 -35.13
CA ASP C 684 31.63 -22.02 -34.86
C ASP C 684 32.56 -21.50 -35.96
N ASN C 685 32.14 -20.45 -36.65
CA ASN C 685 32.83 -19.97 -37.84
C ASN C 685 33.85 -18.89 -37.53
N ARG C 686 34.10 -18.60 -36.25
CA ARG C 686 35.08 -17.59 -35.86
C ARG C 686 36.34 -18.18 -35.26
N PHE C 687 36.50 -19.50 -35.28
CA PHE C 687 37.79 -20.11 -34.96
C PHE C 687 38.71 -20.05 -36.17
N ILE C 688 39.93 -19.54 -35.98
CA ILE C 688 41.02 -19.72 -36.93
C ILE C 688 42.26 -20.11 -36.15
N ASP C 689 42.96 -21.15 -36.61
CA ASP C 689 44.16 -21.65 -35.95
C ASP C 689 43.92 -21.99 -34.49
N GLY C 690 42.68 -22.38 -34.16
CA GLY C 690 42.35 -22.69 -32.78
C GLY C 690 42.20 -21.50 -31.87
N LYS C 691 41.86 -20.33 -32.42
CA LYS C 691 41.76 -19.11 -31.63
C LYS C 691 40.61 -18.29 -32.19
N LEU C 692 39.88 -17.61 -31.31
CA LEU C 692 38.65 -16.93 -31.69
C LEU C 692 38.92 -15.53 -32.22
N VAL C 693 38.11 -15.11 -33.19
CA VAL C 693 38.25 -13.82 -33.86
C VAL C 693 36.97 -13.03 -33.64
N ARG C 694 37.11 -11.73 -33.38
CA ARG C 694 35.97 -10.87 -33.08
C ARG C 694 35.42 -10.28 -34.38
N PRO C 695 34.20 -10.62 -34.79
CA PRO C 695 33.63 -10.00 -35.99
C PRO C 695 33.27 -8.53 -35.76
N ASP C 696 32.74 -7.89 -36.80
CA ASP C 696 32.30 -6.51 -36.67
C ASP C 696 30.81 -6.40 -36.38
N VAL C 697 30.05 -7.48 -36.59
CA VAL C 697 28.61 -7.43 -36.41
C VAL C 697 28.26 -7.03 -34.97
N ASN C 698 27.12 -6.36 -34.83
CA ASN C 698 26.67 -5.92 -33.51
C ASN C 698 26.30 -7.12 -32.63
N ASN C 699 25.59 -8.08 -33.20
CA ASN C 699 25.07 -9.23 -32.48
C ASN C 699 25.54 -10.52 -33.12
N ILE C 700 25.70 -11.56 -32.31
CA ILE C 700 26.01 -12.88 -32.85
C ILE C 700 24.72 -13.67 -33.04
N ASN C 701 23.99 -13.88 -31.94
CA ASN C 701 22.79 -14.70 -31.95
C ASN C 701 21.61 -13.87 -32.43
N ASN C 702 21.08 -14.22 -33.60
CA ASN C 702 20.02 -13.43 -34.24
C ASN C 702 18.66 -14.11 -34.16
N LEU C 703 18.53 -15.18 -33.38
CA LEU C 703 17.25 -15.85 -33.23
C LEU C 703 16.26 -14.94 -32.52
N SER C 704 14.98 -15.12 -32.85
CA SER C 704 13.91 -14.30 -32.30
C SER C 704 12.62 -15.09 -32.38
N VAL C 705 11.58 -14.57 -31.72
CA VAL C 705 10.26 -15.18 -31.76
C VAL C 705 9.35 -14.53 -32.79
N ASP C 706 9.61 -13.27 -33.17
CA ASP C 706 8.81 -12.64 -34.21
C ASP C 706 9.15 -13.19 -35.59
N ASP C 707 10.43 -13.44 -35.85
CA ASP C 707 10.82 -14.05 -37.12
C ASP C 707 10.34 -15.49 -37.22
N GLY C 708 10.42 -16.24 -36.12
CA GLY C 708 10.05 -17.64 -36.11
C GLY C 708 11.20 -18.62 -36.09
N SER C 709 12.43 -18.15 -35.85
CA SER C 709 13.60 -19.02 -35.88
C SER C 709 13.88 -19.68 -34.54
N LEU C 710 13.58 -19.01 -33.44
CA LEU C 710 13.71 -19.63 -32.13
C LEU C 710 12.83 -20.87 -31.99
N PRO C 711 11.54 -20.85 -32.34
CA PRO C 711 10.77 -22.10 -32.28
C PRO C 711 11.32 -23.21 -33.16
N ASN C 712 11.85 -22.87 -34.35
CA ASN C 712 12.36 -23.90 -35.24
C ASN C 712 13.61 -24.56 -34.66
N THR C 713 14.55 -23.75 -34.18
CA THR C 713 15.74 -24.31 -33.56
C THR C 713 15.37 -25.13 -32.32
N LEU C 714 14.43 -24.63 -31.53
CA LEU C 714 13.99 -25.35 -30.35
C LEU C 714 13.39 -26.70 -30.72
N ASN C 715 12.58 -26.74 -31.78
CA ASN C 715 11.97 -28.00 -32.19
C ASN C 715 13.01 -29.00 -32.68
N VAL C 716 14.00 -28.52 -33.44
CA VAL C 716 15.05 -29.43 -33.91
C VAL C 716 15.82 -30.01 -32.72
N MET C 717 16.17 -29.15 -31.75
CA MET C 717 16.89 -29.64 -30.58
C MET C 717 16.05 -30.60 -29.76
N ILE C 718 14.74 -30.33 -29.64
CA ILE C 718 13.84 -31.20 -28.89
C ILE C 718 13.78 -32.58 -29.52
N ASN C 719 13.63 -32.62 -30.85
CA ASN C 719 13.58 -33.92 -31.52
C ASN C 719 14.90 -34.66 -31.39
N ASP C 720 16.02 -33.96 -31.50
CA ASP C 720 17.31 -34.62 -31.34
C ASP C 720 17.46 -35.22 -29.94
N TYR C 721 17.06 -34.46 -28.90
CA TYR C 721 17.13 -34.99 -27.54
C TYR C 721 16.23 -36.20 -27.37
N LEU C 722 15.00 -36.12 -27.89
CA LEU C 722 14.07 -37.24 -27.76
C LEU C 722 14.63 -38.49 -28.41
N ILE C 723 15.20 -38.36 -29.61
CA ILE C 723 15.80 -39.53 -30.26
C ILE C 723 17.01 -40.01 -29.48
N HIS C 724 17.80 -39.09 -28.92
CA HIS C 724 18.98 -39.46 -28.15
C HIS C 724 18.62 -40.37 -26.99
N GLU C 725 17.64 -39.99 -26.18
CA GLU C 725 17.26 -40.78 -25.00
C GLU C 725 16.07 -41.67 -25.34
N GLY C 726 16.26 -42.60 -26.27
CA GLY C 726 15.17 -43.46 -26.67
C GLY C 726 14.00 -42.71 -27.27
N LEU C 727 12.83 -42.82 -26.65
CA LEU C 727 11.68 -41.93 -26.88
C LEU C 727 11.40 -41.68 -28.37
N VAL C 728 11.64 -42.71 -29.18
CA VAL C 728 11.30 -42.59 -30.59
C VAL C 728 9.79 -42.52 -30.78
N ASP C 729 9.02 -43.16 -29.90
CA ASP C 729 7.57 -43.05 -29.95
C ASP C 729 7.12 -41.61 -29.76
N VAL C 730 7.64 -40.95 -28.72
CA VAL C 730 7.31 -39.55 -28.50
C VAL C 730 7.82 -38.69 -29.64
N ALA C 731 8.96 -39.06 -30.24
CA ALA C 731 9.47 -38.32 -31.38
C ALA C 731 8.48 -38.36 -32.55
N LYS C 732 7.95 -39.54 -32.84
CA LYS C 732 6.96 -39.66 -33.92
C LYS C 732 5.69 -38.92 -33.58
N GLY C 733 5.25 -38.98 -32.32
CA GLY C 733 4.06 -38.23 -31.93
C GLY C 733 4.24 -36.73 -32.10
N PHE C 734 5.39 -36.21 -31.67
CA PHE C 734 5.68 -34.80 -31.83
C PHE C 734 5.78 -34.41 -33.30
N LEU C 735 6.31 -35.30 -34.14
CA LEU C 735 6.35 -35.02 -35.58
C LEU C 735 4.94 -34.91 -36.15
N LYS C 736 4.06 -35.85 -35.81
CA LYS C 736 2.69 -35.77 -36.28
C LYS C 736 2.00 -34.51 -35.78
N ASP C 737 2.34 -34.09 -34.56
CA ASP C 737 1.73 -32.88 -34.00
C ASP C 737 2.20 -31.64 -34.73
N LEU C 738 3.49 -31.57 -35.07
CA LEU C 738 4.00 -30.48 -35.90
C LEU C 738 3.33 -30.46 -37.27
N GLN C 739 3.13 -31.64 -37.87
CA GLN C 739 2.45 -31.70 -39.16
C GLN C 739 1.01 -31.21 -39.07
N LYS C 740 0.31 -31.58 -37.99
CA LYS C 740 -1.04 -31.07 -37.80
C LYS C 740 -1.06 -29.56 -37.59
N ASP C 741 -0.09 -29.03 -36.86
CA ASP C 741 -0.02 -27.59 -36.66
C ASP C 741 0.26 -26.85 -37.96
N ALA C 742 1.09 -27.41 -38.83
CA ALA C 742 1.43 -26.75 -40.08
C ALA C 742 0.21 -26.65 -40.99
N VAL C 743 0.04 -25.49 -41.63
CA VAL C 743 -1.07 -25.25 -42.53
C VAL C 743 -0.50 -24.81 -43.88
N ASN C 744 -1.30 -25.03 -44.93
CA ASN C 744 -0.92 -24.68 -46.29
C ASN C 744 -0.60 -23.19 -46.43
N GLU C 751 8.93 -21.70 -43.06
CA GLU C 751 10.09 -22.58 -42.90
C GLU C 751 9.80 -23.65 -41.85
N SER C 752 8.61 -24.24 -41.91
CA SER C 752 8.27 -25.34 -41.04
C SER C 752 8.32 -26.68 -41.75
N LYS C 753 8.08 -26.69 -43.06
CA LYS C 753 8.25 -27.92 -43.83
C LYS C 753 9.69 -28.39 -43.80
N ASP C 754 10.65 -27.47 -43.74
CA ASP C 754 12.05 -27.85 -43.61
C ASP C 754 12.31 -28.57 -42.30
N VAL C 755 11.73 -28.06 -41.21
CA VAL C 755 11.88 -28.72 -39.91
C VAL C 755 11.24 -30.09 -39.93
N ILE C 756 10.05 -30.21 -40.54
CA ILE C 756 9.38 -31.49 -40.61
C ILE C 756 10.22 -32.49 -41.42
N ARG C 757 10.79 -32.05 -42.54
CA ARG C 757 11.61 -32.94 -43.36
C ARG C 757 12.86 -33.39 -42.62
N HIS C 758 13.53 -32.46 -41.93
CA HIS C 758 14.72 -32.83 -41.17
C HIS C 758 14.38 -33.83 -40.08
N ASN C 759 13.28 -33.62 -39.37
CA ASN C 759 12.90 -34.53 -38.30
C ASN C 759 12.49 -35.90 -38.85
N GLU C 760 11.85 -35.92 -40.02
CA GLU C 760 11.53 -37.18 -40.68
C GLU C 760 12.80 -37.95 -41.01
N ARG C 761 13.80 -37.24 -41.56
CA ARG C 761 15.06 -37.91 -41.90
C ARG C 761 15.74 -38.48 -40.66
N GLN C 762 15.76 -37.72 -39.57
CA GLN C 762 16.39 -38.20 -38.35
C GLN C 762 15.65 -39.42 -37.78
N ILE C 763 14.32 -39.40 -37.82
CA ILE C 763 13.55 -40.55 -37.34
C ILE C 763 13.85 -41.78 -38.20
N MET C 764 13.93 -41.60 -39.51
CA MET C 764 14.28 -42.71 -40.39
C MET C 764 15.66 -43.28 -40.06
N LYS C 765 16.63 -42.41 -39.82
CA LYS C 765 17.97 -42.87 -39.47
C LYS C 765 17.94 -43.68 -38.18
N GLU C 766 17.21 -43.19 -37.17
CA GLU C 766 17.16 -43.89 -35.90
C GLU C 766 16.46 -45.25 -36.05
N GLU C 767 15.40 -45.32 -36.84
CA GLU C 767 14.74 -46.61 -37.06
C GLU C 767 15.67 -47.59 -37.76
N ARG C 768 16.44 -47.11 -38.74
CA ARG C 768 17.41 -47.98 -39.40
C ARG C 768 18.45 -48.50 -38.41
N MET C 769 18.96 -47.62 -37.54
CA MET C 769 19.94 -48.05 -36.55
C MET C 769 19.35 -49.09 -35.60
N VAL C 770 18.11 -48.87 -35.16
CA VAL C 770 17.47 -49.84 -34.25
C VAL C 770 17.32 -51.18 -34.93
N LYS C 771 16.91 -51.19 -36.21
CA LYS C 771 16.76 -52.45 -36.92
C LYS C 771 18.10 -53.17 -37.07
N ILE C 772 19.17 -52.42 -37.36
CA ILE C 772 20.49 -53.04 -37.46
C ILE C 772 20.91 -53.65 -36.14
N ARG C 773 20.72 -52.93 -35.04
CA ARG C 773 21.07 -53.48 -33.74
C ARG C 773 20.25 -54.73 -33.44
N GLN C 774 18.97 -54.71 -33.77
CA GLN C 774 18.11 -55.87 -33.52
C GLN C 774 18.61 -57.09 -34.29
N GLU C 775 18.91 -56.92 -35.58
CA GLU C 775 19.35 -58.07 -36.37
C GLU C 775 20.73 -58.56 -35.93
N LEU C 776 21.63 -57.64 -35.57
CA LEU C 776 22.95 -58.06 -35.11
C LEU C 776 22.87 -58.84 -33.81
N ARG C 777 22.08 -58.34 -32.85
CA ARG C 777 21.92 -59.07 -31.60
C ARG C 777 21.19 -60.39 -31.80
N TYR C 778 20.24 -60.47 -32.72
CA TYR C 778 19.58 -61.72 -33.00
C TYR C 778 20.55 -62.75 -33.58
N LEU C 779 21.45 -62.31 -34.47
CA LEU C 779 22.40 -63.25 -35.06
C LEU C 779 23.45 -63.68 -34.05
N ILE C 780 23.94 -62.74 -33.23
CA ILE C 780 24.95 -63.08 -32.22
C ILE C 780 24.35 -63.99 -31.16
N ASN C 781 23.08 -63.80 -30.83
CA ASN C 781 22.39 -64.62 -29.84
C ASN C 781 22.41 -66.10 -30.22
N CYS C 913 22.19 -34.26 -28.95
CA CYS C 913 21.66 -33.56 -27.79
C CYS C 913 21.57 -32.06 -28.04
N ALA C 914 22.49 -31.33 -27.41
CA ALA C 914 22.66 -29.88 -27.54
C ALA C 914 21.56 -29.09 -26.85
N LEU C 915 20.49 -29.76 -26.41
CA LEU C 915 19.53 -29.11 -25.52
C LEU C 915 20.12 -29.01 -24.12
N GLU C 916 20.76 -30.07 -23.67
CA GLU C 916 21.50 -30.02 -22.41
C GLU C 916 22.69 -29.09 -22.51
N ASN C 917 23.29 -28.96 -23.69
CA ASN C 917 24.37 -27.99 -23.85
C ASN C 917 23.84 -26.56 -23.79
N VAL C 918 22.67 -26.30 -24.38
CA VAL C 918 22.05 -25.00 -24.21
C VAL C 918 21.76 -24.72 -22.74
N ILE C 919 21.31 -25.71 -22.00
CA ILE C 919 21.04 -25.51 -20.57
C ILE C 919 22.30 -25.25 -19.77
N SER C 920 23.38 -26.00 -20.02
CA SER C 920 24.60 -25.86 -19.23
C SER C 920 25.35 -24.57 -19.58
N ASN C 921 25.37 -24.21 -20.86
CA ASN C 921 26.19 -23.08 -21.29
C ASN C 921 25.65 -21.77 -20.73
N THR C 922 24.34 -21.65 -20.57
CA THR C 922 23.80 -20.41 -20.03
C THR C 922 24.08 -20.27 -18.53
N ARG C 923 24.01 -21.38 -17.81
CA ARG C 923 24.43 -21.36 -16.40
C ARG C 923 25.91 -21.02 -16.28
N ALA C 924 26.71 -21.42 -17.27
CA ALA C 924 28.13 -21.04 -17.24
C ALA C 924 28.33 -19.58 -17.63
N MET C 925 27.56 -19.06 -18.58
CA MET C 925 27.81 -17.70 -19.06
C MET C 925 27.32 -16.67 -18.06
N LEU C 926 26.30 -16.99 -17.27
CA LEU C 926 25.93 -16.06 -16.20
C LEU C 926 27.05 -15.94 -15.17
N SER C 927 27.67 -17.07 -14.82
CA SER C 927 28.80 -17.07 -13.91
C SER C 927 29.97 -16.29 -14.49
N THR C 928 30.24 -16.47 -15.78
CA THR C 928 31.32 -15.73 -16.43
C THR C 928 31.05 -14.23 -16.44
N LEU C 929 29.80 -13.83 -16.69
CA LEU C 929 29.45 -12.42 -16.65
C LEU C 929 29.67 -11.84 -15.26
N LEU C 930 29.29 -12.56 -14.20
CA LEU C 930 29.66 -12.10 -12.85
C LEU C 930 31.17 -12.00 -12.69
N GLU C 931 31.90 -13.05 -13.02
CA GLU C 931 33.32 -13.11 -12.71
C GLU C 931 34.11 -11.99 -13.38
N TYR C 932 33.83 -11.72 -14.65
CA TYR C 932 34.50 -10.64 -15.38
C TYR C 932 33.48 -9.53 -15.53
N ASN C 933 33.55 -8.55 -14.62
CA ASN C 933 32.52 -7.53 -14.49
C ASN C 933 32.17 -6.94 -15.85
N ALA C 934 30.94 -7.16 -16.28
CA ALA C 934 30.46 -6.75 -17.58
C ALA C 934 29.49 -5.60 -17.43
N PHE C 935 29.58 -4.63 -18.32
CA PHE C 935 28.77 -3.43 -18.24
C PHE C 935 27.30 -3.76 -18.51
N GLY C 936 26.43 -2.80 -18.23
CA GLY C 936 25.02 -2.97 -18.52
C GLY C 936 24.73 -2.93 -20.00
N SER C 937 24.89 -1.75 -20.61
CA SER C 937 24.75 -1.63 -22.05
C SER C 937 25.57 -0.42 -22.49
N THR C 938 26.78 -0.68 -23.00
CA THR C 938 27.69 0.32 -23.55
C THR C 938 28.14 1.35 -22.52
N ASN C 939 27.73 1.22 -21.25
CA ASN C 939 28.07 2.19 -20.23
C ASN C 939 28.39 1.47 -18.93
N SER C 940 29.21 2.10 -18.11
CA SER C 940 29.58 1.56 -16.82
C SER C 940 28.59 1.93 -15.72
N SER C 941 27.69 2.87 -15.96
CA SER C 941 26.71 3.28 -14.97
C SER C 941 25.38 2.54 -15.10
N ASP C 942 25.15 1.86 -16.22
CA ASP C 942 23.89 1.17 -16.43
C ASP C 942 23.78 -0.03 -15.49
N PRO C 943 22.56 -0.40 -15.09
CA PRO C 943 22.40 -1.53 -14.18
C PRO C 943 22.80 -2.84 -14.86
N ARG C 944 23.35 -3.75 -14.05
CA ARG C 944 23.85 -5.04 -14.54
C ARG C 944 22.89 -6.11 -14.04
N TYR C 945 21.94 -6.47 -14.90
CA TYR C 945 20.82 -7.31 -14.48
C TYR C 945 21.21 -8.77 -14.29
N TYR C 946 22.29 -9.22 -14.90
CA TYR C 946 22.69 -10.63 -14.80
C TYR C 946 23.01 -11.05 -13.37
N LYS C 947 23.22 -10.11 -12.46
CA LYS C 947 23.48 -10.45 -11.07
C LYS C 947 22.22 -10.90 -10.34
N ALA C 948 21.04 -10.60 -10.87
CA ALA C 948 19.79 -10.89 -10.17
C ALA C 948 19.19 -12.24 -10.54
N ILE C 949 19.86 -13.03 -11.37
CA ILE C 949 19.27 -14.21 -11.97
C ILE C 949 19.89 -15.44 -11.32
N ASN C 950 19.09 -16.17 -10.55
CA ASN C 950 19.48 -17.47 -10.00
C ASN C 950 18.88 -18.53 -10.90
N PHE C 951 19.71 -19.08 -11.81
CA PHE C 951 19.20 -19.93 -12.87
C PHE C 951 18.48 -21.15 -12.30
N ASP C 952 19.19 -21.99 -11.54
CA ASP C 952 18.65 -23.28 -11.13
C ASP C 952 17.42 -23.12 -10.25
N GLU C 953 17.40 -22.14 -9.38
CA GLU C 953 16.33 -21.98 -8.41
C GLU C 953 15.13 -21.21 -8.96
N ASP C 954 15.34 -20.31 -9.92
CA ASP C 954 14.29 -19.41 -10.37
C ASP C 954 13.78 -19.68 -11.78
N VAL C 955 14.48 -20.48 -12.58
CA VAL C 955 14.06 -20.76 -13.95
C VAL C 955 13.85 -22.25 -14.18
N LEU C 956 14.85 -23.07 -13.84
CA LEU C 956 14.78 -24.49 -14.13
C LEU C 956 13.74 -25.18 -13.23
N ASN C 957 13.86 -25.00 -11.92
CA ASN C 957 13.00 -25.73 -11.00
C ASN C 957 11.56 -25.25 -11.07
N LEU C 958 11.35 -23.94 -11.16
CA LEU C 958 10.00 -23.40 -11.25
C LEU C 958 9.32 -23.86 -12.53
N UNK C 959 31.38 -66.49 -35.86
CA UNK C 959 30.92 -65.11 -36.03
C UNK C 959 31.41 -64.54 -37.34
N UNK C 960 30.88 -65.06 -38.45
CA UNK C 960 31.30 -64.61 -39.78
C UNK C 960 30.17 -63.85 -40.46
N UNK C 961 28.96 -64.36 -40.32
CA UNK C 961 27.78 -63.70 -40.87
C UNK C 961 27.60 -62.35 -40.21
N UNK C 962 27.87 -62.29 -38.90
CA UNK C 962 27.80 -61.03 -38.16
C UNK C 962 28.76 -60.01 -38.76
N UNK C 963 30.00 -60.42 -39.00
CA UNK C 963 31.01 -59.53 -39.55
C UNK C 963 30.63 -59.05 -40.94
N UNK C 964 30.16 -59.98 -41.78
CA UNK C 964 29.76 -59.65 -43.14
C UNK C 964 28.61 -58.63 -43.14
N UNK C 965 27.61 -58.90 -42.31
CA UNK C 965 26.44 -58.04 -42.21
C UNK C 965 26.82 -56.66 -41.68
N UNK C 966 27.71 -56.63 -40.69
CA UNK C 966 28.17 -55.36 -40.12
C UNK C 966 28.90 -54.54 -41.17
N UNK C 967 29.77 -55.20 -41.94
CA UNK C 967 30.50 -54.52 -43.00
C UNK C 967 29.54 -53.95 -44.03
N UNK C 968 28.58 -54.76 -44.47
CA UNK C 968 27.59 -54.33 -45.45
C UNK C 968 26.76 -53.16 -44.94
N UNK C 969 26.32 -53.24 -43.68
CA UNK C 969 25.48 -52.21 -43.09
C UNK C 969 26.25 -50.91 -42.87
N UNK C 970 27.53 -51.01 -42.55
CA UNK C 970 28.36 -49.82 -42.37
C UNK C 970 28.69 -49.20 -43.72
N UNK C 971 28.75 -50.02 -44.77
CA UNK C 971 28.96 -49.52 -46.12
C UNK C 971 27.69 -48.83 -46.62
N UNK C 972 26.55 -49.33 -46.15
CA UNK C 972 25.26 -48.75 -46.50
C UNK C 972 25.01 -47.45 -45.72
N UNK C 973 25.53 -47.38 -44.50
CA UNK C 973 25.34 -46.22 -43.65
C UNK C 973 26.11 -45.02 -44.17
N UNK C 974 38.81 -48.23 -40.24
CA UNK C 974 39.06 -47.80 -38.87
C UNK C 974 39.40 -49.00 -37.99
N UNK C 975 39.88 -48.71 -36.78
CA UNK C 975 40.26 -49.76 -35.84
C UNK C 975 39.04 -50.57 -35.42
N UNK C 976 38.00 -49.86 -35.00
CA UNK C 976 36.76 -50.49 -34.57
C UNK C 976 35.92 -50.93 -35.77
N UNK C 977 36.44 -50.72 -36.97
CA UNK C 977 35.75 -51.11 -38.19
C UNK C 977 36.55 -52.16 -38.95
N UNK C 978 37.57 -52.71 -38.29
CA UNK C 978 38.40 -53.75 -38.90
C UNK C 978 38.95 -54.70 -37.84
N UNK C 979 39.79 -54.17 -36.96
CA UNK C 979 40.44 -54.98 -35.94
C UNK C 979 39.56 -55.14 -34.71
N UNK C 980 38.31 -54.72 -34.83
CA UNK C 980 37.35 -54.84 -33.72
C UNK C 980 36.98 -56.30 -33.50
N UNK C 981 37.32 -57.15 -34.46
CA UNK C 981 37.00 -58.56 -34.39
C UNK C 981 37.87 -59.27 -33.35
N UNK C 982 38.73 -58.53 -32.67
CA UNK C 982 39.62 -59.08 -31.66
C UNK C 982 38.86 -59.69 -30.48
N UNK C 983 37.55 -59.44 -30.43
CA UNK C 983 36.69 -60.05 -29.42
C UNK C 983 35.73 -61.04 -30.08
N UNK C 984 35.26 -60.68 -31.27
CA UNK C 984 34.30 -61.50 -32.00
C UNK C 984 34.89 -62.85 -32.43
N UNK C 985 36.04 -62.82 -33.08
CA UNK C 985 36.70 -64.03 -33.52
C UNK C 985 37.12 -64.87 -32.33
N UNK C 986 37.48 -64.21 -31.23
CA UNK C 986 37.84 -64.88 -29.99
C UNK C 986 36.64 -65.66 -29.44
N UNK C 987 35.48 -65.01 -29.41
CA UNK C 987 34.25 -65.65 -28.96
C UNK C 987 33.87 -66.79 -29.90
N UNK C 988 34.13 -66.62 -31.19
CA UNK C 988 33.85 -67.66 -32.19
C UNK C 988 34.71 -68.89 -31.93
N UNK C 989 36.00 -68.66 -31.68
CA UNK C 989 36.93 -69.73 -31.37
C UNK C 989 36.54 -70.41 -30.05
N UNK C 990 36.06 -69.62 -29.10
CA UNK C 990 35.59 -70.16 -27.82
C UNK C 990 34.38 -71.06 -28.03
N UNK C 991 33.47 -70.64 -28.90
CA UNK C 991 32.28 -71.43 -29.22
C UNK C 991 32.70 -72.72 -29.91
N UNK C 992 33.69 -72.63 -30.78
CA UNK C 992 34.23 -73.80 -31.46
C UNK C 992 34.80 -74.78 -30.45
N UNK C 993 35.56 -74.25 -29.49
CA UNK C 993 36.16 -75.06 -28.44
C UNK C 993 35.11 -75.70 -27.55
N UNK C 994 34.00 -74.99 -27.33
CA UNK C 994 32.93 -75.49 -26.49
C UNK C 994 32.14 -76.57 -27.23
N UNK C 995 32.08 -76.45 -28.55
CA UNK C 995 31.40 -77.44 -29.37
C UNK C 995 32.27 -78.69 -29.51
N UNK C 996 33.58 -78.49 -29.44
CA UNK C 996 34.52 -79.60 -29.46
C UNK C 996 34.49 -80.37 -28.13
N UNK C 997 34.79 -79.66 -27.05
CA UNK C 997 34.78 -80.25 -25.72
C UNK C 997 33.42 -80.08 -25.05
N UNK C 998 38.29 -83.89 -34.32
CA UNK C 998 39.15 -84.37 -33.24
C UNK C 998 40.61 -84.08 -33.55
N UNK C 999 41.01 -84.33 -34.79
CA UNK C 999 42.38 -84.09 -35.22
C UNK C 999 42.46 -82.90 -36.17
N UNK C 1000 41.33 -82.57 -36.79
CA UNK C 1000 41.26 -81.44 -37.71
C UNK C 1000 40.74 -80.19 -37.00
N UNK C 1001 41.03 -80.09 -35.71
CA UNK C 1001 40.60 -78.96 -34.91
C UNK C 1001 41.75 -78.38 -34.09
N UNK C 1002 42.90 -79.03 -34.15
CA UNK C 1002 44.06 -78.62 -33.38
C UNK C 1002 44.76 -77.42 -34.03
N UNK C 1003 44.74 -77.38 -35.35
CA UNK C 1003 45.38 -76.29 -36.09
C UNK C 1003 44.40 -75.15 -36.34
N UNK C 1004 43.18 -75.30 -35.83
CA UNK C 1004 42.14 -74.29 -36.01
C UNK C 1004 42.47 -73.01 -35.25
N UNK C 1005 43.36 -73.11 -34.26
CA UNK C 1005 43.78 -71.95 -33.49
C UNK C 1005 45.04 -71.35 -34.12
N UNK C 1006 45.90 -72.20 -34.65
CA UNK C 1006 47.12 -71.76 -35.30
C UNK C 1006 46.79 -71.01 -36.60
N UNK C 1007 45.74 -71.44 -37.28
CA UNK C 1007 45.30 -70.80 -38.52
C UNK C 1007 44.78 -69.40 -38.27
N UNK C 1008 44.42 -69.12 -37.02
CA UNK C 1008 43.99 -67.78 -36.63
C UNK C 1008 45.18 -66.97 -36.14
N UNK C 1009 46.04 -67.63 -35.37
CA UNK C 1009 47.24 -67.01 -34.83
C UNK C 1009 48.18 -66.54 -35.95
N UNK C 1010 48.12 -67.23 -37.09
CA UNK C 1010 48.89 -66.83 -38.25
C UNK C 1010 48.54 -65.40 -38.67
N UNK C 1011 47.26 -65.18 -38.96
CA UNK C 1011 46.78 -63.86 -39.36
C UNK C 1011 46.96 -62.86 -38.21
N UNK C 1012 46.80 -63.35 -36.99
CA UNK C 1012 47.00 -62.52 -35.81
C UNK C 1012 48.39 -61.90 -35.82
N UNK C 1013 49.41 -62.74 -35.95
CA UNK C 1013 50.80 -62.29 -35.98
C UNK C 1013 51.10 -61.46 -37.23
N UNK C 1014 50.49 -61.85 -38.35
CA UNK C 1014 50.69 -61.14 -39.62
C UNK C 1014 50.21 -59.69 -39.51
N UNK C 1015 49.12 -59.49 -38.77
CA UNK C 1015 48.59 -58.14 -38.56
C UNK C 1015 49.29 -57.47 -37.37
N UNK C 1016 49.84 -58.27 -36.47
CA UNK C 1016 50.48 -57.76 -35.27
C UNK C 1016 51.91 -57.30 -35.53
N UNK C 1017 52.45 -57.67 -36.68
CA UNK C 1017 53.75 -57.16 -37.09
C UNK C 1017 53.69 -55.64 -37.21
N UNK C 1018 52.60 -55.15 -37.82
CA UNK C 1018 52.39 -53.72 -37.97
C UNK C 1018 51.38 -53.21 -36.95
N UNK C 1019 51.23 -48.82 -33.98
CA UNK C 1019 50.77 -49.77 -34.98
C UNK C 1019 50.70 -51.19 -34.40
N UNK C 1020 51.72 -51.54 -33.63
CA UNK C 1020 51.79 -52.87 -33.04
C UNK C 1020 51.44 -52.83 -31.55
N UNK C 1021 51.11 -51.65 -31.06
CA UNK C 1021 50.73 -51.48 -29.65
C UNK C 1021 49.43 -52.22 -29.34
N UNK C 1022 48.36 -51.81 -30.03
CA UNK C 1022 47.06 -52.44 -29.88
C UNK C 1022 47.15 -53.89 -30.30
N UNK C 1023 48.04 -54.17 -31.26
CA UNK C 1023 48.29 -55.52 -31.72
C UNK C 1023 48.76 -56.42 -30.58
N UNK C 1024 49.79 -55.98 -29.86
CA UNK C 1024 50.32 -56.74 -28.74
C UNK C 1024 49.32 -56.81 -27.59
N UNK C 1025 48.58 -55.72 -27.41
CA UNK C 1025 47.55 -55.67 -26.38
C UNK C 1025 46.50 -56.75 -26.63
N UNK C 1026 46.14 -56.94 -27.89
CA UNK C 1026 45.17 -57.96 -28.27
C UNK C 1026 45.82 -59.35 -28.22
N UNK C 1027 47.11 -59.41 -28.54
CA UNK C 1027 47.85 -60.67 -28.55
C UNK C 1027 47.94 -61.27 -27.17
N UNK C 1028 48.07 -60.42 -26.15
CA UNK C 1028 48.11 -60.88 -24.76
C UNK C 1028 46.82 -61.62 -24.41
N UNK C 1029 45.69 -60.96 -24.67
CA UNK C 1029 44.37 -61.54 -24.41
C UNK C 1029 44.14 -62.79 -25.24
N UNK C 1030 44.64 -62.78 -26.47
CA UNK C 1030 44.49 -63.92 -27.38
C UNK C 1030 45.27 -65.11 -26.85
N UNK C 1031 46.45 -64.85 -26.30
CA UNK C 1031 47.26 -65.91 -25.70
C UNK C 1031 46.56 -66.48 -24.48
N UNK C 1032 45.99 -65.59 -23.68
CA UNK C 1032 45.24 -66.00 -22.49
C UNK C 1032 44.07 -66.91 -22.90
N UNK C 1033 43.39 -66.52 -23.97
CA UNK C 1033 42.24 -67.28 -24.46
C UNK C 1033 42.67 -68.61 -25.08
N UNK C 1034 43.81 -68.63 -25.74
CA UNK C 1034 44.31 -69.85 -26.36
C UNK C 1034 44.73 -70.83 -25.27
N UNK C 1035 45.17 -70.30 -24.15
CA UNK C 1035 45.49 -71.12 -23.00
C UNK C 1035 44.21 -71.66 -22.36
N UNK C 1036 43.23 -70.78 -22.19
CA UNK C 1036 41.96 -71.13 -21.54
C UNK C 1036 41.17 -72.17 -22.33
N UNK C 1037 41.14 -72.03 -23.66
CA UNK C 1037 40.40 -72.94 -24.52
C UNK C 1037 40.96 -74.35 -24.45
N UNK C 1038 42.29 -74.44 -24.38
CA UNK C 1038 42.95 -75.73 -24.27
C UNK C 1038 42.81 -76.30 -22.87
N UNK C 1039 42.80 -75.42 -21.87
CA UNK C 1039 42.64 -75.83 -20.48
C UNK C 1039 41.23 -76.35 -20.22
N UNK C 1040 40.29 -75.89 -21.03
CA UNK C 1040 38.90 -76.32 -20.92
C UNK C 1040 38.75 -77.84 -21.07
N UNK C 1041 39.70 -78.47 -21.77
CA UNK C 1041 39.68 -79.92 -21.95
C UNK C 1041 39.76 -80.65 -20.62
N UNK C 1042 40.59 -80.16 -19.71
CA UNK C 1042 40.72 -80.74 -18.39
C UNK C 1042 39.73 -80.11 -17.41
N UNK C 1043 39.33 -78.87 -17.69
CA UNK C 1043 38.40 -78.16 -16.83
C UNK C 1043 36.98 -78.75 -16.93
N UNK C 1044 36.34 -78.53 -18.06
CA UNK C 1044 34.98 -79.02 -18.28
C UNK C 1044 34.82 -79.56 -19.70
N UNK C 1045 29.22 -67.23 -21.03
CA UNK C 1045 28.48 -66.07 -21.50
C UNK C 1045 29.44 -64.96 -21.93
N UNK C 1046 29.95 -65.07 -23.16
CA UNK C 1046 30.90 -64.10 -23.69
C UNK C 1046 30.38 -63.42 -24.95
N UNK C 1047 29.47 -64.11 -25.64
CA UNK C 1047 28.87 -63.57 -26.85
C UNK C 1047 28.10 -62.28 -26.56
N UNK C 1048 27.42 -62.27 -25.42
CA UNK C 1048 26.67 -61.10 -24.98
C UNK C 1048 27.62 -59.91 -24.79
N UNK C 1049 28.73 -60.16 -24.12
CA UNK C 1049 29.72 -59.12 -23.86
C UNK C 1049 30.33 -58.61 -25.16
N UNK C 1050 30.59 -59.52 -26.09
CA UNK C 1050 31.13 -59.15 -27.39
C UNK C 1050 30.16 -58.25 -28.15
N UNK C 1051 28.89 -58.63 -28.16
CA UNK C 1051 27.85 -57.86 -28.83
C UNK C 1051 27.69 -56.50 -28.17
N UNK C 1052 27.79 -56.46 -26.85
CA UNK C 1052 27.69 -55.21 -26.11
C UNK C 1052 28.83 -54.27 -26.49
N UNK C 1053 30.04 -54.82 -26.56
CA UNK C 1053 31.21 -54.05 -26.96
C UNK C 1053 31.05 -53.52 -28.38
N UNK C 1054 30.52 -54.36 -29.26
CA UNK C 1054 30.29 -53.97 -30.66
C UNK C 1054 29.28 -52.84 -30.74
N UNK C 1055 28.20 -52.95 -29.97
CA UNK C 1055 27.18 -51.92 -29.93
C UNK C 1055 27.76 -50.61 -29.42
N UNK C 1056 28.57 -50.69 -28.37
CA UNK C 1056 29.21 -49.52 -27.79
C UNK C 1056 30.12 -48.83 -28.81
N UNK C 1057 30.90 -49.64 -29.52
CA UNK C 1057 31.80 -49.13 -30.55
C UNK C 1057 31.03 -48.45 -31.66
N UNK C 1058 29.96 -49.10 -32.12
CA UNK C 1058 29.13 -48.54 -33.18
C UNK C 1058 28.51 -47.21 -32.75
N UNK C 1059 28.04 -47.16 -31.51
CA UNK C 1059 27.44 -45.95 -30.96
C UNK C 1059 28.47 -44.83 -30.90
N UNK C 1060 29.66 -45.14 -30.39
CA UNK C 1060 30.72 -44.15 -30.27
C UNK C 1060 31.16 -43.64 -31.63
N UNK C 1061 31.15 -44.52 -32.63
CA UNK C 1061 31.58 -44.16 -33.97
C UNK C 1061 30.56 -43.28 -34.69
N UNK C 1062 29.29 -43.70 -34.67
CA UNK C 1062 28.26 -43.02 -35.45
C UNK C 1062 27.65 -41.84 -34.68
N UNK C 1063 27.96 -41.72 -33.40
CA UNK C 1063 27.38 -40.67 -32.57
C UNK C 1063 28.21 -39.40 -32.59
N UNK C 1064 27.60 -38.31 -32.13
CA UNK C 1064 28.27 -37.02 -32.07
C UNK C 1064 28.87 -36.80 -30.68
N ARG D 91 -43.86 21.87 41.25
CA ARG D 91 -43.15 21.94 42.51
C ARG D 91 -41.64 22.09 42.30
N LYS D 92 -40.93 20.97 42.33
CA LYS D 92 -39.48 20.94 42.14
C LYS D 92 -39.22 20.52 40.69
N LYS D 93 -39.25 21.53 39.80
CA LYS D 93 -39.24 21.27 38.37
C LYS D 93 -37.97 20.55 37.94
N TYR D 94 -36.81 21.10 38.30
CA TYR D 94 -35.54 20.59 37.81
C TYR D 94 -35.14 19.27 38.45
N ILE D 95 -35.94 18.72 39.35
CA ILE D 95 -35.72 17.38 39.88
C ILE D 95 -36.76 16.40 39.35
N VAL D 96 -38.03 16.81 39.30
CA VAL D 96 -39.04 15.90 38.75
C VAL D 96 -38.84 15.69 37.26
N GLU D 97 -38.30 16.67 36.55
CA GLU D 97 -38.15 16.60 35.10
C GLU D 97 -36.80 16.03 34.66
N ASP D 98 -36.05 15.41 35.56
CA ASP D 98 -34.71 14.95 35.24
C ASP D 98 -34.79 13.64 34.46
N GLN D 99 -34.50 13.68 33.16
CA GLN D 99 -34.51 12.50 32.32
C GLN D 99 -33.16 12.23 31.66
N SER D 100 -32.10 12.83 32.18
CA SER D 100 -30.77 12.51 31.69
C SER D 100 -30.42 11.07 32.07
N PRO D 101 -29.88 10.29 31.14
CA PRO D 101 -29.66 8.87 31.42
C PRO D 101 -28.47 8.61 32.31
N TYR D 102 -28.71 8.32 33.58
CA TYR D 102 -27.65 8.05 34.54
C TYR D 102 -27.27 6.58 34.48
N SER D 103 -25.97 6.30 34.42
CA SER D 103 -25.45 4.94 34.42
C SER D 103 -24.36 4.83 35.46
N SER D 104 -23.93 3.59 35.71
CA SER D 104 -22.88 3.35 36.68
C SER D 104 -21.89 2.28 36.25
N GLU D 105 -21.99 1.76 35.02
CA GLU D 105 -21.11 0.70 34.57
C GLU D 105 -19.83 1.28 33.99
N ASN D 106 -18.75 0.51 34.12
CA ASN D 106 -17.46 0.87 33.55
C ASN D 106 -17.60 1.05 32.05
N PRO D 107 -17.52 2.27 31.53
CA PRO D 107 -17.83 2.52 30.12
C PRO D 107 -16.72 2.07 29.18
N VAL D 108 -16.83 2.46 27.91
CA VAL D 108 -15.77 2.33 26.94
C VAL D 108 -14.62 3.19 27.42
N ILE D 109 -13.44 3.05 26.81
CA ILE D 109 -12.14 3.33 27.43
C ILE D 109 -12.15 4.57 28.31
N VAL D 110 -11.52 4.46 29.47
CA VAL D 110 -11.46 5.59 30.40
C VAL D 110 -10.50 6.62 29.84
N THR D 111 -11.04 7.69 29.28
CA THR D 111 -10.25 8.78 28.74
C THR D 111 -10.21 9.99 29.67
N SER D 112 -10.70 9.84 30.90
CA SER D 112 -10.79 10.96 31.83
C SER D 112 -9.40 11.48 32.22
N SER D 113 -8.39 10.61 32.25
CA SER D 113 -7.07 10.97 32.72
C SER D 113 -6.09 11.06 31.56
N TYR D 114 -4.83 11.32 31.91
CA TYR D 114 -3.68 11.50 31.01
C TYR D 114 -3.71 12.84 30.30
N ASN D 115 -4.74 13.66 30.50
CA ASN D 115 -4.79 15.02 29.99
C ASN D 115 -3.95 15.88 30.92
N HIS D 116 -2.65 15.99 30.60
CA HIS D 116 -1.69 16.67 31.46
C HIS D 116 -1.80 18.19 31.26
N THR D 117 -2.84 18.76 31.84
CA THR D 117 -3.03 20.21 31.91
C THR D 117 -2.74 20.72 33.31
N VAL D 118 -1.79 20.10 33.99
CA VAL D 118 -1.54 20.39 35.40
C VAL D 118 -1.21 21.86 35.60
N CYS D 119 -1.81 22.45 36.61
CA CYS D 119 -1.49 23.79 37.09
C CYS D 119 -0.86 23.68 38.47
N THR D 120 -0.61 24.84 39.08
CA THR D 120 0.02 24.93 40.38
C THR D 120 -0.77 25.94 41.22
N ASN D 121 -0.62 25.88 42.54
CA ASN D 121 -1.32 26.80 43.42
C ASN D 121 -1.06 28.24 43.04
N TYR D 122 0.17 28.56 42.65
CA TYR D 122 0.54 29.93 42.31
C TYR D 122 0.77 30.15 40.83
N LEU D 123 0.79 29.08 40.03
CA LEU D 123 0.92 29.17 38.58
C LEU D 123 -0.42 28.98 37.87
N ARG D 124 -1.49 29.51 38.46
CA ARG D 124 -2.80 29.45 37.83
C ARG D 124 -2.85 30.43 36.64
N PRO D 125 -3.81 30.25 35.74
CA PRO D 125 -3.90 31.09 34.55
C PRO D 125 -4.40 32.50 34.78
N ARG D 126 -4.47 33.00 36.02
CA ARG D 126 -4.82 34.40 36.23
C ARG D 126 -3.97 35.08 37.28
N MET D 127 -2.91 34.44 37.76
CA MET D 127 -2.12 34.99 38.86
C MET D 127 -1.31 36.19 38.39
N GLN D 128 -1.13 37.14 39.30
CA GLN D 128 -0.34 38.34 39.04
C GLN D 128 0.86 38.41 39.97
N PHE D 129 1.97 38.90 39.43
CA PHE D 129 3.20 39.11 40.19
C PHE D 129 3.68 40.52 39.96
N THR D 130 4.26 41.13 41.01
CA THR D 130 4.82 42.46 40.91
C THR D 130 6.20 42.47 41.57
N GLY D 131 7.07 43.35 41.09
CA GLY D 131 8.39 43.43 41.68
C GLY D 131 9.30 44.41 40.96
N TYR D 132 10.60 44.16 41.07
CA TYR D 132 11.60 45.06 40.52
C TYR D 132 12.64 44.28 39.72
N GLN D 133 13.17 44.93 38.69
CA GLN D 133 14.32 44.46 37.95
C GLN D 133 15.46 45.44 38.17
N ILE D 134 16.62 44.94 38.59
CA ILE D 134 17.76 45.76 38.97
C ILE D 134 18.79 45.68 37.85
N SER D 135 19.02 46.80 37.17
CA SER D 135 20.06 46.90 36.15
C SER D 135 21.10 47.89 36.63
N GLY D 136 22.34 47.43 36.73
CA GLY D 136 23.39 48.26 37.31
C GLY D 136 23.07 48.59 38.75
N TYR D 137 22.69 49.84 39.00
CA TYR D 137 22.21 50.26 40.31
C TYR D 137 20.83 50.91 40.24
N LYS D 138 20.18 50.87 39.08
CA LYS D 138 18.83 51.38 38.92
C LYS D 138 17.81 50.26 39.05
N ARG D 139 16.63 50.60 39.54
CA ARG D 139 15.54 49.66 39.73
C ARG D 139 14.35 50.09 38.89
N TYR D 140 13.78 49.14 38.15
CA TYR D 140 12.57 49.36 37.40
C TYR D 140 11.46 48.48 37.94
N GLN D 141 10.23 48.97 37.87
CA GLN D 141 9.08 48.19 38.32
C GLN D 141 8.60 47.28 37.21
N VAL D 142 8.25 46.04 37.57
CA VAL D 142 7.82 45.04 36.61
C VAL D 142 6.55 44.37 37.11
N THR D 143 5.69 43.99 36.17
CA THR D 143 4.43 43.33 36.48
C THR D 143 4.21 42.19 35.49
N VAL D 144 3.80 41.02 36.00
CA VAL D 144 3.60 39.83 35.19
C VAL D 144 2.17 39.34 35.40
N ASN D 145 1.47 39.08 34.29
CA ASN D 145 0.13 38.50 34.32
C ASN D 145 0.16 37.20 33.52
N LEU D 146 -0.23 36.10 34.15
CA LEU D 146 -0.21 34.81 33.48
C LEU D 146 -1.51 34.60 32.71
N LYS D 147 -1.41 34.08 31.49
CA LYS D 147 -2.56 33.83 30.64
C LYS D 147 -2.96 32.37 30.59
N THR D 148 -2.04 31.49 30.22
CA THR D 148 -2.30 30.05 30.18
C THR D 148 -1.16 29.32 30.87
N VAL D 149 -1.46 28.15 31.42
CA VAL D 149 -0.46 27.30 32.07
C VAL D 149 -0.87 25.85 31.85
N ASP D 150 0.05 25.04 31.32
CA ASP D 150 -0.20 23.60 31.16
C ASP D 150 1.14 22.87 31.28
N LEU D 151 1.45 22.45 32.46
CA LEU D 151 2.68 21.72 32.74
C LEU D 151 2.46 20.23 32.51
N PRO D 152 3.46 19.51 32.02
CA PRO D 152 3.29 18.08 31.75
C PRO D 152 3.62 17.22 32.94
N LYS D 153 2.75 16.26 33.22
CA LYS D 153 2.92 15.36 34.35
C LYS D 153 3.69 14.10 33.99
N LYS D 154 3.95 13.87 32.71
CA LYS D 154 4.49 12.61 32.21
C LYS D 154 5.37 12.93 31.01
N ASP D 155 5.63 11.92 30.18
CA ASP D 155 6.33 12.13 28.92
C ASP D 155 5.73 13.30 28.15
N CYS D 156 6.59 14.08 27.50
CA CYS D 156 6.14 15.27 26.78
C CYS D 156 7.06 15.46 25.58
N THR D 157 6.64 14.96 24.43
CA THR D 157 7.33 15.20 23.17
C THR D 157 6.77 16.38 22.41
N SER D 158 5.68 16.99 22.89
CA SER D 158 5.10 18.14 22.25
C SER D 158 5.94 19.39 22.51
N LEU D 159 5.80 20.37 21.63
CA LEU D 159 6.51 21.64 21.73
C LEU D 159 5.55 22.79 22.02
N SER D 160 4.53 22.53 22.81
CA SER D 160 3.67 23.64 23.18
C SER D 160 4.21 24.34 24.42
N PRO D 161 4.07 25.66 24.51
CA PRO D 161 4.65 26.39 25.65
C PRO D 161 4.04 25.95 26.96
N HIS D 162 4.90 25.89 27.99
CA HIS D 162 4.44 25.50 29.32
C HIS D 162 3.76 26.65 30.05
N LEU D 163 4.20 27.89 29.81
CA LEU D 163 3.54 29.05 30.37
C LEU D 163 3.48 30.15 29.33
N SER D 164 2.62 31.13 29.58
CA SER D 164 2.45 32.25 28.68
C SER D 164 1.90 33.42 29.48
N GLY D 165 2.27 34.64 29.10
CA GLY D 165 1.80 35.77 29.86
C GLY D 165 2.22 37.09 29.28
N PHE D 166 1.88 38.16 29.99
CA PHE D 166 2.28 39.52 29.67
C PHE D 166 3.25 40.03 30.73
N LEU D 167 4.29 40.70 30.27
CA LEU D 167 5.30 41.27 31.15
C LEU D 167 5.44 42.76 30.83
N SER D 168 5.29 43.61 31.83
CA SER D 168 5.34 45.05 31.66
C SER D 168 6.47 45.62 32.50
N ILE D 169 7.32 46.44 31.86
CA ILE D 169 8.47 47.07 32.50
C ILE D 169 8.32 48.57 32.35
N ARG D 170 8.51 49.30 33.46
CA ARG D 170 8.38 50.74 33.48
C ARG D 170 9.72 51.40 33.73
N GLY D 171 9.96 52.51 33.04
CA GLY D 171 11.20 53.25 33.17
C GLY D 171 11.66 53.89 31.89
N PRO D 177 7.77 54.95 27.49
CA PRO D 177 7.87 54.75 28.93
C PRO D 177 7.61 53.30 29.35
N GLU D 178 6.34 52.92 29.47
CA GLU D 178 6.00 51.55 29.83
C GLU D 178 6.04 50.66 28.59
N ILE D 179 6.75 49.54 28.70
CA ILE D 179 6.90 48.59 27.60
C ILE D 179 6.29 47.26 28.04
N SER D 180 5.31 46.78 27.27
CA SER D 180 4.62 45.53 27.57
C SER D 180 4.89 44.54 26.45
N THR D 181 5.20 43.30 26.82
CA THR D 181 5.54 42.27 25.85
C THR D 181 4.88 40.95 26.23
N TYR D 182 4.59 40.15 25.21
CA TYR D 182 4.05 38.82 25.40
C TYR D 182 5.21 37.83 25.50
N PHE D 183 5.16 36.95 26.50
CA PHE D 183 6.25 36.01 26.72
C PHE D 183 5.70 34.60 26.86
N GLU D 184 6.54 33.63 26.53
CA GLU D 184 6.28 32.21 26.72
C GLU D 184 7.37 31.62 27.58
N ALA D 185 7.12 30.41 28.09
CA ALA D 185 8.02 29.83 29.06
C ALA D 185 8.02 28.31 28.98
N TYR D 186 9.20 27.73 29.18
CA TYR D 186 9.36 26.28 29.22
C TYR D 186 9.97 25.87 30.55
N ALA D 187 9.40 24.84 31.16
CA ALA D 187 9.84 24.36 32.47
C ALA D 187 10.86 23.25 32.32
N VAL D 188 11.74 23.12 33.31
CA VAL D 188 12.79 22.11 33.32
C VAL D 188 12.27 20.91 34.11
N ASN D 189 12.14 19.77 33.44
CA ASN D 189 11.53 18.58 34.04
C ASN D 189 12.46 17.38 34.07
N HIS D 190 13.77 17.59 33.91
CA HIS D 190 14.84 16.63 34.14
C HIS D 190 14.93 15.54 33.08
N LYS D 191 13.99 15.44 32.15
CA LYS D 191 14.10 14.53 31.03
C LYS D 191 13.60 15.22 29.78
N GLU D 192 14.44 15.23 28.74
CA GLU D 192 14.23 15.84 27.42
C GLU D 192 14.06 17.35 27.52
N LEU D 193 14.10 17.90 28.72
CA LEU D 193 14.16 19.34 28.94
C LEU D 193 15.09 19.64 30.11
N GLY D 194 16.26 19.01 30.12
CA GLY D 194 17.20 19.12 31.24
C GLY D 194 17.76 20.51 31.47
N PHE D 195 18.71 20.62 32.40
CA PHE D 195 19.27 21.92 32.76
C PHE D 195 20.10 22.50 31.63
N LEU D 196 21.15 21.80 31.23
CA LEU D 196 22.06 22.31 30.22
C LEU D 196 21.41 22.29 28.85
N SER D 197 21.58 23.38 28.11
CA SER D 197 20.89 23.60 26.85
C SER D 197 21.31 22.66 25.74
N SER D 198 22.26 21.77 25.97
CA SER D 198 22.60 20.80 24.94
C SER D 198 21.54 19.71 24.83
N SER D 199 20.97 19.31 25.96
CA SER D 199 19.99 18.22 26.01
C SER D 199 18.68 18.56 25.33
N TRP D 200 18.44 19.82 24.97
CA TRP D 200 17.20 20.19 24.32
C TRP D 200 17.18 19.70 22.88
N LYS D 201 16.04 19.86 22.22
CA LYS D 201 15.91 19.43 20.84
C LYS D 201 16.49 20.48 19.89
N ASP D 202 16.69 20.07 18.64
CA ASP D 202 17.17 20.98 17.60
C ASP D 202 15.98 21.42 16.75
N GLU D 203 15.19 22.33 17.31
CA GLU D 203 14.00 22.83 16.64
C GLU D 203 14.02 24.35 16.63
N PRO D 204 13.41 24.97 15.61
CA PRO D 204 13.34 26.44 15.59
C PRO D 204 12.60 27.04 16.77
N VAL D 205 11.67 26.30 17.38
CA VAL D 205 10.96 26.83 18.54
C VAL D 205 11.90 26.90 19.74
N LEU D 206 12.76 25.92 19.92
CA LEU D 206 13.63 25.80 21.08
C LEU D 206 15.01 26.41 20.85
N ASN D 207 15.25 27.04 19.71
CA ASN D 207 16.58 27.57 19.41
C ASN D 207 16.80 28.96 19.96
N GLU D 208 15.79 29.58 20.57
CA GLU D 208 15.96 30.89 21.19
C GLU D 208 16.28 30.80 22.67
N PHE D 209 16.09 29.64 23.29
CA PHE D 209 16.34 29.44 24.71
C PHE D 209 17.72 28.84 24.96
N LYS D 210 18.63 28.92 24.00
CA LYS D 210 19.85 28.14 24.03
C LYS D 210 21.09 29.02 24.18
N ALA D 211 22.07 28.46 24.88
CA ALA D 211 23.39 29.08 25.06
C ALA D 211 24.37 27.96 25.36
N THR D 212 25.64 28.33 25.56
CA THR D 212 26.64 27.33 25.86
C THR D 212 26.44 26.76 27.26
N ASP D 213 26.84 25.51 27.43
CA ASP D 213 26.65 24.83 28.71
C ASP D 213 27.43 25.52 29.83
N GLN D 214 28.59 26.08 29.52
CA GLN D 214 29.34 26.83 30.53
C GLN D 214 28.57 28.05 30.99
N THR D 215 27.96 28.77 30.04
CA THR D 215 27.13 29.93 30.41
C THR D 215 25.94 29.50 31.24
N ASP D 216 25.29 28.40 30.87
CA ASP D 216 24.16 27.91 31.65
C ASP D 216 24.60 27.55 33.07
N LEU D 217 25.77 26.93 33.21
CA LEU D 217 26.28 26.61 34.54
C LEU D 217 26.54 27.88 35.35
N GLU D 218 27.24 28.84 34.77
CA GLU D 218 27.59 30.05 35.52
C GLU D 218 26.38 30.93 35.79
N HIS D 219 25.25 30.68 35.10
CA HIS D 219 24.03 31.41 35.40
C HIS D 219 23.12 30.67 36.38
N TRP D 220 23.07 29.34 36.30
CA TRP D 220 22.28 28.57 37.26
C TRP D 220 22.93 28.55 38.64
N ILE D 221 24.26 28.63 38.70
CA ILE D 221 24.96 28.43 39.97
C ILE D 221 24.70 29.54 40.97
N ASN D 222 24.05 30.63 40.57
CA ASN D 222 23.76 31.73 41.49
C ASN D 222 22.48 31.53 42.27
N PHE D 223 21.80 30.38 42.11
CA PHE D 223 20.58 30.11 42.84
C PHE D 223 20.88 29.18 43.99
N PRO D 224 20.66 29.59 45.24
CA PRO D 224 20.88 28.68 46.37
C PRO D 224 20.08 27.39 46.25
N SER D 225 18.91 27.44 45.64
CA SER D 225 18.15 26.21 45.39
C SER D 225 18.91 25.28 44.46
N PHE D 226 19.48 25.83 43.38
CA PHE D 226 20.27 25.02 42.46
C PHE D 226 21.50 24.45 43.15
N ARG D 227 22.17 25.25 43.98
CA ARG D 227 23.33 24.77 44.70
C ARG D 227 22.97 23.61 45.64
N GLN D 228 21.91 23.79 46.43
CA GLN D 228 21.53 22.79 47.41
C GLN D 228 20.95 21.53 46.75
N LEU D 229 20.37 21.65 45.56
CA LEU D 229 19.81 20.47 44.89
C LEU D 229 20.87 19.47 44.52
N PHE D 230 22.13 19.88 44.40
CA PHE D 230 23.23 18.95 44.14
C PHE D 230 24.12 18.81 45.37
N ILE D 269 30.62 20.14 34.49
CA ILE D 269 29.37 20.07 33.74
C ILE D 269 29.03 18.63 33.41
N SER D 270 30.01 17.73 33.60
CA SER D 270 29.79 16.31 33.34
C SER D 270 29.20 15.58 34.54
N ARG D 271 29.05 16.23 35.68
CA ARG D 271 28.44 15.62 36.85
C ARG D 271 26.93 15.83 36.90
N ILE D 272 26.46 16.99 36.44
CA ILE D 272 25.02 17.25 36.39
C ILE D 272 24.34 16.27 35.45
N PHE D 273 24.93 16.02 34.29
CA PHE D 273 24.35 15.08 33.35
C PHE D 273 24.14 13.71 33.98
N SER D 274 25.10 13.28 34.82
CA SER D 274 24.97 11.99 35.49
C SER D 274 23.93 12.02 36.60
N GLN D 275 23.95 13.07 37.43
CA GLN D 275 23.14 13.08 38.64
C GLN D 275 21.72 13.60 38.44
N GLU D 276 21.42 14.22 37.31
CA GLU D 276 20.08 14.71 37.05
C GLU D 276 19.11 13.58 36.73
N LYS D 277 19.62 12.48 36.16
CA LYS D 277 18.76 11.35 35.82
C LYS D 277 18.12 10.72 37.04
N GLN D 278 18.70 10.90 38.23
CA GLN D 278 18.15 10.31 39.44
C GLN D 278 16.99 11.12 40.01
N PHE D 279 16.81 12.37 39.59
CA PHE D 279 15.73 13.18 40.10
C PHE D 279 14.39 12.69 39.56
N ASP D 280 13.37 12.73 40.40
CA ASP D 280 12.05 12.25 40.03
C ASP D 280 10.97 13.27 40.39
N ASN D 281 9.91 13.32 39.57
CA ASN D 281 8.70 14.07 39.87
C ASN D 281 9.02 15.54 40.17
N TYR D 282 9.48 16.23 39.12
CA TYR D 282 9.88 17.62 39.27
C TYR D 282 8.75 18.50 39.80
N LEU D 283 7.49 18.09 39.58
CA LEU D 283 6.36 18.88 40.08
C LEU D 283 6.18 18.75 41.57
N ASN D 284 6.60 17.62 42.15
CA ASN D 284 6.50 17.40 43.59
C ASN D 284 7.76 17.86 44.30
N GLU D 285 8.14 19.11 44.05
CA GLU D 285 9.35 19.68 44.62
C GLU D 285 9.10 21.15 44.91
N ARG D 286 9.89 21.71 45.83
CA ARG D 286 9.66 23.07 46.29
C ARG D 286 9.98 24.10 45.20
N PHE D 287 11.04 23.90 44.44
CA PHE D 287 11.50 24.87 43.46
C PHE D 287 11.36 24.31 42.05
N ILE D 288 10.86 25.15 41.15
CA ILE D 288 10.69 24.79 39.74
C ILE D 288 11.50 25.77 38.91
N PHE D 289 12.40 25.25 38.08
CA PHE D 289 13.25 26.07 37.23
C PHE D 289 12.71 26.10 35.81
N MET D 290 12.81 27.25 35.16
CA MET D 290 12.24 27.41 33.83
C MET D 290 12.96 28.53 33.10
N LYS D 291 12.65 28.67 31.81
CA LYS D 291 13.23 29.69 30.96
C LYS D 291 12.11 30.50 30.31
N TRP D 292 12.27 31.82 30.31
CA TRP D 292 11.27 32.76 29.82
C TRP D 292 11.81 33.49 28.59
N LYS D 293 11.01 33.55 27.52
CA LYS D 293 11.41 34.23 26.30
C LYS D 293 10.27 35.11 25.81
N GLU D 294 10.60 36.33 25.39
CA GLU D 294 9.61 37.30 24.93
C GLU D 294 9.51 37.27 23.41
N LYS D 295 8.29 37.21 22.90
CA LYS D 295 8.04 37.02 21.48
C LYS D 295 7.71 38.31 20.74
N PHE D 296 6.80 39.12 21.26
CA PHE D 296 6.42 40.36 20.59
C PHE D 296 5.78 41.30 21.62
N LEU D 297 5.25 42.42 21.13
CA LEU D 297 4.60 43.41 21.97
C LEU D 297 3.10 43.18 21.96
N VAL D 298 2.45 43.38 23.11
CA VAL D 298 1.06 42.96 23.26
C VAL D 298 0.07 43.89 22.58
N PRO D 299 0.20 45.24 22.61
CA PRO D 299 -0.77 46.05 21.85
C PRO D 299 -0.37 46.12 20.39
N ASP D 300 -1.09 45.37 19.54
CA ASP D 300 -0.84 45.35 18.11
C ASP D 300 0.60 44.94 17.79
N ALA D 301 0.90 43.68 18.11
CA ALA D 301 2.16 43.04 17.75
C ALA D 301 2.57 43.34 16.31
N SER D 311 10.42 43.26 23.08
CA SER D 311 10.70 42.00 22.41
C SER D 311 12.20 41.74 22.35
N TYR D 312 12.93 42.21 23.35
CA TYR D 312 14.38 42.10 23.35
C TYR D 312 14.81 40.64 23.33
N ASP D 313 15.87 40.37 22.57
CA ASP D 313 16.24 39.00 22.19
C ASP D 313 17.23 38.36 23.16
N GLY D 314 16.90 38.36 24.44
CA GLY D 314 17.61 37.55 25.42
C GLY D 314 16.64 36.57 26.03
N PHE D 315 16.93 36.05 27.22
CA PHE D 315 15.93 35.24 27.91
C PHE D 315 16.24 35.23 29.40
N TYR D 316 15.25 34.84 30.19
CA TYR D 316 15.35 34.83 31.64
C TYR D 316 15.52 33.40 32.14
N TYR D 317 16.51 33.20 33.00
CA TYR D 317 16.55 32.02 33.88
C TYR D 317 15.67 32.33 35.07
N ILE D 318 14.69 31.47 35.35
CA ILE D 318 13.69 31.73 36.38
C ILE D 318 13.62 30.54 37.33
N VAL D 319 13.50 30.82 38.62
CA VAL D 319 13.19 29.83 39.64
C VAL D 319 11.96 30.29 40.40
N HIS D 320 11.02 29.38 40.61
CA HIS D 320 9.75 29.66 41.27
C HIS D 320 9.66 28.80 42.52
N ASP D 321 9.34 29.44 43.65
CA ASP D 321 9.19 28.78 44.92
C ASP D 321 7.73 28.38 45.11
N GLN D 322 7.47 27.08 45.24
CA GLN D 322 6.10 26.59 45.20
C GLN D 322 5.32 26.84 46.49
N VAL D 323 5.98 27.13 47.60
CA VAL D 323 5.27 27.28 48.87
C VAL D 323 5.06 28.74 49.27
N THR D 324 5.88 29.67 48.76
CA THR D 324 5.67 31.08 48.98
C THR D 324 5.42 31.86 47.70
N GLY D 325 5.55 31.24 46.53
CA GLY D 325 5.21 31.87 45.27
C GLY D 325 6.12 33.01 44.87
N ASN D 326 7.42 32.87 45.06
CA ASN D 326 8.39 33.89 44.69
C ASN D 326 9.10 33.50 43.41
N ILE D 327 9.22 34.46 42.50
CA ILE D 327 9.91 34.29 41.23
C ILE D 327 11.23 35.04 41.30
N GLN D 328 12.32 34.38 40.94
CA GLN D 328 13.64 35.01 40.92
C GLN D 328 14.36 34.63 39.64
N GLY D 329 14.91 35.62 38.94
CA GLY D 329 15.47 35.34 37.63
C GLY D 329 16.61 36.26 37.24
N PHE D 330 17.32 35.83 36.20
CA PHE D 330 18.43 36.57 35.61
C PHE D 330 18.21 36.71 34.11
N TYR D 331 18.47 37.89 33.58
CA TYR D 331 18.39 38.13 32.15
C TYR D 331 19.72 37.78 31.49
N TYR D 332 19.64 37.23 30.28
CA TYR D 332 20.84 36.88 29.53
C TYR D 332 20.72 37.30 28.08
N HIS D 333 21.75 37.99 27.60
CA HIS D 333 21.94 38.26 26.18
C HIS D 333 23.44 38.33 25.93
N GLN D 334 23.83 38.13 24.67
CA GLN D 334 25.25 38.01 24.37
C GLN D 334 25.96 39.35 24.51
N ASP D 335 25.49 40.37 23.80
CA ASP D 335 26.08 41.71 23.88
C ASP D 335 25.32 42.58 24.88
N ALA D 336 25.20 42.07 26.09
CA ALA D 336 24.45 42.78 27.13
C ALA D 336 25.29 42.95 28.40
N GLU D 337 24.64 43.39 29.48
CA GLU D 337 25.33 43.56 30.76
C GLU D 337 25.44 42.18 31.39
N LYS D 338 25.86 42.08 32.65
CA LYS D 338 26.09 40.78 33.27
C LYS D 338 25.19 40.64 34.48
N PHE D 339 24.39 39.58 34.50
CA PHE D 339 23.63 39.14 35.67
C PHE D 339 22.71 40.24 36.19
N GLN D 340 21.74 40.60 35.34
CA GLN D 340 20.72 41.54 35.74
C GLN D 340 19.67 40.86 36.61
N GLN D 341 19.36 41.49 37.74
CA GLN D 341 18.49 40.88 38.74
C GLN D 341 17.03 40.91 38.32
N LEU D 342 16.24 40.07 38.99
CA LEU D 342 14.79 40.04 38.86
C LEU D 342 14.19 39.23 39.99
N GLU D 343 13.18 39.78 40.67
CA GLU D 343 12.53 39.06 41.76
C GLU D 343 11.13 39.62 41.97
N LEU D 344 10.16 38.71 42.13
CA LEU D 344 8.74 39.03 42.09
C LEU D 344 8.02 38.41 43.28
N VAL D 345 6.89 39.00 43.64
CA VAL D 345 6.04 38.48 44.72
C VAL D 345 4.59 38.43 44.24
N PRO D 346 3.78 37.50 44.73
CA PRO D 346 2.37 37.45 44.33
C PRO D 346 1.63 38.72 44.71
N SER D 347 0.71 39.14 43.86
CA SER D 347 -0.06 40.35 44.11
C SER D 347 -1.46 40.04 44.65
N LEU D 348 -2.17 39.11 43.99
CA LEU D 348 -3.53 38.72 44.37
C LEU D 348 -4.47 39.92 44.44
N VAL D 352 -12.06 40.20 44.23
CA VAL D 352 -11.68 39.16 43.31
C VAL D 352 -10.66 38.22 43.95
N GLU D 353 -10.14 37.29 43.15
CA GLU D 353 -9.16 36.29 43.57
C GLU D 353 -9.69 35.34 44.65
N SER D 354 -10.97 35.43 44.99
CA SER D 354 -11.61 34.48 45.89
C SER D 354 -12.64 33.60 45.19
N SER D 355 -12.87 33.82 43.90
CA SER D 355 -13.82 33.06 43.11
C SER D 355 -13.17 32.68 41.79
N ASP D 356 -13.64 31.59 41.19
CA ASP D 356 -12.97 31.00 40.05
C ASP D 356 -13.82 31.09 38.79
N CYS D 357 -13.12 31.14 37.64
CA CYS D 357 -13.72 31.10 36.32
C CYS D 357 -12.68 30.59 35.33
N SER D 358 -13.09 29.78 34.37
CA SER D 358 -12.14 29.07 33.52
C SER D 358 -12.50 29.22 32.05
N PHE D 359 -11.60 28.74 31.20
CA PHE D 359 -11.80 28.62 29.77
C PHE D 359 -11.20 27.30 29.31
N GLU D 360 -11.38 26.97 28.04
CA GLU D 360 -10.85 25.71 27.51
C GLU D 360 -10.81 25.80 25.99
N PHE D 361 -9.64 25.55 25.42
CA PHE D 361 -9.49 25.59 23.97
C PHE D 361 -10.20 24.41 23.34
N ALA D 362 -11.03 24.67 22.33
CA ALA D 362 -11.73 23.61 21.64
C ALA D 362 -10.77 22.87 20.71
N SER E 223 5.09 21.99 -54.50
CA SER E 223 4.28 22.23 -53.32
C SER E 223 3.19 21.16 -53.17
N ILE E 224 2.59 21.10 -51.99
CA ILE E 224 1.57 20.12 -51.68
C ILE E 224 0.17 20.73 -51.79
N LEU E 225 0.04 21.83 -52.54
CA LEU E 225 -1.26 22.47 -52.69
C LEU E 225 -2.26 21.54 -53.36
N GLU E 226 -1.81 20.76 -54.35
CA GLU E 226 -2.70 19.79 -54.98
C GLU E 226 -3.08 18.66 -54.05
N PHE E 227 -2.19 18.27 -53.14
CA PHE E 227 -2.54 17.30 -52.12
C PHE E 227 -3.61 17.84 -51.18
N GLN E 228 -3.41 19.06 -50.68
CA GLN E 228 -4.33 19.60 -49.67
C GLN E 228 -5.68 19.96 -50.27
N ALA E 229 -5.70 20.47 -51.50
CA ALA E 229 -6.99 20.80 -52.13
C ALA E 229 -7.81 19.55 -52.36
N ARG E 230 -7.17 18.48 -52.87
CA ARG E 230 -7.88 17.22 -53.08
C ARG E 230 -8.36 16.65 -51.75
N LEU E 231 -7.54 16.76 -50.71
CA LEU E 231 -7.93 16.25 -49.40
C LEU E 231 -9.11 17.02 -48.83
N GLN E 232 -9.13 18.34 -49.01
CA GLN E 232 -10.28 19.14 -48.57
C GLN E 232 -11.53 18.79 -49.37
N GLU E 233 -11.36 18.51 -50.67
CA GLU E 233 -12.49 18.03 -51.46
C GLU E 233 -13.01 16.71 -50.92
N TYR E 234 -12.11 15.81 -50.54
CA TYR E 234 -12.50 14.53 -49.96
C TYR E 234 -13.26 14.73 -48.65
N ILE E 235 -12.78 15.64 -47.80
CA ILE E 235 -13.48 15.92 -46.55
C ILE E 235 -14.86 16.50 -46.81
N GLU E 236 -14.96 17.42 -47.76
CA GLU E 236 -16.25 18.05 -48.02
C GLU E 236 -17.23 17.08 -48.67
N LEU E 237 -16.73 16.10 -49.42
CA LEU E 237 -17.60 15.07 -49.97
C LEU E 237 -17.91 13.98 -48.96
N LEU E 238 -17.14 13.90 -47.88
CA LEU E 238 -17.49 13.01 -46.77
C LEU E 238 -18.48 13.64 -45.80
N LYS E 239 -18.40 14.96 -45.61
CA LYS E 239 -19.31 15.63 -44.68
C LYS E 239 -20.76 15.40 -45.08
N VAL E 240 -21.06 15.52 -46.36
CA VAL E 240 -22.28 14.95 -46.92
C VAL E 240 -22.10 13.45 -46.96
N ASP E 241 -23.15 12.70 -46.60
CA ASP E 241 -22.98 11.28 -46.35
C ASP E 241 -22.70 10.47 -47.62
N ASN E 242 -22.43 11.13 -48.75
CA ASN E 242 -22.02 10.45 -49.97
C ASN E 242 -20.69 9.75 -49.72
N TYR E 243 -20.72 8.42 -49.64
CA TYR E 243 -19.54 7.67 -49.25
C TYR E 243 -18.77 7.15 -50.46
N THR E 244 -19.50 6.61 -51.45
CA THR E 244 -18.83 5.95 -52.58
C THR E 244 -18.00 6.93 -53.40
N ASP E 245 -18.50 8.16 -53.57
CA ASP E 245 -17.76 9.14 -54.36
C ASP E 245 -16.51 9.61 -53.61
N ALA E 246 -16.60 9.74 -52.28
CA ALA E 246 -15.40 10.03 -51.50
C ALA E 246 -14.40 8.88 -51.60
N ILE E 247 -14.90 7.64 -51.63
CA ILE E 247 -14.02 6.50 -51.83
C ILE E 247 -13.29 6.60 -53.16
N VAL E 248 -14.03 6.95 -54.22
CA VAL E 248 -13.44 7.09 -55.54
C VAL E 248 -12.39 8.19 -55.54
N CYS E 249 -12.71 9.32 -54.89
CA CYS E 249 -11.77 10.43 -54.82
C CYS E 249 -10.49 10.02 -54.10
N PHE E 250 -10.62 9.31 -52.98
CA PHE E 250 -9.44 8.81 -52.27
C PHE E 250 -8.61 7.93 -53.20
N GLN E 251 -9.25 6.94 -53.82
CA GLN E 251 -8.53 6.00 -54.67
C GLN E 251 -7.81 6.70 -55.81
N ARG E 252 -8.44 7.69 -56.43
CA ARG E 252 -7.85 8.33 -57.59
C ARG E 252 -6.81 9.38 -57.20
N PHE E 253 -7.23 10.41 -56.48
CA PHE E 253 -6.40 11.58 -56.25
C PHE E 253 -5.61 11.53 -54.93
N LEU E 254 -5.69 10.43 -54.19
CA LEU E 254 -4.99 10.35 -52.92
C LEU E 254 -4.01 9.20 -52.82
N LEU E 255 -4.02 8.25 -53.76
CA LEU E 255 -3.09 7.13 -53.76
C LEU E 255 -1.69 7.53 -54.25
N PRO E 256 -1.55 8.32 -55.32
CA PRO E 256 -0.18 8.67 -55.78
C PRO E 256 0.64 9.39 -54.73
N PHE E 257 0.03 9.97 -53.71
CA PHE E 257 0.74 10.66 -52.65
C PHE E 257 1.03 9.76 -51.46
N VAL E 258 0.85 8.44 -51.61
CA VAL E 258 1.10 7.53 -50.50
C VAL E 258 2.58 7.49 -50.14
N LYS E 259 3.48 7.63 -51.12
CA LYS E 259 4.90 7.68 -50.81
C LYS E 259 5.29 9.02 -50.19
N SER E 260 4.58 10.10 -50.53
CA SER E 260 4.88 11.40 -49.96
C SER E 260 4.44 11.48 -48.51
N ASN E 261 3.14 11.34 -48.25
CA ASN E 261 2.58 11.47 -46.91
C ASN E 261 1.63 10.31 -46.65
N PHE E 262 2.16 9.21 -46.13
CA PHE E 262 1.34 8.07 -45.75
C PHE E 262 0.50 8.35 -44.51
N THR E 263 1.01 9.19 -43.60
CA THR E 263 0.29 9.49 -42.38
C THR E 263 -1.03 10.21 -42.67
N ASP E 264 -1.04 11.10 -43.66
CA ASP E 264 -2.27 11.81 -43.99
C ASP E 264 -3.32 10.89 -44.59
N LEU E 265 -2.90 9.93 -45.43
CA LEU E 265 -3.83 8.93 -45.92
C LEU E 265 -4.36 8.08 -44.78
N LYS E 266 -3.49 7.70 -43.84
CA LYS E 266 -3.92 6.99 -42.65
C LYS E 266 -4.99 7.76 -41.89
N LEU E 267 -4.76 9.05 -41.67
CA LEU E 267 -5.71 9.88 -40.94
C LEU E 267 -7.02 10.02 -41.70
N ALA E 268 -6.95 10.14 -43.04
CA ALA E 268 -8.18 10.21 -43.83
C ALA E 268 -8.99 8.93 -43.71
N SER E 269 -8.32 7.78 -43.73
CA SER E 269 -9.01 6.52 -43.55
C SER E 269 -9.67 6.45 -42.17
N GLY E 270 -8.98 6.94 -41.13
CA GLY E 270 -9.59 6.97 -39.81
C GLY E 270 -10.79 7.88 -39.73
N LEU E 271 -10.72 9.04 -40.36
CA LEU E 271 -11.87 9.94 -40.43
C LEU E 271 -13.04 9.28 -41.14
N LEU E 272 -12.76 8.49 -42.17
CA LEU E 272 -13.82 7.81 -42.91
C LEU E 272 -14.69 6.95 -42.02
N ILE E 273 -14.17 6.48 -40.88
CA ILE E 273 -14.95 5.71 -39.93
C ILE E 273 -15.49 6.58 -38.80
N PHE E 274 -14.64 7.44 -38.21
CA PHE E 274 -15.09 8.17 -37.03
C PHE E 274 -15.78 9.49 -37.33
N ILE E 275 -16.12 9.77 -38.60
CA ILE E 275 -16.89 10.98 -38.89
C ILE E 275 -18.29 10.90 -38.28
N LYS E 276 -18.86 9.70 -38.20
CA LYS E 276 -20.20 9.55 -37.65
C LYS E 276 -20.25 9.87 -36.16
N TYR E 277 -19.14 9.70 -35.45
CA TYR E 277 -19.11 9.89 -34.01
C TYR E 277 -18.45 11.20 -33.57
N CYS E 278 -17.51 11.73 -34.36
CA CYS E 278 -16.86 12.98 -33.98
C CYS E 278 -17.76 14.18 -34.22
N ASN E 279 -18.62 14.11 -35.24
CA ASN E 279 -19.48 15.24 -35.57
C ASN E 279 -20.50 15.48 -34.47
N ASP E 280 -20.76 16.76 -34.19
CA ASP E 280 -21.74 17.15 -33.19
C ASP E 280 -22.84 18.00 -33.82
N MET E 303 -34.19 22.72 -19.59
CA MET E 303 -32.82 23.16 -19.47
C MET E 303 -32.55 23.63 -18.04
N LYS E 304 -33.62 24.08 -17.38
CA LYS E 304 -33.49 24.61 -16.03
C LYS E 304 -33.03 23.54 -15.04
N LYS E 305 -33.69 22.38 -15.06
CA LYS E 305 -33.40 21.33 -14.08
C LYS E 305 -31.99 20.80 -14.25
N ASP E 306 -31.59 20.53 -15.49
CA ASP E 306 -30.26 19.97 -15.73
C ASP E 306 -29.17 20.96 -15.36
N ARG E 307 -29.36 22.24 -15.69
CA ARG E 307 -28.38 23.25 -15.32
C ARG E 307 -28.27 23.40 -13.81
N ILE E 308 -29.41 23.40 -13.12
CA ILE E 308 -29.39 23.53 -11.66
C ILE E 308 -28.65 22.36 -11.04
N PHE E 309 -28.98 21.14 -11.48
CA PHE E 309 -28.30 19.96 -10.94
C PHE E 309 -26.80 20.02 -11.21
N GLN E 310 -26.42 20.32 -12.44
CA GLN E 310 -24.99 20.32 -12.78
C GLN E 310 -24.25 21.38 -11.98
N HIS E 311 -24.83 22.57 -11.83
CA HIS E 311 -24.13 23.64 -11.14
C HIS E 311 -24.01 23.38 -9.64
N PHE E 312 -25.10 22.97 -9.00
CA PHE E 312 -25.06 22.90 -7.54
C PHE E 312 -24.49 21.58 -7.04
N PHE E 313 -24.85 20.46 -7.67
CA PHE E 313 -24.50 19.16 -7.12
C PHE E 313 -23.49 18.39 -7.96
N HIS E 314 -23.15 18.85 -9.15
CA HIS E 314 -22.29 18.11 -10.07
C HIS E 314 -22.81 16.68 -10.30
N LYS E 315 -24.12 16.57 -10.50
CA LYS E 315 -24.75 15.30 -10.80
C LYS E 315 -25.63 15.45 -12.03
N SER E 316 -26.17 14.34 -12.48
CA SER E 316 -27.04 14.31 -13.65
C SER E 316 -28.27 13.46 -13.35
N LEU E 317 -29.35 13.76 -14.06
CA LEU E 317 -30.57 13.02 -13.86
C LEU E 317 -30.80 12.04 -15.01
N PRO E 318 -31.32 10.85 -14.74
CA PRO E 318 -31.55 9.89 -15.83
C PRO E 318 -32.64 10.38 -16.77
N ARG E 319 -32.51 9.97 -18.03
CA ARG E 319 -33.45 10.35 -19.07
C ARG E 319 -34.70 9.48 -19.00
N ILE E 320 -35.87 10.10 -19.16
CA ILE E 320 -37.14 9.41 -18.94
C ILE E 320 -37.48 8.61 -20.19
N THR E 321 -37.40 7.28 -20.10
CA THR E 321 -37.79 6.40 -21.20
C THR E 321 -38.65 5.24 -20.73
N SER E 322 -39.07 5.23 -19.47
CA SER E 322 -39.84 4.13 -18.91
C SER E 322 -41.32 4.32 -19.24
N LYS E 323 -41.93 3.24 -19.74
CA LYS E 323 -43.35 3.23 -20.10
C LYS E 323 -43.72 4.35 -21.06
N GLY E 342 -10.13 14.05 -24.18
CA GLY E 342 -10.41 14.35 -25.57
C GLY E 342 -9.31 13.92 -26.52
N ASP E 343 -9.26 12.63 -26.84
CA ASP E 343 -8.26 12.12 -27.76
C ASP E 343 -8.59 12.49 -29.20
N PHE E 344 -9.87 12.59 -29.54
CA PHE E 344 -10.32 12.88 -30.90
C PHE E 344 -10.06 14.35 -31.19
N GLU E 345 -8.80 14.67 -31.50
CA GLU E 345 -8.43 16.04 -31.83
C GLU E 345 -7.92 16.16 -33.26
N ARG E 346 -7.19 15.17 -33.77
CA ARG E 346 -6.78 15.22 -35.17
C ARG E 346 -7.99 15.14 -36.09
N TYR E 347 -8.97 14.29 -35.74
CA TYR E 347 -10.19 14.20 -36.52
C TYR E 347 -10.95 15.52 -36.51
N LEU E 348 -11.02 16.19 -35.36
CA LEU E 348 -11.66 17.49 -35.30
C LEU E 348 -10.90 18.54 -36.11
N ASN E 349 -9.57 18.54 -36.03
CA ASN E 349 -8.78 19.50 -36.79
C ASN E 349 -8.92 19.29 -38.29
N LEU E 350 -9.16 18.04 -38.70
CA LEU E 350 -9.48 17.79 -40.10
C LEU E 350 -10.87 18.26 -40.48
N LEU E 351 -11.66 18.76 -39.53
CA LEU E 351 -13.03 19.16 -39.77
C LEU E 351 -13.29 20.62 -39.42
N ASP E 352 -12.26 21.40 -39.10
CA ASP E 352 -12.43 22.79 -38.69
C ASP E 352 -12.18 23.74 -39.84
N ASP E 353 -12.87 24.88 -39.80
CA ASP E 353 -12.84 25.82 -40.92
C ASP E 353 -11.60 26.70 -40.92
N GLN E 354 -10.93 26.86 -39.77
CA GLN E 354 -9.66 27.56 -39.79
C GLN E 354 -8.63 26.83 -40.64
N ARG E 355 -8.76 25.50 -40.74
CA ARG E 355 -7.96 24.74 -41.69
C ARG E 355 -8.28 25.16 -43.12
N TRP E 356 -9.56 25.36 -43.43
CA TRP E 356 -9.95 25.82 -44.76
C TRP E 356 -9.42 27.21 -45.05
N SER E 357 -9.26 28.03 -44.01
CA SER E 357 -8.66 29.35 -44.18
C SER E 357 -7.15 29.26 -44.41
N VAL E 358 -6.47 28.38 -43.66
CA VAL E 358 -5.03 28.20 -43.85
C VAL E 358 -4.75 27.62 -45.24
N LEU E 359 -5.66 26.81 -45.77
CA LEU E 359 -5.52 26.34 -47.14
C LEU E 359 -5.46 27.51 -48.11
N ASN E 360 -6.36 28.49 -47.94
CA ASN E 360 -6.33 29.68 -48.77
C ASN E 360 -5.05 30.48 -48.56
N ASP E 361 -4.59 30.58 -47.31
CA ASP E 361 -3.33 31.26 -47.03
C ASP E 361 -2.21 30.64 -47.86
N LEU E 362 -2.05 29.32 -47.78
CA LEU E 362 -0.99 28.63 -48.51
C LEU E 362 -1.16 28.81 -50.01
N PHE E 363 -2.39 28.66 -50.52
CA PHE E 363 -2.63 28.77 -51.95
C PHE E 363 -2.28 30.15 -52.48
N LEU E 364 -2.67 31.20 -51.75
CA LEU E 364 -2.41 32.56 -52.23
C LEU E 364 -0.94 32.92 -52.07
N SER E 365 -0.27 32.42 -51.04
CA SER E 365 1.17 32.63 -50.94
C SER E 365 1.90 31.97 -52.12
N ASP E 366 1.51 30.75 -52.46
CA ASP E 366 2.12 30.08 -53.61
C ASP E 366 1.82 30.81 -54.91
N PHE E 367 0.59 31.28 -55.09
CA PHE E 367 0.23 32.00 -56.30
C PHE E 367 0.95 33.34 -56.41
N TYR E 368 1.14 34.04 -55.29
CA TYR E 368 1.91 35.29 -55.31
C TYR E 368 3.38 35.05 -55.58
N SER E 369 3.95 33.97 -55.05
CA SER E 369 5.35 33.65 -55.34
C SER E 369 5.54 33.14 -56.76
N MET E 370 4.50 32.57 -57.38
CA MET E 370 4.63 32.07 -58.74
C MET E 370 4.92 33.19 -59.73
N TYR E 371 4.27 34.33 -59.58
CA TYR E 371 4.49 35.47 -60.46
C TYR E 371 4.55 36.78 -59.68
N UNK E 432 -3.34 40.18 -62.44
CA UNK E 432 -2.54 39.29 -61.59
C UNK E 432 -3.22 39.11 -60.23
N UNK E 433 -3.25 40.19 -59.45
CA UNK E 433 -3.85 40.15 -58.12
C UNK E 433 -5.37 39.98 -58.20
N UNK E 434 -5.94 40.27 -59.36
CA UNK E 434 -7.38 40.15 -59.55
C UNK E 434 -7.83 38.70 -59.47
N UNK E 435 -7.13 37.82 -60.20
CA UNK E 435 -7.45 36.40 -60.20
C UNK E 435 -7.26 35.81 -58.80
N UNK E 436 -6.20 36.24 -58.13
CA UNK E 436 -5.90 35.77 -56.79
C UNK E 436 -7.00 36.19 -55.83
N UNK E 437 -7.45 37.43 -55.95
CA UNK E 437 -8.53 37.94 -55.10
C UNK E 437 -9.83 37.20 -55.37
N UNK E 438 -10.06 36.86 -56.63
CA UNK E 438 -11.26 36.10 -57.00
C UNK E 438 -11.21 34.70 -56.37
N UNK E 439 -10.04 34.06 -56.46
CA UNK E 439 -9.86 32.74 -55.86
C UNK E 439 -10.02 32.81 -54.34
N UNK E 440 -9.60 33.93 -53.75
CA UNK E 440 -9.74 34.15 -52.32
C UNK E 440 -11.21 34.30 -51.94
N UNK E 441 -11.96 35.03 -52.77
CA UNK E 441 -13.38 35.22 -52.52
C UNK E 441 -14.16 33.94 -52.79
N UNK E 442 -13.53 33.03 -53.53
CA UNK E 442 -14.11 31.72 -53.79
C UNK E 442 -13.87 30.73 -52.65
N UNK E 443 -12.65 30.75 -52.10
CA UNK E 443 -12.25 29.77 -51.08
C UNK E 443 -12.30 30.33 -49.65
N UNK E 444 -11.54 31.38 -49.39
CA UNK E 444 -11.44 31.97 -48.06
C UNK E 444 -12.77 32.51 -47.53
N UNK E 445 -13.73 32.66 -48.43
CA UNK E 445 -15.05 33.17 -48.04
C UNK E 445 -15.88 32.07 -47.40
N UNK E 446 -15.23 30.94 -47.12
CA UNK E 446 -15.90 29.77 -46.53
C UNK E 446 -17.06 29.31 -47.41
N UNK E 447 -16.98 29.62 -48.70
CA UNK E 447 -17.97 29.19 -49.67
C UNK E 447 -17.47 27.94 -50.38
N UNK E 448 -18.34 26.93 -50.47
CA UNK E 448 -17.98 25.66 -51.08
C UNK E 448 -17.59 25.82 -52.55
N UNK E 449 -16.39 26.34 -52.78
CA UNK E 449 -15.90 26.55 -54.14
C UNK E 449 -14.47 26.03 -54.27
N UNK E 450 -14.34 24.71 -54.44
CA UNK E 450 -13.04 24.10 -54.66
C UNK E 450 -12.81 23.94 -56.15
N UNK E 451 -13.83 24.26 -56.94
CA UNK E 451 -13.77 24.13 -58.38
C UNK E 451 -12.70 25.04 -58.97
N UNK E 452 -12.75 26.31 -58.59
CA UNK E 452 -11.77 27.29 -59.07
C UNK E 452 -10.37 26.90 -58.64
N UNK E 453 -10.24 26.43 -57.40
CA UNK E 453 -8.95 26.02 -56.86
C UNK E 453 -8.35 24.89 -57.68
N UNK E 454 -9.14 23.86 -57.93
CA UNK E 454 -8.70 22.70 -58.70
C UNK E 454 -8.35 23.11 -60.12
N UNK E 455 -9.17 23.97 -60.71
CA UNK E 455 -8.93 24.45 -62.07
C UNK E 455 -7.60 25.18 -62.16
N UNK E 456 -7.34 26.07 -61.20
CA UNK E 456 -6.11 26.85 -61.19
C UNK E 456 -4.89 25.97 -60.93
N UNK E 457 -5.05 24.99 -60.05
CA UNK E 457 -3.96 24.07 -59.72
C UNK E 457 -3.63 23.17 -60.91
N UNK E 458 -4.63 22.88 -61.73
CA UNK E 458 -4.41 22.10 -62.95
C UNK E 458 -3.76 22.96 -64.03
N UNK E 459 -4.27 24.17 -64.21
CA UNK E 459 -3.77 25.06 -65.26
C UNK E 459 -2.37 25.57 -64.93
N UNK E 460 -2.26 26.46 -63.94
CA UNK E 460 -0.97 26.99 -63.53
C UNK E 460 -0.25 25.98 -62.65
N UNK E 461 -0.11 24.76 -63.16
CA UNK E 461 0.40 23.64 -62.37
C UNK E 461 1.88 23.80 -62.02
N UNK E 462 2.72 23.90 -63.06
CA UNK E 462 4.17 23.88 -62.89
C UNK E 462 4.56 22.67 -62.06
N UNK E 463 4.24 21.48 -62.58
CA UNK E 463 4.44 20.24 -61.85
C UNK E 463 5.91 20.00 -61.54
N UNK E 464 6.78 20.26 -62.50
CA UNK E 464 8.21 20.05 -62.34
C UNK E 464 8.80 21.10 -61.38
N UNK E 465 8.23 22.30 -61.40
CA UNK E 465 8.74 23.39 -60.59
C UNK E 465 8.04 23.46 -59.23
N UNK E 466 7.17 22.49 -58.97
CA UNK E 466 6.45 22.43 -57.72
C UNK E 466 7.40 22.13 -56.56
N UNK E 467 7.50 20.85 -56.20
CA UNK E 467 8.37 20.39 -55.12
C UNK E 467 8.07 21.10 -53.80
N UNK E 468 -21.68 32.29 -12.90
CA UNK E 468 -23.04 32.00 -13.34
C UNK E 468 -24.02 32.95 -12.65
N UNK E 469 -24.66 33.80 -13.44
CA UNK E 469 -25.65 34.73 -12.92
C UNK E 469 -26.95 34.00 -12.58
N UNK E 470 -27.70 34.54 -11.64
CA UNK E 470 -28.94 33.90 -11.20
C UNK E 470 -30.07 34.17 -12.17
N UNK E 471 -30.13 35.37 -12.72
CA UNK E 471 -31.24 35.78 -13.58
C UNK E 471 -31.33 34.95 -14.85
N UNK E 472 -30.19 34.72 -15.49
CA UNK E 472 -30.14 33.96 -16.73
C UNK E 472 -30.63 32.54 -16.52
N UNK E 473 -30.38 32.00 -15.33
CA UNK E 473 -30.85 30.65 -15.00
C UNK E 473 -32.33 30.70 -14.61
N UNK E 474 -32.75 31.85 -14.12
CA UNK E 474 -34.15 32.05 -13.74
C UNK E 474 -35.02 32.09 -14.99
N UNK E 475 -34.46 32.60 -16.07
CA UNK E 475 -35.20 32.69 -17.33
C UNK E 475 -34.71 31.65 -18.33
N UNK E 476 -35.34 30.48 -18.33
CA UNK E 476 -34.96 29.39 -19.23
C UNK E 476 -36.08 28.35 -19.35
N UNK E 477 -35.80 27.29 -20.09
CA UNK E 477 -36.77 26.20 -20.31
C UNK E 477 -36.81 25.26 -19.11
N UNK E 478 -38.02 24.88 -18.70
CA UNK E 478 -38.21 24.05 -17.52
C UNK E 478 -37.89 22.57 -17.77
N UNK E 479 -37.34 22.27 -18.94
CA UNK E 479 -36.99 20.89 -19.29
C UNK E 479 -35.85 20.39 -18.43
#